data_2MA4
#
_entry.id   2MA4
#
_entity_poly.entity_id   1
_entity_poly.type   'polypeptide(L)'
_entity_poly.pdbx_seq_one_letter_code
;AEIMKKTDFDKVASEYTKIGTISTTGEMSPLDAREDLIKKADEKGADVVVLTSGQTENKIHGTADIYKKKLEHHHHHH
;
_entity_poly.pdbx_strand_id   A
#
# COMPACT_ATOMS: atom_id res chain seq x y z
N ALA A 1 -4.61 4.76 -5.51
CA ALA A 1 -3.88 4.14 -4.38
C ALA A 1 -2.96 5.17 -3.70
N GLU A 2 -2.82 5.10 -2.37
CA GLU A 2 -1.99 6.06 -1.57
C GLU A 2 -0.91 5.32 -0.78
N ILE A 3 0.22 5.99 -0.52
CA ILE A 3 1.33 5.43 0.26
C ILE A 3 1.16 5.76 1.75
N MET A 4 1.05 4.71 2.58
CA MET A 4 1.14 4.78 4.04
C MET A 4 2.04 3.64 4.54
N LYS A 5 2.66 3.79 5.71
CA LYS A 5 3.39 2.68 6.36
C LYS A 5 2.38 1.79 7.12
N LYS A 6 2.87 0.66 7.66
CA LYS A 6 2.04 -0.26 8.46
C LYS A 6 1.58 0.43 9.76
N THR A 7 2.48 1.26 10.34
CA THR A 7 2.21 2.01 11.58
C THR A 7 1.02 3.00 11.41
N ASP A 8 0.95 3.62 10.22
CA ASP A 8 -0.13 4.56 9.88
C ASP A 8 -1.44 3.80 9.61
N PHE A 9 -1.33 2.75 8.79
CA PHE A 9 -2.48 1.95 8.32
C PHE A 9 -3.15 1.15 9.46
N ASP A 10 -2.34 0.70 10.42
CA ASP A 10 -2.77 -0.20 11.52
C ASP A 10 -4.06 0.31 12.22
N LYS A 11 -4.11 1.63 12.43
CA LYS A 11 -5.22 2.34 13.11
C LYS A 11 -6.58 2.06 12.45
N VAL A 12 -6.57 1.87 11.11
CA VAL A 12 -7.78 1.68 10.28
C VAL A 12 -7.77 0.29 9.61
N ALA A 13 -6.95 -0.66 10.12
CA ALA A 13 -6.77 -2.00 9.51
C ALA A 13 -8.11 -2.74 9.22
N SER A 14 -9.00 -2.74 10.22
CA SER A 14 -10.30 -3.45 10.16
C SER A 14 -11.27 -2.82 9.13
N GLU A 15 -10.97 -1.60 8.66
CA GLU A 15 -11.81 -0.90 7.68
C GLU A 15 -11.43 -1.31 6.24
N TYR A 16 -10.32 -2.09 6.10
CA TYR A 16 -9.77 -2.49 4.78
C TYR A 16 -9.56 -4.03 4.71
N THR A 17 -9.21 -4.53 3.52
CA THR A 17 -9.05 -5.97 3.25
C THR A 17 -7.82 -6.22 2.33
N LYS A 18 -6.93 -7.13 2.76
CA LYS A 18 -5.67 -7.44 2.03
C LYS A 18 -5.96 -8.28 0.78
N ILE A 19 -5.75 -7.66 -0.41
CA ILE A 19 -6.04 -8.31 -1.71
C ILE A 19 -4.76 -8.90 -2.35
N GLY A 20 -3.58 -8.63 -1.75
CA GLY A 20 -2.30 -9.16 -2.25
C GLY A 20 -1.09 -8.43 -1.72
N THR A 21 0.11 -8.80 -2.22
CA THR A 21 1.36 -8.07 -1.97
C THR A 21 1.99 -7.68 -3.31
N ILE A 22 2.51 -6.44 -3.38
CA ILE A 22 3.28 -5.93 -4.51
C ILE A 22 4.75 -5.73 -4.08
N SER A 23 5.66 -5.79 -5.04
CA SER A 23 7.10 -5.61 -4.80
C SER A 23 7.73 -4.91 -6.00
N THR A 24 8.62 -3.93 -5.74
CA THR A 24 9.45 -3.31 -6.77
C THR A 24 10.53 -4.30 -7.22
N THR A 25 10.99 -4.17 -8.48
CA THR A 25 12.05 -5.02 -9.05
C THR A 25 13.34 -4.99 -8.16
N GLY A 26 13.54 -3.84 -7.49
CA GLY A 26 14.60 -3.68 -6.49
C GLY A 26 14.49 -2.33 -5.79
N GLU A 27 15.45 -2.05 -4.88
CA GLU A 27 15.55 -0.74 -4.21
C GLU A 27 16.09 0.32 -5.21
N MET A 28 15.16 0.87 -6.02
CA MET A 28 15.49 1.82 -7.08
C MET A 28 15.83 3.19 -6.48
N SER A 29 14.79 4.02 -6.23
CA SER A 29 14.91 5.28 -5.46
C SER A 29 13.75 5.34 -4.43
N PRO A 30 13.83 6.14 -3.31
CA PRO A 30 12.82 6.11 -2.21
C PRO A 30 11.40 6.55 -2.67
N LEU A 31 11.31 7.73 -3.28
CA LEU A 31 10.04 8.29 -3.77
C LEU A 31 9.59 7.54 -5.04
N ASP A 32 10.55 7.15 -5.89
CA ASP A 32 10.29 6.39 -7.14
C ASP A 32 9.70 5.00 -6.84
N ALA A 33 10.17 4.37 -5.75
CA ALA A 33 9.67 3.06 -5.29
C ALA A 33 8.18 3.18 -4.91
N ARG A 34 7.86 4.29 -4.21
CA ARG A 34 6.47 4.63 -3.85
C ARG A 34 5.58 4.68 -5.10
N GLU A 35 6.02 5.46 -6.12
CA GLU A 35 5.24 5.73 -7.35
C GLU A 35 5.00 4.44 -8.14
N ASP A 36 6.03 3.59 -8.19
CA ASP A 36 6.00 2.30 -8.88
C ASP A 36 5.04 1.32 -8.18
N LEU A 37 5.03 1.38 -6.84
CA LEU A 37 4.10 0.59 -6.01
C LEU A 37 2.65 1.14 -6.10
N ILE A 38 2.49 2.46 -6.27
CA ILE A 38 1.15 3.06 -6.53
C ILE A 38 0.63 2.60 -7.89
N LYS A 39 1.56 2.52 -8.88
CA LYS A 39 1.25 1.98 -10.22
C LYS A 39 0.66 0.58 -10.12
N LYS A 40 1.41 -0.34 -9.46
CA LYS A 40 0.98 -1.74 -9.29
C LYS A 40 -0.36 -1.83 -8.56
N ALA A 41 -0.42 -1.20 -7.38
CA ALA A 41 -1.58 -1.26 -6.48
C ALA A 41 -2.85 -0.78 -7.16
N ASP A 42 -2.78 0.43 -7.75
CA ASP A 42 -3.93 1.09 -8.39
C ASP A 42 -4.37 0.29 -9.63
N GLU A 43 -3.38 -0.29 -10.35
CA GLU A 43 -3.62 -1.21 -11.48
C GLU A 43 -4.41 -2.48 -11.01
N LYS A 44 -4.10 -2.97 -9.78
CA LYS A 44 -4.87 -4.08 -9.15
C LYS A 44 -6.18 -3.58 -8.49
N GLY A 45 -6.42 -2.24 -8.49
CA GLY A 45 -7.66 -1.66 -7.95
C GLY A 45 -7.63 -1.42 -6.44
N ALA A 46 -6.43 -1.37 -5.84
CA ALA A 46 -6.25 -1.16 -4.39
C ALA A 46 -6.47 0.30 -3.99
N ASP A 47 -7.00 0.49 -2.78
CA ASP A 47 -7.25 1.80 -2.18
C ASP A 47 -5.99 2.31 -1.46
N VAL A 48 -5.35 1.42 -0.67
CA VAL A 48 -4.16 1.77 0.14
C VAL A 48 -2.97 0.83 -0.18
N VAL A 49 -1.78 1.44 -0.28
CA VAL A 49 -0.49 0.75 -0.41
C VAL A 49 0.20 0.85 0.95
N VAL A 50 0.41 -0.29 1.61
CA VAL A 50 0.97 -0.33 2.97
C VAL A 50 2.43 -0.81 2.90
N LEU A 51 3.37 0.15 2.94
CA LEU A 51 4.82 -0.11 2.94
C LEU A 51 5.22 -0.90 4.18
N THR A 52 5.10 -2.24 4.06
CA THR A 52 5.49 -3.18 5.10
C THR A 52 6.98 -3.52 4.92
N SER A 53 7.79 -2.52 5.28
CA SER A 53 9.24 -2.46 5.05
C SER A 53 9.75 -1.10 5.53
N GLY A 54 8.91 -0.06 5.30
CA GLY A 54 9.24 1.33 5.59
C GLY A 54 9.42 2.13 4.32
N GLN A 55 10.25 3.19 4.39
CA GLN A 55 10.51 4.08 3.25
C GLN A 55 11.80 4.88 3.51
N THR A 56 12.09 5.87 2.64
CA THR A 56 13.21 6.83 2.81
C THR A 56 14.58 6.09 2.82
N GLU A 57 14.69 5.06 1.94
CA GLU A 57 15.93 4.26 1.73
C GLU A 57 16.34 3.47 2.99
N ASN A 58 15.45 3.39 4.01
CA ASN A 58 15.78 2.82 5.33
C ASN A 58 15.72 1.28 5.28
N LYS A 59 16.77 0.67 4.67
CA LYS A 59 16.93 -0.79 4.52
C LYS A 59 15.72 -1.44 3.79
N ILE A 60 15.14 -0.69 2.83
CA ILE A 60 13.96 -1.13 2.08
C ILE A 60 14.36 -1.74 0.72
N HIS A 61 13.58 -2.73 0.28
CA HIS A 61 13.60 -3.22 -1.11
C HIS A 61 12.44 -2.55 -1.84
N GLY A 62 11.26 -2.66 -1.23
CA GLY A 62 10.03 -2.08 -1.77
C GLY A 62 8.90 -3.09 -1.79
N THR A 63 8.64 -3.74 -0.64
CA THR A 63 7.52 -4.68 -0.47
C THR A 63 6.39 -3.96 0.29
N ALA A 64 5.19 -4.04 -0.26
CA ALA A 64 4.01 -3.35 0.28
C ALA A 64 2.77 -4.24 0.11
N ASP A 65 1.96 -4.36 1.17
CA ASP A 65 0.70 -5.10 1.10
C ASP A 65 -0.40 -4.16 0.62
N ILE A 66 -1.17 -4.61 -0.39
CA ILE A 66 -2.23 -3.79 -0.99
C ILE A 66 -3.59 -4.15 -0.39
N TYR A 67 -4.36 -3.10 -0.06
CA TYR A 67 -5.64 -3.21 0.64
C TYR A 67 -6.73 -2.44 -0.10
N LYS A 68 -7.95 -2.96 -0.03
CA LYS A 68 -9.16 -2.31 -0.54
C LYS A 68 -10.08 -1.94 0.60
N LYS A 69 -10.81 -0.83 0.44
CA LYS A 69 -11.71 -0.29 1.46
C LYS A 69 -13.06 -1.01 1.42
N LYS A 70 -13.67 -1.21 2.59
CA LYS A 70 -14.99 -1.84 2.70
C LYS A 70 -16.08 -0.79 2.38
N LEU A 71 -16.54 -0.78 1.11
CA LEU A 71 -17.59 0.12 0.63
C LEU A 71 -18.94 -0.25 1.28
N GLU A 72 -19.64 0.78 1.79
CA GLU A 72 -20.92 0.59 2.49
C GLU A 72 -22.10 0.78 1.52
N HIS A 73 -23.25 0.18 1.88
CA HIS A 73 -24.46 0.14 1.04
C HIS A 73 -25.73 0.12 1.92
N HIS A 74 -26.13 1.33 2.38
CA HIS A 74 -27.38 1.58 3.18
C HIS A 74 -27.29 1.10 4.64
N HIS A 75 -26.38 0.16 4.96
CA HIS A 75 -26.12 -0.29 6.33
C HIS A 75 -25.48 0.87 7.13
N HIS A 76 -26.36 1.71 7.71
CA HIS A 76 -25.94 2.95 8.37
C HIS A 76 -25.37 2.65 9.77
N HIS A 77 -25.87 1.56 10.39
CA HIS A 77 -25.57 1.16 11.77
C HIS A 77 -25.97 2.30 12.73
N HIS A 78 -27.29 2.37 12.98
CA HIS A 78 -27.93 3.44 13.79
C HIS A 78 -27.78 4.83 13.08
N ALA A 1 -4.04 4.99 -5.73
CA ALA A 1 -3.65 4.28 -4.49
C ALA A 1 -2.75 5.19 -3.65
N GLU A 2 -2.95 5.19 -2.33
CA GLU A 2 -2.19 6.04 -1.38
C GLU A 2 -1.10 5.21 -0.68
N ILE A 3 0.00 5.87 -0.30
CA ILE A 3 1.10 5.24 0.44
C ILE A 3 0.90 5.47 1.95
N MET A 4 0.69 4.37 2.70
CA MET A 4 0.57 4.40 4.17
C MET A 4 1.59 3.42 4.76
N LYS A 5 2.25 3.83 5.84
CA LYS A 5 3.13 2.95 6.63
C LYS A 5 2.26 2.03 7.50
N LYS A 6 2.82 0.86 7.87
CA LYS A 6 2.11 -0.19 8.64
C LYS A 6 1.51 0.38 9.94
N THR A 7 2.29 1.23 10.65
CA THR A 7 1.89 1.81 11.95
C THR A 7 0.67 2.76 11.80
N ASP A 8 0.69 3.62 10.76
CA ASP A 8 -0.43 4.56 10.46
C ASP A 8 -1.68 3.78 10.06
N PHE A 9 -1.44 2.78 9.21
CA PHE A 9 -2.49 1.97 8.60
C PHE A 9 -3.20 1.07 9.63
N ASP A 10 -2.43 0.52 10.57
CA ASP A 10 -2.93 -0.48 11.55
C ASP A 10 -4.13 0.08 12.34
N LYS A 11 -4.02 1.36 12.71
CA LYS A 11 -5.05 2.08 13.49
C LYS A 11 -6.42 2.11 12.76
N VAL A 12 -6.40 2.02 11.41
CA VAL A 12 -7.62 2.02 10.57
C VAL A 12 -7.72 0.75 9.71
N ALA A 13 -6.93 -0.29 10.05
CA ALA A 13 -6.85 -1.55 9.26
C ALA A 13 -8.20 -2.28 9.14
N SER A 14 -9.06 -2.08 10.16
CA SER A 14 -10.42 -2.66 10.23
C SER A 14 -11.33 -2.18 9.07
N GLU A 15 -10.93 -1.07 8.41
CA GLU A 15 -11.68 -0.46 7.32
C GLU A 15 -11.21 -0.99 5.95
N TYR A 16 -10.21 -1.90 5.94
CA TYR A 16 -9.56 -2.35 4.67
C TYR A 16 -9.42 -3.88 4.61
N THR A 17 -9.23 -4.40 3.38
CA THR A 17 -9.20 -5.84 3.08
C THR A 17 -7.97 -6.15 2.18
N LYS A 18 -7.07 -7.02 2.66
CA LYS A 18 -5.81 -7.36 1.95
C LYS A 18 -6.11 -8.22 0.72
N ILE A 19 -5.87 -7.66 -0.47
CA ILE A 19 -6.13 -8.35 -1.75
C ILE A 19 -4.84 -8.96 -2.34
N GLY A 20 -3.69 -8.69 -1.69
CA GLY A 20 -2.39 -9.19 -2.16
C GLY A 20 -1.22 -8.44 -1.55
N THR A 21 -0.03 -8.76 -2.03
CA THR A 21 1.22 -8.02 -1.70
C THR A 21 2.00 -7.77 -3.00
N ILE A 22 2.45 -6.52 -3.22
CA ILE A 22 3.30 -6.16 -4.36
C ILE A 22 4.69 -5.72 -3.86
N SER A 23 5.58 -5.48 -4.81
CA SER A 23 6.94 -5.04 -4.56
C SER A 23 7.43 -4.19 -5.73
N THR A 24 8.53 -3.48 -5.53
CA THR A 24 9.20 -2.73 -6.58
C THR A 24 10.26 -3.62 -7.24
N THR A 25 10.52 -3.38 -8.54
CA THR A 25 11.48 -4.18 -9.31
C THR A 25 12.91 -3.72 -8.98
N GLY A 26 13.44 -4.27 -7.87
CA GLY A 26 14.80 -3.96 -7.38
C GLY A 26 14.76 -2.92 -6.28
N GLU A 27 15.93 -2.60 -5.71
CA GLU A 27 16.07 -1.54 -4.68
C GLU A 27 15.87 -0.17 -5.33
N MET A 28 14.60 0.25 -5.43
CA MET A 28 14.21 1.50 -6.10
C MET A 28 14.17 2.64 -5.08
N SER A 29 14.70 3.80 -5.48
CA SER A 29 14.81 5.01 -4.65
C SER A 29 13.41 5.43 -4.10
N PRO A 30 13.33 5.98 -2.82
CA PRO A 30 12.04 6.18 -2.07
C PRO A 30 10.89 6.79 -2.92
N LEU A 31 11.24 7.77 -3.75
CA LEU A 31 10.29 8.53 -4.57
C LEU A 31 9.72 7.64 -5.69
N ASP A 32 10.64 6.96 -6.40
CA ASP A 32 10.28 6.04 -7.52
C ASP A 32 9.52 4.82 -7.01
N ALA A 33 9.95 4.34 -5.83
CA ALA A 33 9.41 3.15 -5.17
C ALA A 33 7.93 3.35 -4.82
N ARG A 34 7.64 4.50 -4.20
CA ARG A 34 6.26 4.86 -3.80
C ARG A 34 5.34 5.00 -5.02
N GLU A 35 5.82 5.71 -6.07
CA GLU A 35 5.04 5.93 -7.32
C GLU A 35 4.82 4.61 -8.09
N ASP A 36 5.81 3.71 -8.01
CA ASP A 36 5.76 2.38 -8.65
C ASP A 36 4.70 1.51 -7.96
N LEU A 37 4.72 1.54 -6.62
CA LEU A 37 3.77 0.82 -5.77
C LEU A 37 2.33 1.37 -5.95
N ILE A 38 2.19 2.70 -6.12
CA ILE A 38 0.88 3.35 -6.40
C ILE A 38 0.32 2.87 -7.74
N LYS A 39 1.16 3.01 -8.78
CA LYS A 39 0.84 2.64 -10.17
C LYS A 39 0.32 1.19 -10.26
N LYS A 40 1.13 0.27 -9.72
CA LYS A 40 0.89 -1.17 -9.81
C LYS A 40 -0.22 -1.62 -8.86
N ALA A 41 -0.40 -0.92 -7.73
CA ALA A 41 -1.55 -1.17 -6.82
C ALA A 41 -2.87 -0.81 -7.52
N ASP A 42 -2.87 0.31 -8.26
CA ASP A 42 -4.04 0.75 -9.06
C ASP A 42 -4.31 -0.24 -10.21
N GLU A 43 -3.23 -0.76 -10.81
CA GLU A 43 -3.32 -1.84 -11.83
C GLU A 43 -3.85 -3.15 -11.21
N LYS A 44 -3.58 -3.35 -9.90
CA LYS A 44 -4.15 -4.47 -9.12
C LYS A 44 -5.52 -4.09 -8.50
N GLY A 45 -5.95 -2.84 -8.72
CA GLY A 45 -7.21 -2.33 -8.18
C GLY A 45 -7.21 -2.27 -6.65
N ALA A 46 -6.26 -1.51 -6.08
CA ALA A 46 -6.09 -1.37 -4.63
C ALA A 46 -6.13 0.11 -4.21
N ASP A 47 -6.65 0.37 -3.01
CA ASP A 47 -6.83 1.73 -2.49
C ASP A 47 -5.64 2.17 -1.62
N VAL A 48 -5.09 1.24 -0.81
CA VAL A 48 -3.94 1.54 0.09
C VAL A 48 -2.76 0.57 -0.20
N VAL A 49 -1.55 1.14 -0.11
CA VAL A 49 -0.27 0.43 -0.23
C VAL A 49 0.46 0.53 1.13
N VAL A 50 0.61 -0.61 1.82
CA VAL A 50 1.05 -0.66 3.23
C VAL A 50 2.53 -1.08 3.31
N LEU A 51 3.41 -0.09 3.59
CA LEU A 51 4.87 -0.28 3.66
C LEU A 51 5.26 -1.13 4.88
N THR A 52 5.63 -2.39 4.61
CA THR A 52 6.00 -3.38 5.64
C THR A 52 7.43 -3.92 5.42
N SER A 53 8.16 -3.29 4.48
CA SER A 53 9.50 -3.74 4.05
C SER A 53 10.62 -3.19 4.97
N GLY A 54 10.26 -2.69 6.17
CA GLY A 54 11.23 -2.09 7.08
C GLY A 54 11.81 -0.80 6.50
N GLN A 55 10.90 0.14 6.20
CA GLN A 55 11.21 1.43 5.56
C GLN A 55 12.31 2.21 6.32
N THR A 56 13.25 2.75 5.53
CA THR A 56 14.43 3.48 6.01
C THR A 56 15.27 3.91 4.79
N GLU A 57 15.17 3.09 3.69
CA GLU A 57 15.85 3.30 2.39
C GLU A 57 17.38 3.23 2.49
N ASN A 58 17.87 2.78 3.65
CA ASN A 58 19.29 2.47 3.87
C ASN A 58 19.67 1.24 3.02
N LYS A 59 18.78 0.23 3.08
CA LYS A 59 18.91 -1.01 2.30
C LYS A 59 17.53 -1.74 2.32
N ILE A 60 16.72 -1.47 1.28
CA ILE A 60 15.38 -2.08 1.11
C ILE A 60 15.19 -2.48 -0.36
N HIS A 61 14.53 -3.62 -0.59
CA HIS A 61 14.06 -4.02 -1.92
C HIS A 61 12.85 -3.15 -2.30
N GLY A 62 11.99 -2.87 -1.29
CA GLY A 62 10.72 -2.17 -1.52
C GLY A 62 9.58 -3.18 -1.68
N THR A 63 8.77 -3.35 -0.64
CA THR A 63 7.66 -4.34 -0.62
C THR A 63 6.54 -3.80 0.27
N ALA A 64 5.29 -3.96 -0.19
CA ALA A 64 4.13 -3.40 0.49
C ALA A 64 2.86 -4.21 0.18
N ASP A 65 2.00 -4.38 1.19
CA ASP A 65 0.75 -5.16 1.07
C ASP A 65 -0.37 -4.25 0.58
N ILE A 66 -1.11 -4.70 -0.43
CA ILE A 66 -2.18 -3.89 -1.03
C ILE A 66 -3.56 -4.27 -0.45
N TYR A 67 -4.33 -3.23 -0.11
CA TYR A 67 -5.62 -3.33 0.56
C TYR A 67 -6.65 -2.49 -0.20
N LYS A 68 -7.93 -2.87 -0.03
CA LYS A 68 -9.08 -2.12 -0.55
C LYS A 68 -9.97 -1.66 0.60
N LYS A 69 -10.63 -0.51 0.44
CA LYS A 69 -11.51 0.01 1.50
C LYS A 69 -12.88 -0.69 1.44
N LYS A 70 -13.29 -1.24 2.60
CA LYS A 70 -14.60 -1.88 2.78
C LYS A 70 -15.72 -0.85 2.57
N LEU A 71 -16.59 -1.11 1.58
CA LEU A 71 -17.76 -0.27 1.25
C LEU A 71 -17.36 1.11 0.66
N GLU A 72 -18.36 1.93 0.28
CA GLU A 72 -18.15 3.23 -0.38
C GLU A 72 -18.46 4.41 0.56
N HIS A 73 -18.02 5.63 0.17
CA HIS A 73 -18.33 6.88 0.91
C HIS A 73 -19.78 7.32 0.65
N HIS A 74 -20.29 6.97 -0.54
CA HIS A 74 -21.64 7.35 -1.03
C HIS A 74 -22.75 6.46 -0.38
N HIS A 75 -22.38 5.68 0.68
CA HIS A 75 -23.28 4.78 1.47
C HIS A 75 -24.66 5.41 1.83
N HIS A 76 -25.57 5.40 0.85
CA HIS A 76 -26.89 6.04 0.94
C HIS A 76 -27.65 5.80 -0.37
N HIS A 77 -28.69 4.98 -0.32
CA HIS A 77 -29.61 4.75 -1.45
C HIS A 77 -30.95 5.45 -1.19
N HIS A 78 -31.34 5.51 0.11
CA HIS A 78 -32.62 6.09 0.58
C HIS A 78 -33.81 5.23 0.06
N ALA A 1 -4.64 4.22 -5.46
CA ALA A 1 -3.67 3.60 -4.55
C ALA A 1 -2.79 4.67 -3.89
N GLU A 2 -2.91 4.84 -2.56
CA GLU A 2 -2.19 5.89 -1.79
C GLU A 2 -1.19 5.26 -0.81
N ILE A 3 0.03 5.83 -0.73
CA ILE A 3 1.08 5.34 0.18
C ILE A 3 0.74 5.72 1.63
N MET A 4 0.67 4.70 2.50
CA MET A 4 0.53 4.86 3.95
C MET A 4 1.53 3.95 4.66
N LYS A 5 2.05 4.44 5.79
CA LYS A 5 2.94 3.68 6.68
C LYS A 5 2.11 2.63 7.46
N LYS A 6 2.66 1.42 7.61
CA LYS A 6 1.98 0.26 8.24
C LYS A 6 1.49 0.60 9.66
N THR A 7 2.30 1.33 10.45
CA THR A 7 1.99 1.69 11.85
C THR A 7 0.67 2.49 11.95
N ASP A 8 0.54 3.55 11.13
CA ASP A 8 -0.64 4.42 11.16
C ASP A 8 -1.83 3.74 10.44
N PHE A 9 -1.53 2.99 9.36
CA PHE A 9 -2.52 2.14 8.67
C PHE A 9 -3.18 1.10 9.62
N ASP A 10 -2.37 0.52 10.52
CA ASP A 10 -2.80 -0.61 11.40
C ASP A 10 -4.04 -0.20 12.23
N LYS A 11 -4.01 1.04 12.70
CA LYS A 11 -5.10 1.70 13.46
C LYS A 11 -6.46 1.61 12.73
N VAL A 12 -6.41 1.71 11.39
CA VAL A 12 -7.62 1.70 10.52
C VAL A 12 -7.64 0.45 9.60
N ALA A 13 -6.84 -0.59 9.94
CA ALA A 13 -6.71 -1.80 9.08
C ALA A 13 -8.06 -2.53 8.87
N SER A 14 -8.95 -2.46 9.88
CA SER A 14 -10.29 -3.08 9.84
C SER A 14 -11.20 -2.43 8.77
N GLU A 15 -10.84 -1.20 8.35
CA GLU A 15 -11.57 -0.46 7.30
C GLU A 15 -11.18 -0.97 5.90
N TYR A 16 -10.14 -1.84 5.84
CA TYR A 16 -9.55 -2.33 4.59
C TYR A 16 -9.41 -3.85 4.62
N THR A 17 -9.36 -4.47 3.41
CA THR A 17 -9.15 -5.92 3.27
C THR A 17 -7.98 -6.17 2.29
N LYS A 18 -7.05 -7.06 2.67
CA LYS A 18 -5.84 -7.33 1.90
C LYS A 18 -6.16 -8.12 0.63
N ILE A 19 -5.83 -7.55 -0.53
CA ILE A 19 -6.06 -8.21 -1.82
C ILE A 19 -4.74 -8.78 -2.39
N GLY A 20 -3.61 -8.53 -1.68
CA GLY A 20 -2.31 -9.10 -2.06
C GLY A 20 -1.14 -8.38 -1.37
N THR A 21 0.08 -8.80 -1.73
CA THR A 21 1.32 -8.07 -1.41
C THR A 21 2.10 -7.86 -2.71
N ILE A 22 2.57 -6.62 -2.95
CA ILE A 22 3.43 -6.29 -4.09
C ILE A 22 4.84 -5.90 -3.62
N SER A 23 5.74 -5.80 -4.59
CA SER A 23 7.14 -5.41 -4.41
C SER A 23 7.51 -4.39 -5.48
N THR A 24 8.53 -3.57 -5.19
CA THR A 24 9.02 -2.56 -6.10
C THR A 24 9.85 -3.21 -7.23
N THR A 25 9.67 -2.71 -8.48
CA THR A 25 10.44 -3.17 -9.64
C THR A 25 11.86 -2.59 -9.55
N GLY A 26 12.77 -3.38 -8.95
CA GLY A 26 14.15 -2.95 -8.71
C GLY A 26 14.31 -2.22 -7.38
N GLU A 27 15.56 -2.10 -6.92
CA GLU A 27 15.90 -1.38 -5.69
C GLU A 27 16.07 0.11 -6.02
N MET A 28 14.98 0.88 -5.83
CA MET A 28 14.94 2.31 -6.17
C MET A 28 14.86 3.21 -4.92
N SER A 29 15.05 4.52 -5.16
CA SER A 29 14.98 5.59 -4.15
C SER A 29 13.53 5.71 -3.57
N PRO A 30 13.32 6.30 -2.34
CA PRO A 30 12.00 6.26 -1.60
C PRO A 30 10.78 6.60 -2.48
N LEU A 31 10.80 7.79 -3.11
CA LEU A 31 9.65 8.30 -3.88
C LEU A 31 9.47 7.47 -5.17
N ASP A 32 10.60 7.11 -5.82
CA ASP A 32 10.58 6.26 -7.05
C ASP A 32 9.95 4.89 -6.79
N ALA A 33 10.26 4.35 -5.60
CA ALA A 33 9.72 3.06 -5.14
C ALA A 33 8.21 3.18 -4.93
N ARG A 34 7.79 4.30 -4.30
CA ARG A 34 6.38 4.62 -4.03
C ARG A 34 5.58 4.75 -5.32
N GLU A 35 6.16 5.41 -6.34
CA GLU A 35 5.53 5.64 -7.65
C GLU A 35 5.18 4.32 -8.33
N ASP A 36 6.14 3.39 -8.26
CA ASP A 36 6.00 2.04 -8.78
C ASP A 36 4.89 1.27 -8.03
N LEU A 37 4.94 1.37 -6.68
CA LEU A 37 3.98 0.71 -5.79
C LEU A 37 2.55 1.25 -5.99
N ILE A 38 2.40 2.58 -6.17
CA ILE A 38 1.10 3.25 -6.44
C ILE A 38 0.53 2.74 -7.77
N LYS A 39 1.36 2.81 -8.82
CA LYS A 39 1.02 2.38 -10.19
C LYS A 39 0.46 0.95 -10.22
N LYS A 40 1.28 0.02 -9.72
CA LYS A 40 0.99 -1.42 -9.80
C LYS A 40 -0.17 -1.83 -8.88
N ALA A 41 -0.21 -1.28 -7.64
CA ALA A 41 -1.31 -1.52 -6.69
C ALA A 41 -2.64 -1.02 -7.24
N ASP A 42 -2.60 0.14 -7.91
CA ASP A 42 -3.80 0.76 -8.50
C ASP A 42 -4.31 -0.11 -9.65
N GLU A 43 -3.38 -0.65 -10.46
CA GLU A 43 -3.71 -1.61 -11.53
C GLU A 43 -4.28 -2.94 -10.96
N LYS A 44 -3.91 -3.28 -9.69
CA LYS A 44 -4.55 -4.40 -8.96
C LYS A 44 -5.95 -4.01 -8.42
N GLY A 45 -6.22 -2.68 -8.35
CA GLY A 45 -7.48 -2.15 -7.84
C GLY A 45 -7.41 -1.74 -6.37
N ALA A 46 -6.20 -1.78 -5.78
CA ALA A 46 -5.97 -1.42 -4.37
C ALA A 46 -6.18 0.09 -4.12
N ASP A 47 -6.75 0.40 -2.95
CA ASP A 47 -6.98 1.78 -2.50
C ASP A 47 -5.79 2.28 -1.69
N VAL A 48 -5.21 1.40 -0.83
CA VAL A 48 -4.07 1.77 0.02
C VAL A 48 -2.89 0.81 -0.21
N VAL A 49 -1.70 1.41 -0.38
CA VAL A 49 -0.41 0.73 -0.48
C VAL A 49 0.30 0.87 0.88
N VAL A 50 0.39 -0.24 1.60
CA VAL A 50 0.86 -0.25 3.01
C VAL A 50 2.34 -0.65 3.06
N LEU A 51 3.22 0.35 3.33
CA LEU A 51 4.68 0.14 3.45
C LEU A 51 4.98 -0.79 4.64
N THR A 52 5.03 -2.11 4.36
CA THR A 52 5.37 -3.14 5.35
C THR A 52 6.90 -3.30 5.46
N SER A 53 7.61 -2.80 4.43
CA SER A 53 9.05 -2.50 4.52
C SER A 53 9.23 -1.05 5.02
N GLY A 54 10.35 -0.78 5.69
CA GLY A 54 10.66 0.57 6.18
C GLY A 54 10.92 1.57 5.05
N GLN A 55 11.42 1.04 3.91
CA GLN A 55 11.79 1.81 2.71
C GLN A 55 12.87 2.85 3.07
N THR A 56 13.77 2.43 3.99
CA THR A 56 14.83 3.29 4.58
C THR A 56 16.12 3.29 3.71
N GLU A 57 15.97 2.85 2.45
CA GLU A 57 16.99 2.93 1.36
C GLU A 57 18.10 1.87 1.49
N ASN A 58 18.19 1.19 2.65
CA ASN A 58 19.26 0.23 2.93
C ASN A 58 18.94 -1.12 2.28
N LYS A 59 19.32 -1.23 0.98
CA LYS A 59 19.15 -2.44 0.16
C LYS A 59 17.68 -2.90 0.17
N ILE A 60 16.81 -2.01 -0.33
CA ILE A 60 15.35 -2.20 -0.32
C ILE A 60 14.84 -2.64 -1.69
N HIS A 61 14.34 -3.89 -1.80
CA HIS A 61 13.59 -4.33 -3.01
C HIS A 61 12.16 -3.76 -2.99
N GLY A 62 11.80 -3.14 -1.82
CA GLY A 62 10.49 -2.51 -1.61
C GLY A 62 9.39 -3.55 -1.45
N THR A 63 8.67 -3.52 -0.32
CA THR A 63 7.55 -4.44 -0.08
C THR A 63 6.38 -3.67 0.55
N ALA A 64 5.19 -3.85 -0.01
CA ALA A 64 3.98 -3.17 0.44
C ALA A 64 2.77 -4.09 0.27
N ASP A 65 1.99 -4.24 1.34
CA ASP A 65 0.76 -5.03 1.33
C ASP A 65 -0.36 -4.13 0.82
N ILE A 66 -1.09 -4.60 -0.19
CA ILE A 66 -2.11 -3.79 -0.87
C ILE A 66 -3.51 -4.14 -0.36
N TYR A 67 -4.30 -3.10 -0.07
CA TYR A 67 -5.58 -3.20 0.62
C TYR A 67 -6.69 -2.43 -0.12
N LYS A 68 -7.92 -2.91 0.08
CA LYS A 68 -9.13 -2.45 -0.58
C LYS A 68 -10.04 -1.78 0.47
N LYS A 69 -10.55 -0.56 0.17
CA LYS A 69 -11.42 0.19 1.09
C LYS A 69 -12.84 -0.41 1.10
N LYS A 70 -13.28 -0.86 2.29
CA LYS A 70 -14.64 -1.38 2.52
C LYS A 70 -15.63 -0.19 2.54
N LEU A 71 -16.36 -0.01 1.41
CA LEU A 71 -17.34 1.08 1.22
C LEU A 71 -16.67 2.47 1.40
N GLU A 72 -16.03 2.99 0.35
CA GLU A 72 -15.37 4.32 0.36
C GLU A 72 -16.43 5.45 0.36
N HIS A 73 -17.53 5.19 -0.36
CA HIS A 73 -18.64 6.11 -0.63
C HIS A 73 -19.61 5.39 -1.58
N HIS A 74 -19.17 5.20 -2.85
CA HIS A 74 -19.89 4.47 -3.91
C HIS A 74 -19.04 4.49 -5.20
N HIS A 75 -18.25 3.43 -5.41
CA HIS A 75 -17.42 3.26 -6.62
C HIS A 75 -17.23 1.75 -6.89
N HIS A 76 -16.61 1.04 -5.93
CA HIS A 76 -16.25 -0.40 -6.06
C HIS A 76 -17.50 -1.25 -6.36
N HIS A 77 -18.43 -1.27 -5.39
CA HIS A 77 -19.70 -1.96 -5.52
C HIS A 77 -20.64 -1.12 -6.41
N HIS A 78 -20.67 -1.48 -7.70
CA HIS A 78 -21.57 -0.89 -8.70
C HIS A 78 -21.85 -1.96 -9.77
N ALA A 1 -4.67 4.63 -5.50
CA ALA A 1 -3.70 3.92 -4.65
C ALA A 1 -3.04 4.93 -3.68
N GLU A 2 -3.50 4.91 -2.42
CA GLU A 2 -3.04 5.83 -1.36
C GLU A 2 -1.84 5.22 -0.62
N ILE A 3 -0.69 5.92 -0.64
CA ILE A 3 0.50 5.49 0.09
C ILE A 3 0.29 5.70 1.60
N MET A 4 0.22 4.58 2.34
CA MET A 4 0.15 4.58 3.81
C MET A 4 1.20 3.57 4.31
N LYS A 5 2.10 4.03 5.19
CA LYS A 5 3.06 3.13 5.86
C LYS A 5 2.33 2.24 6.87
N LYS A 6 2.96 1.12 7.25
CA LYS A 6 2.35 0.09 8.13
C LYS A 6 1.91 0.70 9.47
N THR A 7 2.78 1.57 10.02
CA THR A 7 2.53 2.31 11.28
C THR A 7 1.22 3.13 11.22
N ASP A 8 1.04 3.85 10.08
CA ASP A 8 -0.14 4.68 9.81
C ASP A 8 -1.36 3.81 9.51
N PHE A 9 -1.11 2.67 8.87
CA PHE A 9 -2.15 1.76 8.41
C PHE A 9 -2.90 1.13 9.60
N ASP A 10 -2.13 0.72 10.64
CA ASP A 10 -2.67 0.03 11.84
C ASP A 10 -3.90 0.76 12.42
N LYS A 11 -3.82 2.10 12.44
CA LYS A 11 -4.86 3.00 13.00
C LYS A 11 -6.27 2.69 12.42
N VAL A 12 -6.29 2.33 11.12
CA VAL A 12 -7.53 2.04 10.36
C VAL A 12 -7.43 0.67 9.66
N ALA A 13 -6.56 -0.22 10.19
CA ALA A 13 -6.25 -1.53 9.56
C ALA A 13 -7.51 -2.39 9.32
N SER A 14 -8.37 -2.42 10.35
CA SER A 14 -9.64 -3.19 10.34
C SER A 14 -10.61 -2.72 9.22
N GLU A 15 -10.40 -1.48 8.72
CA GLU A 15 -11.26 -0.88 7.68
C GLU A 15 -10.77 -1.21 6.25
N TYR A 16 -9.68 -2.00 6.12
CA TYR A 16 -9.14 -2.40 4.80
C TYR A 16 -8.86 -3.92 4.76
N THR A 17 -9.08 -4.54 3.58
CA THR A 17 -8.98 -6.00 3.39
C THR A 17 -7.81 -6.36 2.44
N LYS A 18 -6.97 -7.32 2.89
CA LYS A 18 -5.72 -7.71 2.20
C LYS A 18 -6.06 -8.54 0.96
N ILE A 19 -5.83 -7.98 -0.24
CA ILE A 19 -6.14 -8.70 -1.49
C ILE A 19 -4.89 -9.31 -2.13
N GLY A 20 -3.72 -8.94 -1.60
CA GLY A 20 -2.44 -9.44 -2.09
C GLY A 20 -1.27 -8.61 -1.59
N THR A 21 -0.08 -8.94 -2.09
CA THR A 21 1.15 -8.19 -1.78
C THR A 21 1.96 -8.00 -3.07
N ILE A 22 2.43 -6.76 -3.29
CA ILE A 22 3.34 -6.40 -4.39
C ILE A 22 4.71 -6.04 -3.81
N SER A 23 5.69 -5.87 -4.70
CA SER A 23 7.06 -5.48 -4.33
C SER A 23 7.56 -4.42 -5.32
N THR A 24 8.72 -3.83 -5.02
CA THR A 24 9.32 -2.80 -5.87
C THR A 24 10.11 -3.44 -7.02
N THR A 25 10.24 -2.70 -8.14
CA THR A 25 11.01 -3.16 -9.32
C THR A 25 12.56 -3.08 -9.10
N GLY A 26 12.97 -2.70 -7.87
CA GLY A 26 14.38 -2.72 -7.49
C GLY A 26 14.62 -2.07 -6.14
N GLU A 27 15.91 -1.96 -5.75
CA GLU A 27 16.33 -1.23 -4.56
C GLU A 27 16.36 0.27 -4.89
N MET A 28 15.16 0.86 -4.94
CA MET A 28 14.93 2.23 -5.44
C MET A 28 14.60 3.17 -4.27
N SER A 29 14.93 4.46 -4.46
CA SER A 29 14.71 5.53 -3.44
C SER A 29 13.23 5.57 -3.01
N PRO A 30 12.91 5.86 -1.70
CA PRO A 30 11.55 5.69 -1.12
C PRO A 30 10.41 6.26 -2.00
N LEU A 31 10.58 7.51 -2.47
CA LEU A 31 9.59 8.20 -3.32
C LEU A 31 9.42 7.48 -4.68
N ASP A 32 10.55 7.15 -5.33
CA ASP A 32 10.55 6.43 -6.64
C ASP A 32 9.86 5.05 -6.49
N ALA A 33 10.08 4.42 -5.33
CA ALA A 33 9.50 3.13 -4.96
C ALA A 33 7.98 3.28 -4.71
N ARG A 34 7.59 4.41 -4.07
CA ARG A 34 6.17 4.72 -3.79
C ARG A 34 5.38 4.83 -5.10
N GLU A 35 5.93 5.58 -6.08
CA GLU A 35 5.30 5.79 -7.42
C GLU A 35 5.10 4.45 -8.16
N ASP A 36 6.10 3.58 -8.01
CA ASP A 36 6.10 2.21 -8.57
C ASP A 36 4.95 1.38 -7.98
N LEU A 37 4.86 1.43 -6.64
CA LEU A 37 3.84 0.71 -5.85
C LEU A 37 2.43 1.31 -6.06
N ILE A 38 2.36 2.64 -6.37
CA ILE A 38 1.08 3.31 -6.73
C ILE A 38 0.60 2.77 -8.07
N LYS A 39 1.50 2.73 -9.06
CA LYS A 39 1.20 2.26 -10.43
C LYS A 39 0.66 0.81 -10.40
N LYS A 40 1.39 -0.07 -9.68
CA LYS A 40 1.01 -1.50 -9.54
C LYS A 40 -0.33 -1.67 -8.81
N ALA A 41 -0.46 -1.04 -7.62
CA ALA A 41 -1.67 -1.15 -6.79
C ALA A 41 -2.91 -0.55 -7.48
N ASP A 42 -2.71 0.56 -8.20
CA ASP A 42 -3.80 1.26 -8.92
C ASP A 42 -4.28 0.41 -10.11
N GLU A 43 -3.32 -0.23 -10.80
CA GLU A 43 -3.61 -1.19 -11.88
C GLU A 43 -4.47 -2.35 -11.32
N LYS A 44 -4.11 -2.82 -10.11
CA LYS A 44 -4.87 -3.90 -9.41
C LYS A 44 -6.14 -3.33 -8.71
N GLY A 45 -6.34 -1.99 -8.77
CA GLY A 45 -7.53 -1.33 -8.22
C GLY A 45 -7.53 -1.17 -6.69
N ALA A 46 -6.42 -1.51 -6.04
CA ALA A 46 -6.28 -1.43 -4.57
C ALA A 46 -6.37 0.03 -4.06
N ASP A 47 -7.11 0.22 -2.97
CA ASP A 47 -7.34 1.55 -2.36
C ASP A 47 -6.10 2.02 -1.59
N VAL A 48 -5.47 1.10 -0.82
CA VAL A 48 -4.32 1.44 0.05
C VAL A 48 -3.09 0.55 -0.25
N VAL A 49 -1.93 1.22 -0.31
CA VAL A 49 -0.61 0.61 -0.50
C VAL A 49 0.14 0.68 0.85
N VAL A 50 0.30 -0.47 1.51
CA VAL A 50 0.84 -0.55 2.87
C VAL A 50 2.36 -0.78 2.83
N LEU A 51 3.13 0.31 3.08
CA LEU A 51 4.61 0.26 3.07
C LEU A 51 5.12 -0.49 4.32
N THR A 52 5.35 -1.79 4.13
CA THR A 52 6.04 -2.63 5.12
C THR A 52 7.57 -2.63 4.85
N SER A 53 7.94 -2.21 3.63
CA SER A 53 9.32 -2.05 3.19
C SER A 53 9.38 -0.94 2.10
N GLY A 54 10.59 -0.57 1.67
CA GLY A 54 10.79 0.52 0.70
C GLY A 54 11.09 1.85 1.40
N GLN A 55 10.38 2.07 2.52
CA GLN A 55 10.44 3.31 3.33
C GLN A 55 11.84 3.56 3.95
N THR A 56 12.54 2.46 4.30
CA THR A 56 13.82 2.53 5.04
C THR A 56 14.99 3.05 4.16
N GLU A 57 14.81 2.95 2.82
CA GLU A 57 15.78 3.38 1.78
C GLU A 57 17.02 2.46 1.75
N ASN A 58 17.85 2.52 2.80
CA ASN A 58 19.12 1.78 2.93
C ASN A 58 18.97 0.28 2.59
N LYS A 59 19.31 -0.05 1.32
CA LYS A 59 19.39 -1.44 0.81
C LYS A 59 18.06 -2.19 0.93
N ILE A 60 16.94 -1.47 0.72
CA ILE A 60 15.60 -2.07 0.78
C ILE A 60 15.36 -2.97 -0.43
N HIS A 61 14.85 -4.19 -0.18
CA HIS A 61 14.34 -5.04 -1.27
C HIS A 61 13.02 -4.42 -1.79
N GLY A 62 12.25 -3.80 -0.86
CA GLY A 62 11.03 -3.07 -1.20
C GLY A 62 9.81 -3.98 -1.30
N THR A 63 8.79 -3.72 -0.47
CA THR A 63 7.54 -4.51 -0.39
C THR A 63 6.40 -3.62 0.09
N ALA A 64 5.20 -3.82 -0.48
CA ALA A 64 3.97 -3.14 -0.05
C ALA A 64 2.76 -4.06 -0.23
N ASP A 65 1.92 -4.16 0.79
CA ASP A 65 0.73 -5.03 0.78
C ASP A 65 -0.47 -4.23 0.27
N ILE A 66 -1.19 -4.77 -0.72
CA ILE A 66 -2.29 -4.04 -1.37
C ILE A 66 -3.65 -4.41 -0.73
N TYR A 67 -4.45 -3.36 -0.43
CA TYR A 67 -5.69 -3.45 0.35
C TYR A 67 -6.84 -2.70 -0.35
N LYS A 68 -8.07 -3.17 -0.09
CA LYS A 68 -9.33 -2.55 -0.59
C LYS A 68 -10.10 -1.96 0.59
N LYS A 69 -10.81 -0.85 0.35
CA LYS A 69 -11.59 -0.15 1.38
C LYS A 69 -12.90 -0.91 1.67
N LYS A 70 -13.06 -1.36 2.93
CA LYS A 70 -14.22 -2.14 3.38
C LYS A 70 -15.44 -1.24 3.64
N LEU A 71 -16.41 -1.32 2.72
CA LEU A 71 -17.77 -0.80 2.94
C LEU A 71 -18.53 -1.83 3.78
N GLU A 72 -19.28 -1.39 4.80
CA GLU A 72 -19.95 -2.29 5.77
C GLU A 72 -21.01 -3.20 5.10
N HIS A 73 -21.02 -4.49 5.50
CA HIS A 73 -22.00 -5.50 5.03
C HIS A 73 -22.85 -6.03 6.21
N HIS A 74 -22.48 -5.61 7.44
CA HIS A 74 -23.21 -5.93 8.68
C HIS A 74 -24.31 -4.87 8.89
N HIS A 75 -25.04 -4.57 7.79
CA HIS A 75 -25.92 -3.39 7.66
C HIS A 75 -27.19 -3.52 8.52
N HIS A 76 -26.99 -3.26 9.82
CA HIS A 76 -27.99 -3.40 10.90
C HIS A 76 -27.42 -2.72 12.17
N HIS A 77 -26.06 -2.76 12.29
CA HIS A 77 -25.27 -1.97 13.26
C HIS A 77 -25.52 -2.41 14.74
N HIS A 78 -25.92 -3.67 14.93
CA HIS A 78 -26.04 -4.28 16.28
C HIS A 78 -24.80 -5.16 16.56
N ALA A 1 -3.96 5.27 -6.11
CA ALA A 1 -3.74 4.58 -4.81
C ALA A 1 -2.74 5.39 -3.96
N GLU A 2 -3.03 5.59 -2.66
CA GLU A 2 -2.15 6.41 -1.78
C GLU A 2 -1.23 5.54 -0.93
N ILE A 3 -0.03 6.06 -0.62
CA ILE A 3 0.95 5.39 0.25
C ILE A 3 0.65 5.70 1.72
N MET A 4 0.63 4.64 2.54
CA MET A 4 0.56 4.73 4.01
C MET A 4 1.67 3.88 4.62
N LYS A 5 1.89 4.04 5.93
CA LYS A 5 2.86 3.22 6.69
C LYS A 5 2.13 2.24 7.60
N LYS A 6 2.86 1.24 8.13
CA LYS A 6 2.28 0.10 8.87
C LYS A 6 1.46 0.57 10.08
N THR A 7 2.08 1.37 10.95
CA THR A 7 1.49 1.84 12.21
C THR A 7 0.28 2.77 11.95
N ASP A 8 0.44 3.65 10.93
CA ASP A 8 -0.58 4.61 10.49
C ASP A 8 -1.85 3.87 10.04
N PHE A 9 -1.63 2.82 9.25
CA PHE A 9 -2.70 1.99 8.69
C PHE A 9 -3.33 1.07 9.74
N ASP A 10 -2.49 0.52 10.63
CA ASP A 10 -2.87 -0.59 11.54
C ASP A 10 -4.10 -0.23 12.41
N LYS A 11 -4.13 1.03 12.87
CA LYS A 11 -5.21 1.56 13.74
C LYS A 11 -6.59 1.50 13.04
N VAL A 12 -6.60 1.54 11.69
CA VAL A 12 -7.82 1.50 10.86
C VAL A 12 -7.82 0.25 9.95
N ALA A 13 -7.00 -0.77 10.27
CA ALA A 13 -6.87 -2.00 9.45
C ALA A 13 -8.22 -2.72 9.27
N SER A 14 -9.08 -2.61 10.30
CA SER A 14 -10.43 -3.21 10.34
C SER A 14 -11.32 -2.72 9.18
N GLU A 15 -11.07 -1.49 8.71
CA GLU A 15 -11.88 -0.85 7.66
C GLU A 15 -11.51 -1.41 6.27
N TYR A 16 -10.38 -2.14 6.18
CA TYR A 16 -9.79 -2.59 4.91
C TYR A 16 -9.59 -4.12 4.88
N THR A 17 -9.41 -4.65 3.67
CA THR A 17 -9.14 -6.07 3.41
C THR A 17 -7.87 -6.17 2.56
N LYS A 18 -6.95 -7.07 2.93
CA LYS A 18 -5.69 -7.26 2.21
C LYS A 18 -5.90 -8.12 0.97
N ILE A 19 -5.59 -7.55 -0.20
CA ILE A 19 -5.77 -8.25 -1.49
C ILE A 19 -4.44 -8.87 -1.97
N GLY A 20 -3.33 -8.49 -1.30
CA GLY A 20 -2.01 -9.08 -1.57
C GLY A 20 -0.86 -8.25 -1.03
N THR A 21 0.38 -8.68 -1.34
CA THR A 21 1.60 -7.89 -1.12
C THR A 21 2.35 -7.80 -2.46
N ILE A 22 2.77 -6.60 -2.85
CA ILE A 22 3.58 -6.36 -4.04
C ILE A 22 4.97 -5.83 -3.64
N SER A 23 5.91 -5.91 -4.58
CA SER A 23 7.28 -5.45 -4.39
C SER A 23 7.84 -4.93 -5.71
N THR A 24 8.76 -3.96 -5.62
CA THR A 24 9.42 -3.37 -6.77
C THR A 24 10.43 -4.35 -7.36
N THR A 25 10.52 -4.38 -8.70
CA THR A 25 11.49 -5.21 -9.42
C THR A 25 12.92 -4.69 -9.15
N GLY A 26 13.55 -5.28 -8.12
CA GLY A 26 14.88 -4.90 -7.67
C GLY A 26 14.86 -3.75 -6.67
N GLU A 27 16.05 -3.36 -6.20
CA GLU A 27 16.22 -2.30 -5.20
C GLU A 27 16.25 -0.92 -5.88
N MET A 28 15.21 -0.12 -5.65
CA MET A 28 15.06 1.23 -6.24
C MET A 28 14.95 2.30 -5.15
N SER A 29 15.08 3.58 -5.56
CA SER A 29 14.97 4.75 -4.65
C SER A 29 13.57 4.77 -4.00
N PRO A 30 13.44 5.12 -2.68
CA PRO A 30 12.17 4.97 -1.91
C PRO A 30 10.97 5.67 -2.56
N LEU A 31 11.17 6.91 -3.04
CA LEU A 31 10.10 7.70 -3.70
C LEU A 31 9.72 7.09 -5.05
N ASP A 32 10.74 6.69 -5.81
CA ASP A 32 10.57 6.00 -7.11
C ASP A 32 9.82 4.66 -6.93
N ALA A 33 10.14 3.98 -5.81
CA ALA A 33 9.57 2.68 -5.43
C ALA A 33 8.09 2.84 -5.10
N ARG A 34 7.77 3.95 -4.39
CA ARG A 34 6.39 4.32 -4.02
C ARG A 34 5.53 4.45 -5.28
N GLU A 35 6.03 5.23 -6.26
CA GLU A 35 5.28 5.53 -7.51
C GLU A 35 5.03 4.24 -8.33
N ASP A 36 6.03 3.33 -8.30
CA ASP A 36 5.92 1.99 -8.94
C ASP A 36 4.77 1.18 -8.31
N LEU A 37 4.79 1.11 -6.97
CA LEU A 37 3.83 0.33 -6.17
C LEU A 37 2.42 0.93 -6.24
N ILE A 38 2.34 2.28 -6.24
CA ILE A 38 1.08 3.03 -6.44
C ILE A 38 0.47 2.66 -7.80
N LYS A 39 1.29 2.77 -8.87
CA LYS A 39 0.84 2.56 -10.25
C LYS A 39 0.29 1.15 -10.44
N LYS A 40 1.07 0.15 -9.97
CA LYS A 40 0.68 -1.27 -10.06
C LYS A 40 -0.58 -1.56 -9.26
N ALA A 41 -0.61 -1.11 -8.00
CA ALA A 41 -1.75 -1.34 -7.08
C ALA A 41 -3.04 -0.74 -7.62
N ASP A 42 -2.94 0.48 -8.15
CA ASP A 42 -4.08 1.23 -8.72
C ASP A 42 -4.57 0.51 -9.99
N GLU A 43 -3.61 0.03 -10.80
CA GLU A 43 -3.87 -0.76 -12.02
C GLU A 43 -4.56 -2.11 -11.66
N LYS A 44 -4.20 -2.66 -10.48
CA LYS A 44 -4.83 -3.88 -9.92
C LYS A 44 -6.18 -3.55 -9.26
N GLY A 45 -6.43 -2.26 -9.00
CA GLY A 45 -7.63 -1.83 -8.30
C GLY A 45 -7.48 -1.96 -6.80
N ALA A 46 -6.51 -1.22 -6.23
CA ALA A 46 -6.30 -1.12 -4.76
C ALA A 46 -6.48 0.33 -4.32
N ASP A 47 -6.97 0.51 -3.08
CA ASP A 47 -7.16 1.84 -2.48
C ASP A 47 -5.87 2.28 -1.75
N VAL A 48 -5.35 1.40 -0.87
CA VAL A 48 -4.23 1.75 0.03
C VAL A 48 -3.00 0.85 -0.25
N VAL A 49 -1.82 1.49 -0.34
CA VAL A 49 -0.53 0.82 -0.55
C VAL A 49 0.36 1.13 0.67
N VAL A 50 0.57 0.14 1.54
CA VAL A 50 1.26 0.30 2.83
C VAL A 50 2.70 -0.22 2.74
N LEU A 51 3.67 0.71 2.80
CA LEU A 51 5.11 0.37 2.73
C LEU A 51 5.53 -0.49 3.93
N THR A 52 5.57 -1.81 3.70
CA THR A 52 6.06 -2.80 4.67
C THR A 52 7.58 -2.96 4.56
N SER A 53 8.19 -2.22 3.61
CA SER A 53 9.64 -2.14 3.44
C SER A 53 10.31 -1.45 4.65
N GLY A 54 9.55 -0.59 5.35
CA GLY A 54 10.05 0.23 6.47
C GLY A 54 10.63 1.55 5.99
N GLN A 55 11.39 1.48 4.87
CA GLN A 55 11.97 2.62 4.15
C GLN A 55 13.14 3.26 4.92
N THR A 56 14.37 2.87 4.55
CA THR A 56 15.60 3.50 5.03
C THR A 56 16.47 3.95 3.86
N GLU A 57 16.09 3.53 2.62
CA GLU A 57 16.76 3.89 1.34
C GLU A 57 18.07 3.10 1.13
N ASN A 58 18.99 3.19 2.11
CA ASN A 58 20.33 2.59 2.04
C ASN A 58 20.27 1.04 2.01
N LYS A 59 19.30 0.45 2.75
CA LYS A 59 19.08 -1.00 2.79
C LYS A 59 17.58 -1.33 2.71
N ILE A 60 17.02 -1.23 1.50
CA ILE A 60 15.65 -1.69 1.16
C ILE A 60 15.64 -2.35 -0.22
N HIS A 61 14.53 -3.01 -0.52
CA HIS A 61 14.23 -3.54 -1.86
C HIS A 61 13.10 -2.69 -2.46
N GLY A 62 12.10 -2.38 -1.62
CA GLY A 62 10.86 -1.74 -2.06
C GLY A 62 9.73 -2.75 -1.99
N THR A 63 8.89 -2.67 -0.93
CA THR A 63 7.82 -3.64 -0.68
C THR A 63 6.63 -2.92 -0.02
N ALA A 64 5.39 -3.36 -0.35
CA ALA A 64 4.16 -2.75 0.16
C ALA A 64 2.99 -3.74 0.10
N ASP A 65 2.20 -3.80 1.19
CA ASP A 65 0.96 -4.58 1.27
C ASP A 65 -0.17 -3.75 0.63
N ILE A 66 -0.94 -4.33 -0.29
CA ILE A 66 -2.04 -3.62 -0.98
C ILE A 66 -3.41 -4.03 -0.41
N TYR A 67 -4.28 -3.02 -0.23
CA TYR A 67 -5.55 -3.13 0.47
C TYR A 67 -6.67 -2.44 -0.32
N LYS A 68 -7.87 -3.00 -0.16
CA LYS A 68 -9.13 -2.44 -0.65
C LYS A 68 -9.98 -2.04 0.55
N LYS A 69 -10.65 -0.88 0.48
CA LYS A 69 -11.59 -0.46 1.53
C LYS A 69 -12.86 -1.29 1.43
N LYS A 70 -13.21 -1.96 2.54
CA LYS A 70 -14.41 -2.79 2.64
C LYS A 70 -15.65 -1.89 2.62
N LEU A 71 -16.65 -2.30 1.81
CA LEU A 71 -17.92 -1.59 1.59
C LEU A 71 -17.66 -0.36 0.69
N GLU A 72 -18.20 -0.39 -0.54
CA GLU A 72 -18.11 0.72 -1.50
C GLU A 72 -19.09 1.83 -1.10
N HIS A 73 -18.69 2.59 -0.08
CA HIS A 73 -19.49 3.70 0.49
C HIS A 73 -18.78 5.02 0.11
N HIS A 74 -18.46 5.11 -1.20
CA HIS A 74 -17.52 6.09 -1.79
C HIS A 74 -16.09 5.80 -1.32
N HIS A 75 -15.26 5.26 -2.22
CA HIS A 75 -13.84 4.94 -1.94
C HIS A 75 -13.05 6.20 -1.55
N HIS A 76 -12.22 6.09 -0.50
CA HIS A 76 -11.19 7.08 -0.22
C HIS A 76 -10.05 6.86 -1.25
N HIS A 77 -10.26 7.40 -2.47
CA HIS A 77 -9.42 7.10 -3.64
C HIS A 77 -9.41 8.30 -4.60
N HIS A 78 -8.32 9.07 -4.57
CA HIS A 78 -8.06 10.17 -5.51
C HIS A 78 -6.84 9.80 -6.37
N ALA A 1 -4.58 4.40 -6.00
CA ALA A 1 -3.89 3.96 -4.77
C ALA A 1 -3.15 5.13 -4.12
N GLU A 2 -2.90 5.02 -2.79
CA GLU A 2 -2.14 6.05 -2.02
C GLU A 2 -1.12 5.34 -1.12
N ILE A 3 -0.06 6.07 -0.71
CA ILE A 3 0.98 5.55 0.18
C ILE A 3 0.60 5.78 1.65
N MET A 4 0.72 4.72 2.47
CA MET A 4 0.54 4.77 3.93
C MET A 4 1.60 3.90 4.63
N LYS A 5 1.82 4.18 5.92
CA LYS A 5 2.74 3.43 6.79
C LYS A 5 1.94 2.40 7.61
N LYS A 6 2.55 1.24 7.89
CA LYS A 6 1.88 0.11 8.60
C LYS A 6 1.40 0.56 10.01
N THR A 7 2.23 1.35 10.70
CA THR A 7 1.96 1.83 12.07
C THR A 7 0.71 2.75 12.14
N ASP A 8 0.57 3.64 11.16
CA ASP A 8 -0.59 4.56 11.06
C ASP A 8 -1.83 3.78 10.62
N PHE A 9 -1.62 2.95 9.58
CA PHE A 9 -2.67 2.17 8.92
C PHE A 9 -3.35 1.15 9.87
N ASP A 10 -2.55 0.56 10.76
CA ASP A 10 -2.97 -0.55 11.67
C ASP A 10 -4.28 -0.21 12.42
N LYS A 11 -4.34 1.05 12.90
CA LYS A 11 -5.48 1.59 13.68
C LYS A 11 -6.82 1.47 12.91
N VAL A 12 -6.76 1.65 11.57
CA VAL A 12 -7.94 1.64 10.70
C VAL A 12 -7.95 0.40 9.78
N ALA A 13 -7.14 -0.64 10.12
CA ALA A 13 -7.01 -1.85 9.28
C ALA A 13 -8.35 -2.59 9.08
N SER A 14 -9.28 -2.44 10.06
CA SER A 14 -10.63 -3.04 10.00
C SER A 14 -11.46 -2.48 8.82
N GLU A 15 -11.15 -1.24 8.42
CA GLU A 15 -11.80 -0.56 7.28
C GLU A 15 -11.18 -0.99 5.94
N TYR A 16 -10.20 -1.92 5.96
CA TYR A 16 -9.48 -2.35 4.74
C TYR A 16 -9.34 -3.88 4.69
N THR A 17 -9.15 -4.38 3.47
CA THR A 17 -9.07 -5.80 3.17
C THR A 17 -7.84 -6.04 2.27
N LYS A 18 -6.89 -6.89 2.74
CA LYS A 18 -5.65 -7.16 2.01
C LYS A 18 -5.93 -8.03 0.79
N ILE A 19 -5.69 -7.46 -0.41
CA ILE A 19 -5.97 -8.14 -1.68
C ILE A 19 -4.71 -8.80 -2.26
N GLY A 20 -3.54 -8.43 -1.70
CA GLY A 20 -2.26 -8.97 -2.16
C GLY A 20 -1.08 -8.24 -1.57
N THR A 21 0.12 -8.62 -2.04
CA THR A 21 1.37 -7.91 -1.75
C THR A 21 2.15 -7.77 -3.08
N ILE A 22 2.68 -6.56 -3.35
CA ILE A 22 3.50 -6.28 -4.55
C ILE A 22 4.92 -5.91 -4.12
N SER A 23 5.83 -5.91 -5.10
CA SER A 23 7.25 -5.59 -4.87
C SER A 23 7.91 -5.11 -6.16
N THR A 24 9.04 -4.41 -6.01
CA THR A 24 9.90 -4.01 -7.12
C THR A 24 11.07 -5.01 -7.26
N THR A 25 11.70 -5.05 -8.45
CA THR A 25 12.92 -5.80 -8.68
C THR A 25 14.12 -4.90 -8.37
N GLY A 26 14.71 -5.11 -7.17
CA GLY A 26 15.84 -4.30 -6.71
C GLY A 26 15.39 -3.02 -6.02
N GLU A 27 16.38 -2.21 -5.62
CA GLU A 27 16.16 -0.97 -4.86
C GLU A 27 16.32 0.25 -5.79
N MET A 28 15.34 1.16 -5.70
CA MET A 28 15.39 2.51 -6.31
C MET A 28 15.26 3.55 -5.18
N SER A 29 15.24 4.84 -5.58
CA SER A 29 14.98 5.96 -4.67
C SER A 29 13.54 5.82 -4.10
N PRO A 30 13.32 6.10 -2.78
CA PRO A 30 12.04 5.74 -2.10
C PRO A 30 10.81 6.45 -2.69
N LEU A 31 11.00 7.62 -3.33
CA LEU A 31 9.92 8.37 -3.99
C LEU A 31 9.47 7.63 -5.25
N ASP A 32 10.45 7.16 -6.05
CA ASP A 32 10.21 6.38 -7.29
C ASP A 32 9.58 5.02 -6.95
N ALA A 33 10.02 4.44 -5.81
CA ALA A 33 9.49 3.18 -5.26
C ALA A 33 8.00 3.35 -4.91
N ARG A 34 7.68 4.48 -4.24
CA ARG A 34 6.29 4.86 -3.89
C ARG A 34 5.40 4.90 -5.14
N GLU A 35 5.86 5.65 -6.15
CA GLU A 35 5.11 5.88 -7.40
C GLU A 35 4.84 4.57 -8.15
N ASP A 36 5.86 3.68 -8.18
CA ASP A 36 5.74 2.37 -8.83
C ASP A 36 4.72 1.49 -8.09
N LEU A 37 4.81 1.48 -6.76
CA LEU A 37 3.92 0.66 -5.91
C LEU A 37 2.47 1.21 -5.89
N ILE A 38 2.31 2.55 -6.02
CA ILE A 38 0.99 3.20 -6.24
C ILE A 38 0.37 2.70 -7.55
N LYS A 39 1.18 2.77 -8.62
CA LYS A 39 0.76 2.37 -9.98
C LYS A 39 0.29 0.90 -10.02
N LYS A 40 1.19 0.00 -9.58
CA LYS A 40 0.94 -1.45 -9.54
C LYS A 40 -0.30 -1.78 -8.71
N ALA A 41 -0.35 -1.25 -7.47
CA ALA A 41 -1.48 -1.46 -6.55
C ALA A 41 -2.81 -1.04 -7.19
N ASP A 42 -2.81 0.14 -7.82
CA ASP A 42 -4.01 0.73 -8.45
C ASP A 42 -4.47 -0.14 -9.65
N GLU A 43 -3.50 -0.72 -10.39
CA GLU A 43 -3.76 -1.69 -11.47
C GLU A 43 -4.46 -2.95 -10.92
N LYS A 44 -4.03 -3.41 -9.72
CA LYS A 44 -4.69 -4.54 -9.01
C LYS A 44 -6.01 -4.07 -8.30
N GLY A 45 -6.28 -2.74 -8.31
CA GLY A 45 -7.54 -2.18 -7.78
C GLY A 45 -7.44 -1.67 -6.35
N ALA A 46 -6.24 -1.78 -5.74
CA ALA A 46 -6.00 -1.38 -4.33
C ALA A 46 -6.15 0.13 -4.13
N ASP A 47 -6.71 0.48 -2.97
CA ASP A 47 -6.93 1.87 -2.55
C ASP A 47 -5.73 2.38 -1.75
N VAL A 48 -5.13 1.49 -0.93
CA VAL A 48 -3.98 1.82 -0.06
C VAL A 48 -2.79 0.89 -0.35
N VAL A 49 -1.59 1.48 -0.26
CA VAL A 49 -0.30 0.80 -0.44
C VAL A 49 0.48 0.95 0.88
N VAL A 50 0.58 -0.14 1.64
CA VAL A 50 1.22 -0.15 2.96
C VAL A 50 2.72 -0.45 2.80
N LEU A 51 3.54 0.63 2.82
CA LEU A 51 5.00 0.49 2.69
C LEU A 51 5.59 -0.18 3.93
N THR A 52 6.43 -1.19 3.69
CA THR A 52 7.07 -1.98 4.74
C THR A 52 8.56 -2.16 4.40
N SER A 53 8.83 -2.74 3.22
CA SER A 53 10.19 -3.01 2.73
C SER A 53 10.48 -2.14 1.50
N GLY A 54 10.09 -0.86 1.53
CA GLY A 54 10.33 0.06 0.41
C GLY A 54 10.02 1.51 0.74
N GLN A 55 10.82 2.12 1.65
CA GLN A 55 10.63 3.51 2.07
C GLN A 55 11.92 4.13 2.65
N THR A 56 12.71 3.30 3.34
CA THR A 56 13.90 3.75 4.09
C THR A 56 15.09 4.06 3.16
N GLU A 57 15.31 3.18 2.16
CA GLU A 57 16.43 3.26 1.20
C GLU A 57 17.80 3.10 1.93
N ASN A 58 18.17 1.83 2.16
CA ASN A 58 19.52 1.45 2.64
C ASN A 58 19.66 -0.08 2.47
N LYS A 59 18.63 -0.80 2.91
CA LYS A 59 18.56 -2.26 2.78
C LYS A 59 17.08 -2.69 2.80
N ILE A 60 16.45 -2.56 1.62
CA ILE A 60 15.05 -2.95 1.35
C ILE A 60 14.99 -3.64 -0.03
N HIS A 61 13.78 -3.81 -0.60
CA HIS A 61 13.61 -4.36 -1.98
C HIS A 61 12.23 -3.98 -2.56
N GLY A 62 11.75 -2.81 -2.10
CA GLY A 62 10.56 -2.15 -2.66
C GLY A 62 9.26 -2.95 -2.54
N THR A 63 9.01 -3.56 -1.37
CA THR A 63 7.80 -4.36 -1.13
C THR A 63 6.79 -3.58 -0.29
N ALA A 64 5.50 -3.74 -0.64
CA ALA A 64 4.37 -3.09 0.03
C ALA A 64 3.12 -4.00 -0.03
N ASP A 65 2.38 -4.07 1.07
CA ASP A 65 1.17 -4.89 1.18
C ASP A 65 -0.02 -4.04 0.76
N ILE A 66 -0.83 -4.49 -0.21
CA ILE A 66 -1.87 -3.65 -0.83
C ILE A 66 -3.28 -4.06 -0.39
N TYR A 67 -4.07 -3.03 -0.07
CA TYR A 67 -5.39 -3.14 0.55
C TYR A 67 -6.43 -2.37 -0.26
N LYS A 68 -7.67 -2.83 -0.17
CA LYS A 68 -8.85 -2.12 -0.70
C LYS A 68 -9.71 -1.66 0.46
N LYS A 69 -10.42 -0.54 0.30
CA LYS A 69 -11.30 -0.04 1.37
C LYS A 69 -12.63 -0.81 1.37
N LYS A 70 -13.13 -1.09 2.56
CA LYS A 70 -14.40 -1.77 2.80
C LYS A 70 -15.51 -0.73 3.01
N LEU A 71 -16.65 -0.98 2.35
CA LEU A 71 -17.86 -0.18 2.54
C LEU A 71 -18.58 -0.74 3.78
N GLU A 72 -18.57 0.02 4.88
CA GLU A 72 -19.32 -0.33 6.09
C GLU A 72 -20.05 0.95 6.56
N HIS A 73 -21.34 1.06 6.19
CA HIS A 73 -22.19 2.24 6.48
C HIS A 73 -22.65 2.21 7.95
N HIS A 74 -21.78 2.70 8.85
CA HIS A 74 -22.12 2.87 10.27
C HIS A 74 -22.43 4.35 10.57
N HIS A 75 -21.57 5.25 10.08
CA HIS A 75 -21.73 6.71 10.27
C HIS A 75 -21.40 7.41 8.95
N HIS A 76 -22.42 7.57 8.11
CA HIS A 76 -22.33 8.33 6.86
C HIS A 76 -23.73 8.83 6.49
N HIS A 77 -24.17 9.90 7.18
CA HIS A 77 -25.46 10.57 6.97
C HIS A 77 -25.56 11.77 7.92
N HIS A 78 -25.50 11.45 9.22
CA HIS A 78 -25.61 12.41 10.32
C HIS A 78 -25.10 11.72 11.60
N ALA A 1 -4.21 4.84 -6.09
CA ALA A 1 -3.67 4.16 -4.91
C ALA A 1 -2.77 5.11 -4.10
N GLU A 2 -2.98 5.16 -2.78
CA GLU A 2 -2.20 6.03 -1.86
C GLU A 2 -1.14 5.20 -1.12
N ILE A 3 -0.10 5.87 -0.61
CA ILE A 3 0.95 5.21 0.19
C ILE A 3 0.78 5.58 1.68
N MET A 4 0.68 4.55 2.53
CA MET A 4 0.82 4.68 4.00
C MET A 4 1.77 3.58 4.50
N LYS A 5 2.59 3.90 5.52
CA LYS A 5 3.48 2.93 6.15
C LYS A 5 2.66 1.96 7.04
N LYS A 6 3.22 0.77 7.30
CA LYS A 6 2.56 -0.31 8.04
C LYS A 6 1.93 0.17 9.38
N THR A 7 2.72 0.93 10.16
CA THR A 7 2.31 1.42 11.50
C THR A 7 1.13 2.44 11.40
N ASP A 8 1.26 3.38 10.44
CA ASP A 8 0.23 4.41 10.17
C ASP A 8 -1.07 3.77 9.71
N PHE A 9 -0.93 2.69 8.94
CA PHE A 9 -2.04 1.95 8.35
C PHE A 9 -2.80 1.14 9.41
N ASP A 10 -2.06 0.47 10.33
CA ASP A 10 -2.65 -0.43 11.35
C ASP A 10 -3.75 0.27 12.17
N LYS A 11 -3.55 1.57 12.40
CA LYS A 11 -4.49 2.43 13.15
C LYS A 11 -5.90 2.47 12.50
N VAL A 12 -5.94 2.29 11.16
CA VAL A 12 -7.19 2.26 10.36
C VAL A 12 -7.31 0.93 9.56
N ALA A 13 -6.56 -0.12 9.98
CA ALA A 13 -6.51 -1.42 9.23
C ALA A 13 -7.90 -2.09 9.13
N SER A 14 -8.72 -1.89 10.17
CA SER A 14 -10.09 -2.45 10.27
C SER A 14 -11.06 -1.82 9.24
N GLU A 15 -10.62 -0.76 8.54
CA GLU A 15 -11.40 -0.13 7.45
C GLU A 15 -11.15 -0.83 6.11
N TYR A 16 -10.18 -1.79 6.08
CA TYR A 16 -9.64 -2.35 4.81
C TYR A 16 -9.63 -3.89 4.79
N THR A 17 -9.21 -4.46 3.63
CA THR A 17 -9.14 -5.92 3.40
C THR A 17 -7.91 -6.26 2.53
N LYS A 18 -7.09 -7.25 2.95
CA LYS A 18 -5.82 -7.60 2.28
C LYS A 18 -6.11 -8.45 1.04
N ILE A 19 -5.78 -7.93 -0.16
CA ILE A 19 -6.08 -8.61 -1.43
C ILE A 19 -4.83 -9.26 -2.06
N GLY A 20 -3.64 -8.78 -1.66
CA GLY A 20 -2.36 -9.30 -2.16
C GLY A 20 -1.16 -8.54 -1.63
N THR A 21 0.04 -8.89 -2.09
CA THR A 21 1.28 -8.15 -1.78
C THR A 21 2.09 -7.94 -3.07
N ILE A 22 2.57 -6.71 -3.27
CA ILE A 22 3.43 -6.35 -4.42
C ILE A 22 4.82 -5.95 -3.92
N SER A 23 5.80 -5.90 -4.83
CA SER A 23 7.20 -5.52 -4.51
C SER A 23 7.88 -4.90 -5.73
N THR A 24 8.79 -3.96 -5.48
CA THR A 24 9.64 -3.35 -6.51
C THR A 24 10.73 -4.33 -6.95
N THR A 25 11.40 -4.03 -8.08
CA THR A 25 12.49 -4.85 -8.63
C THR A 25 13.64 -5.02 -7.62
N GLY A 26 14.01 -3.90 -6.96
CA GLY A 26 15.06 -3.90 -5.94
C GLY A 26 15.00 -2.66 -5.07
N GLU A 27 16.10 -2.39 -4.34
CA GLU A 27 16.21 -1.19 -3.51
C GLU A 27 16.27 0.09 -4.39
N MET A 28 15.24 0.94 -4.26
CA MET A 28 15.14 2.22 -4.99
C MET A 28 14.87 3.34 -3.98
N SER A 29 14.97 4.60 -4.44
CA SER A 29 14.69 5.80 -3.62
C SER A 29 13.23 5.78 -3.12
N PRO A 30 12.93 6.26 -1.85
CA PRO A 30 11.58 6.16 -1.20
C PRO A 30 10.41 6.50 -2.13
N LEU A 31 10.35 7.76 -2.59
CA LEU A 31 9.22 8.28 -3.40
C LEU A 31 9.18 7.61 -4.79
N ASP A 32 10.36 7.22 -5.32
CA ASP A 32 10.49 6.53 -6.63
C ASP A 32 9.83 5.13 -6.58
N ALA A 33 10.15 4.38 -5.52
CA ALA A 33 9.60 3.04 -5.26
C ALA A 33 8.10 3.12 -4.93
N ARG A 34 7.72 4.20 -4.23
CA ARG A 34 6.34 4.48 -3.86
C ARG A 34 5.46 4.71 -5.11
N GLU A 35 6.01 5.42 -6.13
CA GLU A 35 5.32 5.62 -7.43
C GLU A 35 5.09 4.30 -8.18
N ASP A 36 6.10 3.41 -8.10
CA ASP A 36 6.05 2.04 -8.69
C ASP A 36 4.84 1.28 -8.10
N LEU A 37 4.81 1.25 -6.77
CA LEU A 37 3.80 0.54 -5.99
C LEU A 37 2.38 1.17 -6.13
N ILE A 38 2.32 2.53 -6.25
CA ILE A 38 1.06 3.26 -6.52
C ILE A 38 0.46 2.79 -7.86
N LYS A 39 1.31 2.82 -8.91
CA LYS A 39 0.88 2.51 -10.29
C LYS A 39 0.33 1.07 -10.38
N LYS A 40 1.14 0.10 -9.91
CA LYS A 40 0.80 -1.33 -9.96
C LYS A 40 -0.46 -1.65 -9.13
N ALA A 41 -0.54 -1.11 -7.90
CA ALA A 41 -1.70 -1.36 -6.99
C ALA A 41 -2.98 -0.71 -7.53
N ASP A 42 -2.84 0.47 -8.14
CA ASP A 42 -3.99 1.23 -8.69
C ASP A 42 -4.61 0.45 -9.86
N GLU A 43 -3.73 -0.06 -10.76
CA GLU A 43 -4.15 -0.90 -11.89
C GLU A 43 -4.68 -2.28 -11.42
N LYS A 44 -4.22 -2.74 -10.24
CA LYS A 44 -4.79 -3.93 -9.55
C LYS A 44 -6.12 -3.60 -8.81
N GLY A 45 -6.48 -2.30 -8.73
CA GLY A 45 -7.74 -1.87 -8.11
C GLY A 45 -7.64 -1.61 -6.60
N ALA A 46 -6.45 -1.86 -6.02
CA ALA A 46 -6.20 -1.70 -4.57
C ALA A 46 -6.27 -0.22 -4.15
N ASP A 47 -6.98 0.05 -3.05
CA ASP A 47 -7.23 1.41 -2.57
C ASP A 47 -5.97 1.97 -1.88
N VAL A 48 -5.40 1.19 -0.93
CA VAL A 48 -4.24 1.63 -0.13
C VAL A 48 -3.07 0.65 -0.29
N VAL A 49 -1.86 1.22 -0.46
CA VAL A 49 -0.59 0.50 -0.56
C VAL A 49 0.16 0.68 0.78
N VAL A 50 0.46 -0.44 1.44
CA VAL A 50 0.95 -0.47 2.84
C VAL A 50 2.42 -0.91 2.89
N LEU A 51 3.34 0.07 3.08
CA LEU A 51 4.79 -0.18 3.11
C LEU A 51 5.18 -1.02 4.34
N THR A 52 5.28 -2.34 4.13
CA THR A 52 5.82 -3.27 5.13
C THR A 52 7.36 -3.18 5.16
N SER A 53 7.97 -2.79 4.01
CA SER A 53 9.42 -2.49 3.91
C SER A 53 9.70 -1.08 4.43
N GLY A 54 10.97 -0.84 4.81
CA GLY A 54 11.41 0.47 5.29
C GLY A 54 11.80 1.39 4.14
N GLN A 55 10.96 2.42 3.86
CA GLN A 55 11.17 3.39 2.75
C GLN A 55 12.41 4.29 2.98
N THR A 56 13.04 4.15 4.16
CA THR A 56 14.21 4.94 4.60
C THR A 56 15.42 4.89 3.62
N GLU A 57 15.37 3.97 2.61
CA GLU A 57 16.34 3.82 1.49
C GLU A 57 17.60 3.04 1.93
N ASN A 58 18.07 3.32 3.16
CA ASN A 58 19.19 2.62 3.83
C ASN A 58 18.97 1.09 3.84
N LYS A 59 17.70 0.69 4.00
CA LYS A 59 17.28 -0.72 3.95
C LYS A 59 15.82 -0.77 3.43
N ILE A 60 15.69 -0.75 2.09
CA ILE A 60 14.40 -0.83 1.39
C ILE A 60 14.45 -1.99 0.39
N HIS A 61 13.40 -2.83 0.36
CA HIS A 61 13.22 -3.85 -0.67
C HIS A 61 12.07 -3.43 -1.60
N GLY A 62 11.26 -2.47 -1.10
CA GLY A 62 10.16 -1.89 -1.86
C GLY A 62 8.93 -2.79 -1.90
N THR A 63 8.70 -3.51 -0.81
CA THR A 63 7.56 -4.43 -0.68
C THR A 63 6.45 -3.74 0.12
N ALA A 64 5.21 -3.97 -0.32
CA ALA A 64 4.02 -3.35 0.25
C ALA A 64 2.81 -4.26 0.10
N ASP A 65 2.06 -4.45 1.19
CA ASP A 65 0.81 -5.22 1.18
C ASP A 65 -0.29 -4.32 0.63
N ILE A 66 -1.03 -4.79 -0.38
CA ILE A 66 -2.10 -3.99 -1.01
C ILE A 66 -3.49 -4.39 -0.45
N TYR A 67 -4.27 -3.35 -0.13
CA TYR A 67 -5.58 -3.45 0.51
C TYR A 67 -6.64 -2.69 -0.29
N LYS A 68 -7.88 -3.16 -0.18
CA LYS A 68 -9.07 -2.47 -0.68
C LYS A 68 -9.93 -2.04 0.51
N LYS A 69 -10.67 -0.93 0.34
CA LYS A 69 -11.50 -0.38 1.43
C LYS A 69 -12.88 -1.08 1.49
N LYS A 70 -13.39 -1.26 2.71
CA LYS A 70 -14.74 -1.76 2.99
C LYS A 70 -15.82 -0.73 2.59
N LEU A 71 -17.08 -1.17 2.53
CA LEU A 71 -18.24 -0.27 2.38
C LEU A 71 -18.43 0.52 3.69
N GLU A 72 -18.82 1.81 3.56
CA GLU A 72 -18.98 2.76 4.70
C GLU A 72 -17.57 3.10 5.30
N HIS A 73 -17.55 3.82 6.44
CA HIS A 73 -16.32 4.06 7.23
C HIS A 73 -16.66 3.85 8.72
N HIS A 74 -15.84 3.03 9.41
CA HIS A 74 -15.98 2.69 10.83
C HIS A 74 -17.37 2.07 11.10
N HIS A 75 -17.49 0.78 10.80
CA HIS A 75 -18.79 0.06 10.78
C HIS A 75 -19.25 -0.37 12.21
N HIS A 76 -18.65 0.25 13.24
CA HIS A 76 -19.07 0.07 14.65
C HIS A 76 -19.10 1.46 15.33
N HIS A 77 -19.32 1.50 16.65
CA HIS A 77 -19.19 2.75 17.44
C HIS A 77 -17.78 2.82 18.06
N HIS A 78 -17.38 1.71 18.72
CA HIS A 78 -16.06 1.52 19.35
C HIS A 78 -15.83 2.55 20.50
N ALA A 1 -4.42 4.80 -5.47
CA ALA A 1 -3.84 4.16 -4.28
C ALA A 1 -2.99 5.17 -3.49
N GLU A 2 -2.76 4.90 -2.19
CA GLU A 2 -2.00 5.81 -1.29
C GLU A 2 -0.90 5.03 -0.55
N ILE A 3 0.29 5.63 -0.42
CA ILE A 3 1.40 5.04 0.37
C ILE A 3 1.19 5.37 1.85
N MET A 4 0.95 4.35 2.68
CA MET A 4 0.98 4.47 4.15
C MET A 4 1.88 3.36 4.71
N LYS A 5 2.56 3.63 5.82
CA LYS A 5 3.34 2.62 6.54
C LYS A 5 2.40 1.80 7.44
N LYS A 6 2.87 0.63 7.90
CA LYS A 6 2.05 -0.30 8.71
C LYS A 6 1.56 0.38 10.01
N THR A 7 2.40 1.25 10.60
CA THR A 7 2.07 1.99 11.84
C THR A 7 0.82 2.89 11.66
N ASP A 8 0.76 3.57 10.52
CA ASP A 8 -0.33 4.50 10.18
C ASP A 8 -1.58 3.73 9.74
N PHE A 9 -1.33 2.66 8.98
CA PHE A 9 -2.36 1.78 8.46
C PHE A 9 -3.09 1.03 9.60
N ASP A 10 -2.34 0.66 10.65
CA ASP A 10 -2.84 -0.16 11.77
C ASP A 10 -4.11 0.45 12.38
N LYS A 11 -4.07 1.79 12.54
CA LYS A 11 -5.17 2.59 13.12
C LYS A 11 -6.50 2.41 12.35
N VAL A 12 -6.39 2.13 11.04
CA VAL A 12 -7.54 2.01 10.13
C VAL A 12 -7.54 0.63 9.44
N ALA A 13 -6.78 -0.33 10.01
CA ALA A 13 -6.59 -1.67 9.40
C ALA A 13 -7.91 -2.42 9.17
N SER A 14 -8.83 -2.28 10.13
CA SER A 14 -10.15 -2.94 10.12
C SER A 14 -11.08 -2.40 9.01
N GLU A 15 -10.67 -1.31 8.33
CA GLU A 15 -11.43 -0.72 7.22
C GLU A 15 -10.86 -1.17 5.86
N TYR A 16 -9.84 -2.07 5.85
CA TYR A 16 -9.18 -2.51 4.60
C TYR A 16 -8.91 -4.03 4.59
N THR A 17 -9.18 -4.67 3.43
CA THR A 17 -8.94 -6.11 3.19
C THR A 17 -7.88 -6.31 2.10
N LYS A 18 -6.85 -7.14 2.36
CA LYS A 18 -5.70 -7.32 1.46
C LYS A 18 -6.08 -8.17 0.25
N ILE A 19 -5.71 -7.69 -0.96
CA ILE A 19 -5.92 -8.44 -2.23
C ILE A 19 -4.60 -9.02 -2.76
N GLY A 20 -3.48 -8.70 -2.10
CA GLY A 20 -2.19 -9.24 -2.45
C GLY A 20 -1.04 -8.46 -1.85
N THR A 21 0.18 -8.86 -2.20
CA THR A 21 1.39 -8.15 -1.82
C THR A 21 2.23 -7.88 -3.08
N ILE A 22 2.71 -6.64 -3.24
CA ILE A 22 3.62 -6.25 -4.32
C ILE A 22 5.01 -5.93 -3.74
N SER A 23 6.02 -5.97 -4.60
CA SER A 23 7.41 -5.74 -4.20
C SER A 23 8.20 -5.12 -5.38
N THR A 24 9.02 -4.12 -5.06
CA THR A 24 9.97 -3.51 -6.01
C THR A 24 11.36 -4.16 -5.86
N THR A 25 12.17 -4.04 -6.93
CA THR A 25 13.57 -4.49 -6.93
C THR A 25 14.41 -3.55 -6.05
N GLY A 26 14.46 -3.86 -4.73
CA GLY A 26 15.07 -2.96 -3.73
C GLY A 26 14.16 -1.77 -3.46
N GLU A 27 14.73 -0.56 -3.39
CA GLU A 27 13.94 0.70 -3.29
C GLU A 27 14.15 1.55 -4.55
N MET A 28 15.26 1.28 -5.28
CA MET A 28 15.67 2.02 -6.51
C MET A 28 15.92 3.50 -6.19
N SER A 29 14.84 4.30 -6.20
CA SER A 29 14.83 5.68 -5.68
C SER A 29 13.57 5.80 -4.79
N PRO A 30 13.68 6.38 -3.53
CA PRO A 30 12.55 6.48 -2.54
C PRO A 30 11.17 6.87 -3.13
N LEU A 31 11.12 8.00 -3.85
CA LEU A 31 9.86 8.51 -4.45
C LEU A 31 9.39 7.61 -5.59
N ASP A 32 10.34 7.21 -6.44
CA ASP A 32 10.09 6.34 -7.61
C ASP A 32 9.40 5.02 -7.23
N ALA A 33 9.91 4.40 -6.14
CA ALA A 33 9.40 3.13 -5.61
C ALA A 33 7.92 3.29 -5.21
N ARG A 34 7.64 4.37 -4.49
CA ARG A 34 6.28 4.71 -4.02
C ARG A 34 5.29 4.83 -5.19
N GLU A 35 5.72 5.57 -6.23
CA GLU A 35 4.89 5.86 -7.41
C GLU A 35 4.61 4.57 -8.22
N ASP A 36 5.62 3.69 -8.27
CA ASP A 36 5.55 2.39 -8.98
C ASP A 36 4.58 1.44 -8.24
N LEU A 37 4.72 1.41 -6.90
CA LEU A 37 3.85 0.62 -6.01
C LEU A 37 2.38 1.07 -6.12
N ILE A 38 2.16 2.41 -6.11
CA ILE A 38 0.83 3.00 -6.27
C ILE A 38 0.26 2.66 -7.65
N LYS A 39 1.12 2.70 -8.69
CA LYS A 39 0.69 2.42 -10.07
C LYS A 39 0.15 0.98 -10.20
N LYS A 40 0.92 0.00 -9.70
CA LYS A 40 0.55 -1.43 -9.76
C LYS A 40 -0.72 -1.69 -8.93
N ALA A 41 -0.74 -1.13 -7.72
CA ALA A 41 -1.85 -1.29 -6.76
C ALA A 41 -3.16 -0.70 -7.32
N ASP A 42 -3.07 0.53 -7.85
CA ASP A 42 -4.24 1.29 -8.33
C ASP A 42 -4.79 0.64 -9.61
N GLU A 43 -3.87 0.12 -10.45
CA GLU A 43 -4.22 -0.72 -11.62
C GLU A 43 -5.02 -1.97 -11.17
N LYS A 44 -4.57 -2.59 -10.07
CA LYS A 44 -5.26 -3.74 -9.45
C LYS A 44 -6.47 -3.31 -8.59
N GLY A 45 -6.75 -1.98 -8.53
CA GLY A 45 -7.93 -1.45 -7.85
C GLY A 45 -7.69 -1.08 -6.38
N ALA A 46 -6.54 -1.48 -5.82
CA ALA A 46 -6.22 -1.27 -4.39
C ALA A 46 -6.22 0.21 -3.99
N ASP A 47 -6.84 0.47 -2.83
CA ASP A 47 -6.98 1.80 -2.25
C ASP A 47 -5.73 2.18 -1.47
N VAL A 48 -5.15 1.21 -0.72
CA VAL A 48 -3.98 1.47 0.15
C VAL A 48 -2.81 0.55 -0.21
N VAL A 49 -1.61 1.12 -0.15
CA VAL A 49 -0.32 0.43 -0.35
C VAL A 49 0.45 0.55 0.98
N VAL A 50 0.59 -0.57 1.69
CA VAL A 50 1.11 -0.59 3.06
C VAL A 50 2.58 -0.98 3.06
N LEU A 51 3.45 0.03 3.21
CA LEU A 51 4.88 -0.18 3.41
C LEU A 51 5.14 -0.90 4.75
N THR A 52 5.22 -2.24 4.66
CA THR A 52 5.79 -3.08 5.71
C THR A 52 7.31 -2.92 5.71
N SER A 53 7.84 -2.46 4.56
CA SER A 53 9.15 -1.81 4.49
C SER A 53 9.08 -0.52 5.33
N GLY A 54 9.91 -0.44 6.39
CA GLY A 54 9.80 0.62 7.41
C GLY A 54 9.98 2.05 6.90
N GLN A 55 10.31 2.21 5.59
CA GLN A 55 10.45 3.52 4.91
C GLN A 55 11.60 4.33 5.54
N THR A 56 12.56 3.59 6.12
CA THR A 56 13.72 4.15 6.83
C THR A 56 14.62 4.99 5.89
N GLU A 57 14.44 4.79 4.55
CA GLU A 57 15.13 5.53 3.49
C GLU A 57 16.66 5.38 3.66
N ASN A 58 17.10 4.11 3.60
CA ASN A 58 18.50 3.72 3.80
C ASN A 58 18.66 2.23 3.48
N LYS A 59 17.78 1.41 4.07
CA LYS A 59 17.89 -0.06 4.02
C LYS A 59 16.48 -0.70 4.03
N ILE A 60 15.85 -0.80 2.84
CA ILE A 60 14.59 -1.55 2.63
C ILE A 60 14.69 -2.34 1.32
N HIS A 61 14.04 -3.52 1.28
CA HIS A 61 13.94 -4.36 0.07
C HIS A 61 12.67 -4.03 -0.73
N GLY A 62 11.83 -3.12 -0.17
CA GLY A 62 10.66 -2.57 -0.85
C GLY A 62 9.53 -3.57 -1.02
N THR A 63 8.88 -3.94 0.10
CA THR A 63 7.65 -4.75 0.10
C THR A 63 6.49 -3.91 0.63
N ALA A 64 5.35 -4.00 -0.06
CA ALA A 64 4.15 -3.24 0.26
C ALA A 64 2.90 -4.09 -0.01
N ASP A 65 2.04 -4.20 1.00
CA ASP A 65 0.81 -5.02 0.93
C ASP A 65 -0.34 -4.15 0.43
N ILE A 66 -1.04 -4.62 -0.61
CA ILE A 66 -2.11 -3.82 -1.24
C ILE A 66 -3.50 -4.23 -0.70
N TYR A 67 -4.29 -3.21 -0.36
CA TYR A 67 -5.55 -3.34 0.38
C TYR A 67 -6.67 -2.58 -0.33
N LYS A 68 -7.89 -3.09 -0.13
CA LYS A 68 -9.13 -2.54 -0.67
C LYS A 68 -9.97 -1.97 0.47
N LYS A 69 -10.60 -0.82 0.22
CA LYS A 69 -11.47 -0.17 1.20
C LYS A 69 -12.77 -0.96 1.30
N LYS A 70 -13.14 -1.32 2.53
CA LYS A 70 -14.33 -2.13 2.82
C LYS A 70 -15.60 -1.28 2.62
N LEU A 71 -16.08 -1.27 1.36
CA LEU A 71 -17.26 -0.52 0.95
C LEU A 71 -18.51 -1.39 1.13
N GLU A 72 -18.97 -1.48 2.38
CA GLU A 72 -20.21 -2.18 2.71
C GLU A 72 -20.84 -1.54 3.95
N HIS A 73 -22.15 -1.25 3.85
CA HIS A 73 -22.97 -0.65 4.93
C HIS A 73 -24.36 -1.32 4.92
N HIS A 74 -24.35 -2.65 4.77
CA HIS A 74 -25.55 -3.49 4.70
C HIS A 74 -25.33 -4.74 5.59
N HIS A 75 -25.94 -4.73 6.79
CA HIS A 75 -25.89 -5.87 7.71
C HIS A 75 -26.79 -6.99 7.16
N HIS A 76 -26.22 -8.19 7.05
CA HIS A 76 -26.89 -9.37 6.50
C HIS A 76 -26.76 -10.57 7.46
N HIS A 77 -27.70 -11.51 7.34
CA HIS A 77 -27.71 -12.76 8.10
C HIS A 77 -28.65 -13.78 7.41
N HIS A 78 -28.77 -14.99 7.97
CA HIS A 78 -29.64 -16.05 7.45
C HIS A 78 -29.95 -17.06 8.56
N ALA A 1 -5.09 4.02 -5.15
CA ALA A 1 -3.92 3.58 -4.34
C ALA A 1 -3.19 4.80 -3.72
N GLU A 2 -2.77 4.67 -2.45
CA GLU A 2 -2.16 5.78 -1.66
C GLU A 2 -1.08 5.23 -0.70
N ILE A 3 0.04 5.95 -0.53
CA ILE A 3 1.13 5.53 0.36
C ILE A 3 0.76 5.78 1.84
N MET A 4 0.64 4.68 2.58
CA MET A 4 0.39 4.67 4.04
C MET A 4 1.45 3.81 4.72
N LYS A 5 1.95 4.29 5.87
CA LYS A 5 2.88 3.51 6.72
C LYS A 5 2.10 2.46 7.51
N LYS A 6 2.80 1.42 7.97
CA LYS A 6 2.20 0.24 8.60
C LYS A 6 1.57 0.62 9.98
N THR A 7 2.34 1.37 10.80
CA THR A 7 1.89 1.83 12.15
C THR A 7 0.61 2.69 12.05
N ASP A 8 0.65 3.62 11.08
CA ASP A 8 -0.48 4.52 10.77
C ASP A 8 -1.70 3.72 10.28
N PHE A 9 -1.41 2.73 9.42
CA PHE A 9 -2.42 1.86 8.80
C PHE A 9 -3.19 1.04 9.86
N ASP A 10 -2.46 0.53 10.89
CA ASP A 10 -3.05 -0.31 11.98
C ASP A 10 -4.35 0.30 12.54
N LYS A 11 -4.30 1.62 12.78
CA LYS A 11 -5.39 2.39 13.40
C LYS A 11 -6.69 2.34 12.56
N VAL A 12 -6.55 2.11 11.24
CA VAL A 12 -7.69 2.04 10.29
C VAL A 12 -7.70 0.69 9.54
N ALA A 13 -6.99 -0.32 10.08
CA ALA A 13 -6.85 -1.64 9.40
C ALA A 13 -8.21 -2.32 9.12
N SER A 14 -9.16 -2.13 10.07
CA SER A 14 -10.52 -2.69 9.98
C SER A 14 -11.30 -2.17 8.75
N GLU A 15 -10.86 -1.05 8.18
CA GLU A 15 -11.50 -0.42 7.02
C GLU A 15 -10.99 -1.00 5.69
N TYR A 16 -10.03 -1.96 5.73
CA TYR A 16 -9.37 -2.46 4.50
C TYR A 16 -9.24 -4.01 4.49
N THR A 17 -9.26 -4.60 3.27
CA THR A 17 -9.09 -6.04 3.04
C THR A 17 -7.78 -6.32 2.30
N LYS A 18 -6.96 -7.22 2.85
CA LYS A 18 -5.65 -7.60 2.31
C LYS A 18 -5.88 -8.47 1.06
N ILE A 19 -5.65 -7.88 -0.12
CA ILE A 19 -5.95 -8.55 -1.40
C ILE A 19 -4.68 -9.21 -1.99
N GLY A 20 -3.51 -8.87 -1.42
CA GLY A 20 -2.23 -9.43 -1.85
C GLY A 20 -1.05 -8.62 -1.36
N THR A 21 0.15 -9.03 -1.80
CA THR A 21 1.39 -8.27 -1.58
C THR A 21 2.12 -8.14 -2.93
N ILE A 22 2.57 -6.92 -3.26
CA ILE A 22 3.38 -6.66 -4.48
C ILE A 22 4.77 -6.17 -4.07
N SER A 23 5.65 -6.07 -5.06
CA SER A 23 6.98 -5.47 -4.93
C SER A 23 7.30 -4.66 -6.18
N THR A 24 8.32 -3.80 -6.06
CA THR A 24 8.78 -2.93 -7.14
C THR A 24 9.62 -3.70 -8.17
N THR A 25 9.88 -3.06 -9.31
CA THR A 25 10.82 -3.56 -10.31
C THR A 25 12.25 -3.15 -9.89
N GLY A 26 12.86 -4.00 -9.02
CA GLY A 26 14.25 -3.81 -8.57
C GLY A 26 14.38 -2.93 -7.32
N GLU A 27 15.63 -2.74 -6.86
CA GLU A 27 15.95 -1.91 -5.69
C GLU A 27 16.02 -0.44 -6.11
N MET A 28 14.91 0.27 -5.90
CA MET A 28 14.79 1.70 -6.24
C MET A 28 14.73 2.54 -4.96
N SER A 29 15.20 3.80 -5.08
CA SER A 29 15.19 4.79 -4.00
C SER A 29 13.73 5.08 -3.54
N PRO A 30 13.50 5.49 -2.22
CA PRO A 30 12.16 5.43 -1.57
C PRO A 30 11.01 6.09 -2.36
N LEU A 31 11.31 7.18 -3.08
CA LEU A 31 10.30 7.92 -3.88
C LEU A 31 9.89 7.07 -5.11
N ASP A 32 10.89 6.56 -5.83
CA ASP A 32 10.69 5.72 -7.04
C ASP A 32 9.93 4.43 -6.69
N ALA A 33 10.27 3.89 -5.51
CA ALA A 33 9.61 2.72 -4.93
C ALA A 33 8.12 3.02 -4.69
N ARG A 34 7.85 4.15 -3.99
CA ARG A 34 6.48 4.61 -3.67
C ARG A 34 5.60 4.76 -4.92
N GLU A 35 6.18 5.40 -5.96
CA GLU A 35 5.49 5.71 -7.23
C GLU A 35 5.05 4.41 -7.93
N ASP A 36 6.01 3.48 -8.02
CA ASP A 36 5.82 2.17 -8.68
C ASP A 36 4.76 1.34 -7.93
N LEU A 37 4.83 1.37 -6.59
CA LEU A 37 3.89 0.64 -5.72
C LEU A 37 2.45 1.17 -5.85
N ILE A 38 2.28 2.51 -5.87
CA ILE A 38 0.96 3.15 -6.13
C ILE A 38 0.42 2.70 -7.49
N LYS A 39 1.27 2.82 -8.53
CA LYS A 39 0.87 2.56 -9.92
C LYS A 39 0.37 1.11 -10.10
N LYS A 40 1.21 0.13 -9.70
CA LYS A 40 0.88 -1.31 -9.77
C LYS A 40 -0.38 -1.62 -8.94
N ALA A 41 -0.40 -1.15 -7.67
CA ALA A 41 -1.53 -1.40 -6.75
C ALA A 41 -2.85 -0.84 -7.29
N ASP A 42 -2.76 0.32 -7.97
CA ASP A 42 -3.95 1.01 -8.51
C ASP A 42 -4.47 0.23 -9.74
N GLU A 43 -3.53 -0.28 -10.56
CA GLU A 43 -3.84 -1.21 -11.67
C GLU A 43 -4.47 -2.52 -11.15
N LYS A 44 -4.10 -2.91 -9.90
CA LYS A 44 -4.69 -4.09 -9.20
C LYS A 44 -5.94 -3.69 -8.37
N GLY A 45 -6.39 -2.42 -8.50
CA GLY A 45 -7.66 -1.97 -7.87
C GLY A 45 -7.56 -1.75 -6.36
N ALA A 46 -6.34 -1.78 -5.80
CA ALA A 46 -6.09 -1.50 -4.38
C ALA A 46 -6.25 0.01 -4.09
N ASP A 47 -6.87 0.32 -2.95
CA ASP A 47 -7.12 1.70 -2.51
C ASP A 47 -6.00 2.18 -1.58
N VAL A 48 -5.33 1.24 -0.88
CA VAL A 48 -4.20 1.55 0.03
C VAL A 48 -2.98 0.68 -0.30
N VAL A 49 -1.82 1.34 -0.23
CA VAL A 49 -0.50 0.75 -0.41
C VAL A 49 0.24 0.86 0.93
N VAL A 50 0.40 -0.26 1.64
CA VAL A 50 1.07 -0.29 2.95
C VAL A 50 2.56 -0.56 2.77
N LEU A 51 3.40 0.38 3.24
CA LEU A 51 4.87 0.22 3.23
C LEU A 51 5.30 -0.88 4.23
N THR A 52 5.17 -2.15 3.80
CA THR A 52 5.57 -3.31 4.60
C THR A 52 7.04 -3.67 4.30
N SER A 53 7.65 -2.94 3.34
CA SER A 53 9.09 -2.99 3.06
C SER A 53 9.90 -2.64 4.33
N GLY A 54 9.35 -1.67 5.08
CA GLY A 54 10.04 -1.04 6.18
C GLY A 54 11.08 -0.06 5.64
N GLN A 55 10.91 1.24 5.96
CA GLN A 55 11.86 2.28 5.53
C GLN A 55 13.14 2.17 6.39
N THR A 56 13.95 1.17 6.03
CA THR A 56 15.24 0.88 6.68
C THR A 56 16.37 1.71 6.03
N GLU A 57 16.02 2.34 4.86
CA GLU A 57 16.84 3.37 4.17
C GLU A 57 18.04 2.73 3.40
N ASN A 58 18.98 2.13 4.15
CA ASN A 58 20.29 1.66 3.64
C ASN A 58 20.11 0.63 2.50
N LYS A 59 19.37 -0.45 2.76
CA LYS A 59 19.08 -1.47 1.75
C LYS A 59 17.56 -1.73 1.71
N ILE A 60 16.91 -1.15 0.69
CA ILE A 60 15.47 -1.31 0.43
C ILE A 60 15.25 -1.87 -0.99
N HIS A 61 13.98 -2.01 -1.38
CA HIS A 61 13.59 -2.19 -2.79
C HIS A 61 12.20 -1.59 -3.01
N GLY A 62 11.25 -1.96 -2.12
CA GLY A 62 9.88 -1.48 -2.19
C GLY A 62 8.88 -2.64 -2.22
N THR A 63 8.59 -3.18 -1.04
CA THR A 63 7.54 -4.19 -0.86
C THR A 63 6.30 -3.52 -0.24
N ALA A 64 5.12 -3.77 -0.82
CA ALA A 64 3.88 -3.16 -0.36
C ALA A 64 2.79 -4.20 -0.16
N ASP A 65 2.14 -4.16 1.00
CA ASP A 65 0.95 -4.97 1.26
C ASP A 65 -0.22 -4.17 0.69
N ILE A 66 -0.97 -4.75 -0.25
CA ILE A 66 -2.02 -4.00 -0.96
C ILE A 66 -3.40 -4.36 -0.41
N TYR A 67 -4.18 -3.30 -0.19
CA TYR A 67 -5.48 -3.37 0.49
C TYR A 67 -6.52 -2.65 -0.34
N LYS A 68 -7.75 -3.16 -0.28
CA LYS A 68 -8.90 -2.53 -0.92
C LYS A 68 -9.86 -2.03 0.16
N LYS A 69 -10.37 -0.81 -0.01
CA LYS A 69 -11.21 -0.14 1.00
C LYS A 69 -12.60 -0.78 1.07
N LYS A 70 -12.92 -1.32 2.26
CA LYS A 70 -14.20 -1.93 2.57
C LYS A 70 -15.31 -0.87 2.56
N LEU A 71 -16.10 -0.89 1.49
CA LEU A 71 -17.29 -0.04 1.33
C LEU A 71 -18.49 -0.97 1.15
N GLU A 72 -19.10 -1.37 2.28
CA GLU A 72 -20.18 -2.38 2.31
C GLU A 72 -21.44 -1.85 1.59
N HIS A 73 -22.12 -0.89 2.22
CA HIS A 73 -23.28 -0.22 1.61
C HIS A 73 -22.81 1.10 1.02
N HIS A 74 -22.29 1.04 -0.22
CA HIS A 74 -21.88 2.23 -0.98
C HIS A 74 -23.13 2.85 -1.64
N HIS A 75 -24.03 3.35 -0.77
CA HIS A 75 -25.27 4.00 -1.18
C HIS A 75 -25.01 5.49 -1.43
N HIS A 76 -24.42 5.77 -2.61
CA HIS A 76 -24.15 7.13 -3.12
C HIS A 76 -23.39 8.02 -2.09
N HIS A 77 -22.07 7.80 -1.99
CA HIS A 77 -21.16 8.64 -1.18
C HIS A 77 -19.71 8.40 -1.62
N HIS A 78 -18.95 9.48 -1.70
CA HIS A 78 -17.54 9.45 -2.11
C HIS A 78 -16.90 10.79 -1.70
N ALA A 1 -4.47 4.98 -6.06
CA ALA A 1 -4.13 4.48 -4.73
C ALA A 1 -3.35 5.57 -3.96
N GLU A 2 -2.95 5.27 -2.71
CA GLU A 2 -2.21 6.21 -1.85
C GLU A 2 -1.18 5.47 -0.98
N ILE A 3 -0.11 6.17 -0.58
CA ILE A 3 0.94 5.62 0.29
C ILE A 3 0.56 5.84 1.77
N MET A 4 0.54 4.73 2.53
CA MET A 4 0.34 4.72 3.97
C MET A 4 1.50 3.97 4.63
N LYS A 5 1.83 4.42 5.85
CA LYS A 5 2.83 3.77 6.71
C LYS A 5 2.18 2.59 7.42
N LYS A 6 2.99 1.60 7.85
CA LYS A 6 2.48 0.33 8.41
C LYS A 6 1.71 0.56 9.73
N THR A 7 2.32 1.31 10.65
CA THR A 7 1.74 1.60 11.97
C THR A 7 0.48 2.49 11.82
N ASP A 8 0.53 3.47 10.89
CA ASP A 8 -0.61 4.36 10.58
C ASP A 8 -1.77 3.57 9.91
N PHE A 9 -1.41 2.51 9.19
CA PHE A 9 -2.40 1.58 8.62
C PHE A 9 -3.13 0.84 9.75
N ASP A 10 -2.35 0.25 10.69
CA ASP A 10 -2.89 -0.60 11.78
C ASP A 10 -4.01 0.11 12.56
N LYS A 11 -3.84 1.43 12.76
CA LYS A 11 -4.84 2.29 13.46
C LYS A 11 -6.27 2.12 12.86
N VAL A 12 -6.33 1.95 11.52
CA VAL A 12 -7.57 1.83 10.75
C VAL A 12 -7.61 0.51 9.94
N ALA A 13 -6.78 -0.49 10.37
CA ALA A 13 -6.55 -1.74 9.61
C ALA A 13 -7.85 -2.51 9.29
N SER A 14 -8.77 -2.52 10.25
CA SER A 14 -10.05 -3.25 10.16
C SER A 14 -10.97 -2.70 9.05
N GLU A 15 -10.70 -1.47 8.60
CA GLU A 15 -11.46 -0.82 7.52
C GLU A 15 -10.95 -1.24 6.13
N TYR A 16 -9.88 -2.07 6.07
CA TYR A 16 -9.25 -2.48 4.80
C TYR A 16 -8.98 -4.00 4.78
N THR A 17 -9.17 -4.60 3.60
CA THR A 17 -8.96 -6.02 3.34
C THR A 17 -7.76 -6.20 2.39
N LYS A 18 -6.85 -7.12 2.74
CA LYS A 18 -5.66 -7.39 1.93
C LYS A 18 -6.03 -8.18 0.68
N ILE A 19 -5.66 -7.64 -0.50
CA ILE A 19 -5.88 -8.31 -1.79
C ILE A 19 -4.57 -8.89 -2.35
N GLY A 20 -3.44 -8.54 -1.72
CA GLY A 20 -2.14 -9.10 -2.08
C GLY A 20 -0.97 -8.31 -1.53
N THR A 21 0.24 -8.74 -1.90
CA THR A 21 1.49 -8.03 -1.63
C THR A 21 2.25 -7.85 -2.96
N ILE A 22 2.74 -6.64 -3.21
CA ILE A 22 3.56 -6.32 -4.40
C ILE A 22 4.98 -5.95 -3.94
N SER A 23 5.98 -6.32 -4.76
CA SER A 23 7.40 -6.12 -4.46
C SER A 23 8.10 -5.52 -5.67
N THR A 24 9.02 -4.57 -5.42
CA THR A 24 9.76 -3.87 -6.46
C THR A 24 10.90 -4.75 -7.02
N THR A 25 11.47 -4.31 -8.14
CA THR A 25 12.57 -4.99 -8.85
C THR A 25 13.89 -5.01 -8.03
N GLY A 26 14.01 -4.08 -7.05
CA GLY A 26 15.17 -4.01 -6.15
C GLY A 26 15.13 -2.78 -5.25
N GLU A 27 16.26 -2.50 -4.59
CA GLU A 27 16.41 -1.32 -3.71
C GLU A 27 16.47 -0.02 -4.55
N MET A 28 15.28 0.52 -4.85
CA MET A 28 15.15 1.77 -5.60
C MET A 28 15.01 2.97 -4.62
N SER A 29 15.10 4.20 -5.18
CA SER A 29 14.86 5.45 -4.44
C SER A 29 13.46 5.41 -3.80
N PRO A 30 13.24 6.00 -2.58
CA PRO A 30 11.99 5.80 -1.81
C PRO A 30 10.75 6.34 -2.55
N LEU A 31 10.86 7.53 -3.18
CA LEU A 31 9.76 8.14 -3.95
C LEU A 31 9.48 7.34 -5.24
N ASP A 32 10.56 6.86 -5.86
CA ASP A 32 10.48 6.05 -7.10
C ASP A 32 9.80 4.69 -6.84
N ALA A 33 10.09 4.12 -5.66
CA ALA A 33 9.48 2.87 -5.20
C ALA A 33 7.98 3.09 -4.95
N ARG A 34 7.69 4.18 -4.22
CA ARG A 34 6.31 4.60 -3.85
C ARG A 34 5.41 4.66 -5.08
N GLU A 35 5.77 5.49 -6.07
CA GLU A 35 4.94 5.75 -7.26
C GLU A 35 4.74 4.48 -8.10
N ASP A 36 5.74 3.59 -8.09
CA ASP A 36 5.66 2.29 -8.79
C ASP A 36 4.64 1.36 -8.10
N LEU A 37 4.69 1.36 -6.77
CA LEU A 37 3.78 0.57 -5.91
C LEU A 37 2.33 1.10 -6.01
N ILE A 38 2.17 2.44 -6.00
CA ILE A 38 0.87 3.13 -6.26
C ILE A 38 0.33 2.73 -7.64
N LYS A 39 1.21 2.81 -8.66
CA LYS A 39 0.89 2.46 -10.06
C LYS A 39 0.24 1.07 -10.15
N LYS A 40 0.97 0.07 -9.65
CA LYS A 40 0.55 -1.33 -9.69
C LYS A 40 -0.69 -1.56 -8.83
N ALA A 41 -0.78 -0.83 -7.70
CA ALA A 41 -1.98 -0.89 -6.85
C ALA A 41 -3.23 -0.46 -7.62
N ASP A 42 -3.12 0.63 -8.41
CA ASP A 42 -4.22 1.12 -9.27
C ASP A 42 -4.56 0.08 -10.34
N GLU A 43 -3.52 -0.55 -10.94
CA GLU A 43 -3.72 -1.63 -11.93
C GLU A 43 -4.50 -2.83 -11.31
N LYS A 44 -4.21 -3.11 -10.03
CA LYS A 44 -4.90 -4.18 -9.26
C LYS A 44 -6.19 -3.64 -8.57
N GLY A 45 -6.47 -2.33 -8.76
CA GLY A 45 -7.68 -1.71 -8.23
C GLY A 45 -7.62 -1.31 -6.75
N ALA A 46 -6.48 -1.58 -6.09
CA ALA A 46 -6.26 -1.27 -4.66
C ALA A 46 -6.37 0.23 -4.35
N ASP A 47 -6.89 0.54 -3.16
CA ASP A 47 -7.07 1.92 -2.68
C ASP A 47 -5.86 2.33 -1.82
N VAL A 48 -5.34 1.36 -1.03
CA VAL A 48 -4.25 1.63 -0.06
C VAL A 48 -2.99 0.81 -0.42
N VAL A 49 -1.83 1.48 -0.31
CA VAL A 49 -0.50 0.87 -0.48
C VAL A 49 0.28 1.08 0.83
N VAL A 50 0.47 0.00 1.60
CA VAL A 50 1.17 0.05 2.91
C VAL A 50 2.61 -0.37 2.72
N LEU A 51 3.54 0.59 2.91
CA LEU A 51 4.98 0.36 2.72
C LEU A 51 5.54 -0.58 3.78
N THR A 52 5.80 -1.81 3.34
CA THR A 52 6.44 -2.85 4.15
C THR A 52 7.98 -2.74 4.05
N SER A 53 8.45 -2.10 2.96
CA SER A 53 9.86 -1.93 2.65
C SER A 53 9.98 -0.77 1.63
N GLY A 54 10.69 0.30 2.01
CA GLY A 54 10.90 1.45 1.13
C GLY A 54 11.39 2.67 1.89
N GLN A 55 10.85 2.83 3.13
CA GLN A 55 11.08 4.02 3.98
C GLN A 55 12.43 3.93 4.72
N THR A 56 13.52 4.14 3.95
CA THR A 56 14.91 4.30 4.44
C THR A 56 15.87 4.35 3.24
N GLU A 57 15.45 3.71 2.11
CA GLU A 57 16.18 3.68 0.81
C GLU A 57 17.38 2.69 0.83
N ASN A 58 18.27 2.85 1.81
CA ASN A 58 19.55 2.13 1.89
C ASN A 58 19.33 0.61 2.05
N LYS A 59 18.79 0.19 3.21
CA LYS A 59 18.62 -1.24 3.53
C LYS A 59 17.14 -1.65 3.44
N ILE A 60 16.61 -1.56 2.21
CA ILE A 60 15.30 -2.13 1.83
C ILE A 60 15.45 -2.92 0.54
N HIS A 61 14.42 -3.69 0.19
CA HIS A 61 14.32 -4.38 -1.11
C HIS A 61 13.06 -3.91 -1.87
N GLY A 62 12.23 -3.07 -1.21
CA GLY A 62 11.02 -2.51 -1.79
C GLY A 62 9.88 -3.52 -1.83
N THR A 63 8.89 -3.31 -0.94
CA THR A 63 7.71 -4.17 -0.79
C THR A 63 6.57 -3.34 -0.18
N ALA A 64 5.32 -3.67 -0.52
CA ALA A 64 4.13 -3.00 0.01
C ALA A 64 2.92 -3.92 -0.12
N ASP A 65 2.09 -3.97 0.94
CA ASP A 65 0.83 -4.73 0.92
C ASP A 65 -0.28 -3.84 0.35
N ILE A 66 -1.07 -4.37 -0.60
CA ILE A 66 -2.16 -3.62 -1.25
C ILE A 66 -3.52 -4.03 -0.67
N TYR A 67 -4.36 -3.01 -0.40
CA TYR A 67 -5.63 -3.14 0.34
C TYR A 67 -6.78 -2.44 -0.39
N LYS A 68 -7.98 -2.97 -0.15
CA LYS A 68 -9.25 -2.41 -0.62
C LYS A 68 -10.05 -1.92 0.59
N LYS A 69 -10.79 -0.82 0.42
CA LYS A 69 -11.61 -0.24 1.48
C LYS A 69 -12.92 -1.03 1.64
N LYS A 70 -13.12 -1.60 2.83
CA LYS A 70 -14.32 -2.39 3.16
C LYS A 70 -15.52 -1.45 3.39
N LEU A 71 -16.71 -1.87 2.89
CA LEU A 71 -17.96 -1.07 2.94
C LEU A 71 -17.78 0.24 2.15
N GLU A 72 -16.98 0.15 1.07
CA GLU A 72 -16.68 1.27 0.17
C GLU A 72 -17.98 1.73 -0.52
N HIS A 73 -18.39 2.98 -0.24
CA HIS A 73 -19.59 3.59 -0.82
C HIS A 73 -19.18 4.78 -1.70
N HIS A 74 -18.48 5.75 -1.08
CA HIS A 74 -18.00 6.96 -1.75
C HIS A 74 -16.64 6.66 -2.43
N HIS A 75 -16.70 6.48 -3.75
CA HIS A 75 -15.57 6.01 -4.57
C HIS A 75 -14.38 6.97 -4.50
N HIS A 76 -13.29 6.50 -3.87
CA HIS A 76 -11.98 7.21 -3.89
C HIS A 76 -11.06 6.53 -4.91
N HIS A 77 -11.10 7.03 -6.15
CA HIS A 77 -10.22 6.56 -7.24
C HIS A 77 -9.36 7.72 -7.76
N HIS A 78 -8.32 7.36 -8.50
CA HIS A 78 -7.39 8.30 -9.16
C HIS A 78 -7.42 8.02 -10.67
N ALA A 1 -4.91 4.30 -5.31
CA ALA A 1 -3.88 3.68 -4.46
C ALA A 1 -2.99 4.77 -3.81
N GLU A 2 -3.37 5.19 -2.58
CA GLU A 2 -2.60 6.17 -1.80
C GLU A 2 -1.55 5.45 -0.93
N ILE A 3 -0.39 6.09 -0.76
CA ILE A 3 0.71 5.55 0.07
C ILE A 3 0.45 5.82 1.56
N MET A 4 0.53 4.76 2.38
CA MET A 4 0.61 4.87 3.86
C MET A 4 1.61 3.84 4.39
N LYS A 5 2.32 4.19 5.47
CA LYS A 5 3.21 3.26 6.21
C LYS A 5 2.36 2.18 6.89
N LYS A 6 2.97 1.04 7.28
CA LYS A 6 2.27 -0.04 7.99
C LYS A 6 1.70 0.48 9.33
N THR A 7 2.53 1.28 10.03
CA THR A 7 2.18 1.90 11.32
C THR A 7 0.95 2.83 11.19
N ASP A 8 0.99 3.70 10.17
CA ASP A 8 -0.06 4.72 9.94
C ASP A 8 -1.36 4.05 9.46
N PHE A 9 -1.19 2.99 8.67
CA PHE A 9 -2.30 2.19 8.11
C PHE A 9 -3.02 1.39 9.22
N ASP A 10 -2.20 0.85 10.15
CA ASP A 10 -2.66 -0.09 11.20
C ASP A 10 -3.87 0.46 12.00
N LYS A 11 -3.85 1.80 12.20
CA LYS A 11 -4.91 2.57 12.91
C LYS A 11 -6.35 2.25 12.41
N VAL A 12 -6.47 1.97 11.10
CA VAL A 12 -7.78 1.72 10.41
C VAL A 12 -7.80 0.34 9.73
N ALA A 13 -6.83 -0.54 10.07
CA ALA A 13 -6.62 -1.84 9.37
C ALA A 13 -7.89 -2.73 9.34
N SER A 14 -8.72 -2.65 10.41
CA SER A 14 -9.98 -3.42 10.53
C SER A 14 -10.95 -3.15 9.37
N GLU A 15 -10.96 -1.91 8.86
CA GLU A 15 -11.86 -1.48 7.78
C GLU A 15 -11.21 -1.67 6.39
N TYR A 16 -10.11 -2.46 6.32
CA TYR A 16 -9.41 -2.74 5.06
C TYR A 16 -9.20 -4.26 4.87
N THR A 17 -9.33 -4.70 3.61
CA THR A 17 -9.19 -6.10 3.18
C THR A 17 -7.92 -6.23 2.32
N LYS A 18 -7.06 -7.19 2.65
CA LYS A 18 -5.85 -7.46 1.86
C LYS A 18 -6.23 -8.16 0.56
N ILE A 19 -5.77 -7.62 -0.57
CA ILE A 19 -6.00 -8.23 -1.90
C ILE A 19 -4.70 -8.82 -2.46
N GLY A 20 -3.56 -8.57 -1.77
CA GLY A 20 -2.25 -9.13 -2.16
C GLY A 20 -1.08 -8.38 -1.53
N THR A 21 0.15 -8.76 -1.94
CA THR A 21 1.39 -8.00 -1.67
C THR A 21 2.16 -7.85 -2.99
N ILE A 22 2.63 -6.63 -3.30
CA ILE A 22 3.47 -6.38 -4.50
C ILE A 22 4.88 -5.95 -4.05
N SER A 23 5.87 -6.36 -4.83
CA SER A 23 7.27 -5.95 -4.65
C SER A 23 7.55 -4.70 -5.48
N THR A 24 8.73 -4.14 -5.31
CA THR A 24 9.28 -3.09 -6.17
C THR A 24 10.02 -3.74 -7.35
N THR A 25 10.41 -2.94 -8.35
CA THR A 25 11.17 -3.44 -9.51
C THR A 25 12.67 -3.68 -9.15
N GLY A 26 13.09 -3.21 -7.95
CA GLY A 26 14.46 -3.42 -7.42
C GLY A 26 14.67 -2.66 -6.12
N GLU A 27 15.93 -2.44 -5.70
CA GLU A 27 16.25 -1.56 -4.55
C GLU A 27 16.13 -0.09 -5.01
N MET A 28 14.88 0.39 -5.06
CA MET A 28 14.50 1.69 -5.66
C MET A 28 14.47 2.79 -4.60
N SER A 29 14.84 4.02 -5.01
CA SER A 29 14.85 5.22 -4.16
C SER A 29 13.41 5.55 -3.64
N PRO A 30 13.26 6.18 -2.42
CA PRO A 30 11.97 6.23 -1.64
C PRO A 30 10.70 6.61 -2.47
N LEU A 31 10.73 7.75 -3.18
CA LEU A 31 9.56 8.27 -3.93
C LEU A 31 9.35 7.46 -5.23
N ASP A 32 10.46 7.03 -5.83
CA ASP A 32 10.47 6.23 -7.06
C ASP A 32 9.84 4.84 -6.82
N ALA A 33 10.13 4.29 -5.63
CA ALA A 33 9.57 3.02 -5.15
C ALA A 33 8.07 3.19 -4.86
N ARG A 34 7.73 4.31 -4.18
CA ARG A 34 6.33 4.65 -3.82
C ARG A 34 5.43 4.71 -5.05
N GLU A 35 5.85 5.48 -6.08
CA GLU A 35 5.05 5.74 -7.29
C GLU A 35 4.97 4.50 -8.20
N ASP A 36 5.99 3.62 -8.11
CA ASP A 36 5.97 2.28 -8.72
C ASP A 36 4.83 1.44 -8.11
N LEU A 37 4.82 1.43 -6.77
CA LEU A 37 3.83 0.71 -5.97
C LEU A 37 2.42 1.33 -6.10
N ILE A 38 2.34 2.67 -6.31
CA ILE A 38 1.05 3.37 -6.59
C ILE A 38 0.50 2.89 -7.95
N LYS A 39 1.36 2.96 -8.98
CA LYS A 39 1.05 2.53 -10.37
C LYS A 39 0.43 1.12 -10.40
N LYS A 40 1.19 0.18 -9.86
CA LYS A 40 0.84 -1.23 -9.86
C LYS A 40 -0.40 -1.50 -8.99
N ALA A 41 -0.41 -0.98 -7.74
CA ALA A 41 -1.56 -1.17 -6.81
C ALA A 41 -2.85 -0.52 -7.34
N ASP A 42 -2.70 0.56 -8.14
CA ASP A 42 -3.84 1.25 -8.77
C ASP A 42 -4.46 0.33 -9.83
N GLU A 43 -3.58 -0.24 -10.68
CA GLU A 43 -3.99 -1.24 -11.69
C GLU A 43 -4.52 -2.54 -11.02
N LYS A 44 -4.08 -2.80 -9.77
CA LYS A 44 -4.56 -3.94 -8.95
C LYS A 44 -5.91 -3.62 -8.24
N GLY A 45 -6.34 -2.34 -8.28
CA GLY A 45 -7.63 -1.93 -7.70
C GLY A 45 -7.58 -1.58 -6.21
N ALA A 46 -6.36 -1.53 -5.63
CA ALA A 46 -6.13 -1.20 -4.21
C ALA A 46 -6.44 0.28 -3.90
N ASP A 47 -7.03 0.52 -2.71
CA ASP A 47 -7.31 1.88 -2.21
C ASP A 47 -6.07 2.43 -1.49
N VAL A 48 -5.34 1.55 -0.76
CA VAL A 48 -4.12 1.92 -0.01
C VAL A 48 -2.98 0.91 -0.32
N VAL A 49 -1.76 1.47 -0.43
CA VAL A 49 -0.50 0.74 -0.52
C VAL A 49 0.17 0.80 0.87
N VAL A 50 0.29 -0.36 1.53
CA VAL A 50 0.81 -0.46 2.90
C VAL A 50 2.31 -0.77 2.85
N LEU A 51 3.11 0.30 2.98
CA LEU A 51 4.57 0.23 3.00
C LEU A 51 5.05 -0.48 4.28
N THR A 52 5.37 -1.75 4.13
CA THR A 52 5.91 -2.58 5.22
C THR A 52 7.44 -2.57 5.16
N SER A 53 7.98 -2.95 3.99
CA SER A 53 9.42 -3.14 3.77
C SER A 53 9.90 -2.34 2.55
N GLY A 54 9.25 -1.19 2.27
CA GLY A 54 9.61 -0.34 1.13
C GLY A 54 9.21 1.11 1.33
N GLN A 55 9.46 1.66 2.54
CA GLN A 55 9.12 3.06 2.90
C GLN A 55 10.36 3.95 3.02
N THR A 56 11.45 3.41 3.59
CA THR A 56 12.65 4.19 3.91
C THR A 56 13.55 4.36 2.65
N GLU A 57 14.82 3.90 2.69
CA GLU A 57 15.80 4.16 1.62
C GLU A 57 17.07 3.32 1.86
N ASN A 58 17.57 3.38 3.11
CA ASN A 58 18.89 2.88 3.52
C ASN A 58 19.11 1.42 3.09
N LYS A 59 18.20 0.55 3.54
CA LYS A 59 18.20 -0.86 3.19
C LYS A 59 16.76 -1.39 3.26
N ILE A 60 16.07 -1.37 2.11
CA ILE A 60 14.75 -1.99 1.95
C ILE A 60 14.77 -2.87 0.68
N HIS A 61 14.21 -4.09 0.79
CA HIS A 61 14.06 -4.99 -0.37
C HIS A 61 12.86 -4.54 -1.23
N GLY A 62 12.00 -3.70 -0.64
CA GLY A 62 10.89 -3.08 -1.35
C GLY A 62 9.72 -4.03 -1.55
N THR A 63 8.89 -4.18 -0.52
CA THR A 63 7.58 -4.82 -0.59
C THR A 63 6.55 -3.96 0.15
N ALA A 64 5.31 -4.00 -0.36
CA ALA A 64 4.19 -3.27 0.19
C ALA A 64 2.90 -4.07 -0.07
N ASP A 65 2.13 -4.27 0.99
CA ASP A 65 0.90 -5.08 0.94
C ASP A 65 -0.23 -4.20 0.42
N ILE A 66 -0.92 -4.67 -0.63
CA ILE A 66 -1.98 -3.87 -1.26
C ILE A 66 -3.35 -4.23 -0.63
N TYR A 67 -4.10 -3.18 -0.29
CA TYR A 67 -5.36 -3.27 0.45
C TYR A 67 -6.43 -2.41 -0.22
N LYS A 68 -7.66 -2.88 -0.09
CA LYS A 68 -8.86 -2.14 -0.46
C LYS A 68 -9.62 -1.78 0.81
N LYS A 69 -10.38 -0.69 0.76
CA LYS A 69 -11.19 -0.27 1.91
C LYS A 69 -12.50 -1.04 1.91
N LYS A 70 -12.70 -1.90 2.93
CA LYS A 70 -13.95 -2.65 3.16
C LYS A 70 -15.11 -1.65 3.26
N LEU A 71 -15.81 -1.50 2.14
CA LEU A 71 -16.89 -0.54 1.97
C LEU A 71 -18.07 -0.94 2.87
N GLU A 72 -18.78 0.09 3.40
CA GLU A 72 -19.94 -0.06 4.28
C GLU A 72 -20.99 -1.00 3.64
N HIS A 73 -21.71 -0.53 2.59
CA HIS A 73 -22.69 -1.35 1.83
C HIS A 73 -22.69 -0.90 0.36
N HIS A 74 -23.29 0.28 0.09
CA HIS A 74 -23.33 0.88 -1.25
C HIS A 74 -23.02 2.39 -1.09
N HIS A 75 -21.70 2.69 -1.17
CA HIS A 75 -21.09 3.99 -0.81
C HIS A 75 -21.43 4.38 0.65
N HIS A 76 -22.57 5.06 0.85
CA HIS A 76 -23.06 5.56 2.15
C HIS A 76 -24.40 6.32 1.94
N HIS A 77 -25.07 6.00 0.80
CA HIS A 77 -26.04 6.89 0.10
C HIS A 77 -25.26 8.06 -0.53
N HIS A 78 -25.26 8.10 -1.90
CA HIS A 78 -24.47 9.03 -2.75
C HIS A 78 -23.02 8.49 -2.90
N ALA A 1 -4.48 4.67 -5.75
CA ALA A 1 -3.85 4.14 -4.53
C ALA A 1 -3.01 5.23 -3.85
N GLU A 2 -2.68 5.02 -2.55
CA GLU A 2 -1.91 6.00 -1.76
C GLU A 2 -1.01 5.29 -0.74
N ILE A 3 0.14 5.90 -0.41
CA ILE A 3 1.14 5.34 0.53
C ILE A 3 0.73 5.60 1.99
N MET A 4 0.75 4.54 2.82
CA MET A 4 0.56 4.63 4.29
C MET A 4 1.61 3.74 4.99
N LYS A 5 1.95 4.10 6.24
CA LYS A 5 2.76 3.23 7.12
C LYS A 5 1.91 2.07 7.66
N LYS A 6 2.57 1.02 8.19
CA LYS A 6 1.86 -0.09 8.85
C LYS A 6 1.19 0.40 10.15
N THR A 7 1.84 1.36 10.82
CA THR A 7 1.31 2.00 12.04
C THR A 7 0.01 2.77 11.75
N ASP A 8 0.07 3.70 10.76
CA ASP A 8 -1.11 4.52 10.36
C ASP A 8 -2.22 3.65 9.77
N PHE A 9 -1.81 2.59 9.06
CA PHE A 9 -2.74 1.59 8.51
C PHE A 9 -3.52 0.89 9.66
N ASP A 10 -2.77 0.40 10.67
CA ASP A 10 -3.33 -0.46 11.75
C ASP A 10 -4.47 0.26 12.49
N LYS A 11 -4.27 1.56 12.73
CA LYS A 11 -5.27 2.47 13.35
C LYS A 11 -6.64 2.40 12.64
N VAL A 12 -6.59 2.19 11.31
CA VAL A 12 -7.78 2.13 10.44
C VAL A 12 -7.82 0.80 9.65
N ALA A 13 -7.20 -0.28 10.21
CA ALA A 13 -7.09 -1.62 9.57
C ALA A 13 -8.47 -2.18 9.15
N SER A 14 -9.50 -1.89 9.96
CA SER A 14 -10.90 -2.34 9.76
C SER A 14 -11.54 -1.74 8.48
N GLU A 15 -10.89 -0.70 7.92
CA GLU A 15 -11.32 -0.04 6.68
C GLU A 15 -10.82 -0.78 5.44
N TYR A 16 -9.88 -1.74 5.60
CA TYR A 16 -9.14 -2.34 4.45
C TYR A 16 -9.06 -3.88 4.51
N THR A 17 -8.76 -4.49 3.34
CA THR A 17 -8.60 -5.96 3.17
C THR A 17 -7.45 -6.25 2.16
N LYS A 18 -6.43 -7.02 2.59
CA LYS A 18 -5.25 -7.31 1.75
C LYS A 18 -5.64 -8.17 0.55
N ILE A 19 -5.42 -7.65 -0.67
CA ILE A 19 -5.69 -8.39 -1.91
C ILE A 19 -4.38 -9.00 -2.47
N GLY A 20 -3.26 -8.68 -1.80
CA GLY A 20 -1.95 -9.27 -2.13
C GLY A 20 -0.79 -8.47 -1.57
N THR A 21 0.43 -8.89 -1.94
CA THR A 21 1.66 -8.11 -1.72
C THR A 21 2.35 -7.88 -3.08
N ILE A 22 2.80 -6.65 -3.32
CA ILE A 22 3.56 -6.28 -4.54
C ILE A 22 4.99 -5.88 -4.17
N SER A 23 5.85 -5.71 -5.19
CA SER A 23 7.24 -5.31 -5.01
C SER A 23 7.76 -4.61 -6.27
N THR A 24 8.67 -3.65 -6.08
CA THR A 24 9.35 -2.91 -7.16
C THR A 24 10.36 -3.83 -7.88
N THR A 25 10.87 -3.37 -9.06
CA THR A 25 11.96 -4.07 -9.76
C THR A 25 13.19 -4.23 -8.82
N GLY A 26 13.46 -3.17 -8.05
CA GLY A 26 14.50 -3.17 -7.02
C GLY A 26 14.57 -1.84 -6.30
N GLU A 27 15.72 -1.57 -5.65
CA GLU A 27 15.95 -0.30 -4.94
C GLU A 27 16.33 0.77 -5.98
N MET A 28 15.31 1.37 -6.59
CA MET A 28 15.47 2.37 -7.65
C MET A 28 15.73 3.75 -7.01
N SER A 29 14.65 4.46 -6.68
CA SER A 29 14.68 5.70 -5.89
C SER A 29 13.56 5.62 -4.82
N PRO A 30 13.75 6.15 -3.57
CA PRO A 30 12.72 6.06 -2.47
C PRO A 30 11.30 6.57 -2.89
N LEU A 31 11.23 7.82 -3.40
CA LEU A 31 9.94 8.44 -3.80
C LEU A 31 9.35 7.76 -5.06
N ASP A 32 10.24 7.40 -5.99
CA ASP A 32 9.86 6.72 -7.26
C ASP A 32 9.27 5.34 -6.97
N ALA A 33 9.84 4.66 -5.95
CA ALA A 33 9.41 3.33 -5.50
C ALA A 33 7.98 3.40 -4.96
N ARG A 34 7.69 4.48 -4.22
CA ARG A 34 6.33 4.75 -3.67
C ARG A 34 5.29 4.74 -4.79
N GLU A 35 5.54 5.57 -5.82
CA GLU A 35 4.56 5.84 -6.89
C GLU A 35 4.48 4.67 -7.89
N ASP A 36 5.58 3.89 -7.98
CA ASP A 36 5.62 2.62 -8.73
C ASP A 36 4.66 1.61 -8.07
N LEU A 37 4.78 1.50 -6.73
CA LEU A 37 3.92 0.65 -5.89
C LEU A 37 2.45 1.13 -5.93
N ILE A 38 2.25 2.47 -5.88
CA ILE A 38 0.93 3.12 -6.06
C ILE A 38 0.31 2.67 -7.40
N LYS A 39 1.12 2.71 -8.47
CA LYS A 39 0.65 2.39 -9.83
C LYS A 39 0.21 0.91 -9.93
N LYS A 40 1.05 -0.02 -9.43
CA LYS A 40 0.73 -1.48 -9.43
C LYS A 40 -0.59 -1.73 -8.70
N ALA A 41 -0.66 -1.17 -7.47
CA ALA A 41 -1.82 -1.32 -6.57
C ALA A 41 -3.08 -0.69 -7.17
N ASP A 42 -2.89 0.42 -7.92
CA ASP A 42 -4.00 1.14 -8.56
C ASP A 42 -4.64 0.26 -9.64
N GLU A 43 -3.77 -0.29 -10.53
CA GLU A 43 -4.18 -1.20 -11.60
C GLU A 43 -4.72 -2.53 -11.02
N LYS A 44 -4.26 -2.88 -9.81
CA LYS A 44 -4.70 -4.08 -9.07
C LYS A 44 -6.08 -3.85 -8.40
N GLY A 45 -6.48 -2.56 -8.28
CA GLY A 45 -7.73 -2.19 -7.60
C GLY A 45 -7.56 -1.92 -6.11
N ALA A 46 -6.33 -2.05 -5.59
CA ALA A 46 -6.00 -1.74 -4.17
C ALA A 46 -5.96 -0.22 -3.95
N ASP A 47 -6.47 0.21 -2.80
CA ASP A 47 -6.66 1.64 -2.49
C ASP A 47 -5.53 2.19 -1.60
N VAL A 48 -4.91 1.30 -0.79
CA VAL A 48 -3.79 1.68 0.09
C VAL A 48 -2.60 0.73 -0.10
N VAL A 49 -1.41 1.34 -0.26
CA VAL A 49 -0.12 0.66 -0.35
C VAL A 49 0.58 0.84 1.01
N VAL A 50 0.66 -0.25 1.78
CA VAL A 50 1.22 -0.23 3.14
C VAL A 50 2.71 -0.61 3.10
N LEU A 51 3.56 0.41 3.36
CA LEU A 51 5.00 0.24 3.49
C LEU A 51 5.33 -0.25 4.90
N THR A 52 5.28 -1.58 5.05
CA THR A 52 5.64 -2.29 6.27
C THR A 52 7.17 -2.24 6.49
N SER A 53 7.90 -2.27 5.36
CA SER A 53 9.36 -2.14 5.34
C SER A 53 9.78 -0.68 5.61
N GLY A 54 10.90 -0.52 6.34
CA GLY A 54 11.46 0.80 6.64
C GLY A 54 12.13 1.43 5.42
N GLN A 55 11.38 2.31 4.70
CA GLN A 55 11.90 3.05 3.53
C GLN A 55 13.01 4.01 3.97
N THR A 56 14.20 3.46 4.03
CA THR A 56 15.44 4.16 4.37
C THR A 56 16.56 3.56 3.48
N GLU A 57 16.12 2.80 2.45
CA GLU A 57 16.95 2.01 1.54
C GLU A 57 17.85 1.00 2.29
N ASN A 58 17.45 0.66 3.55
CA ASN A 58 18.19 -0.29 4.41
C ASN A 58 17.75 -1.73 4.11
N LYS A 59 18.42 -2.34 3.10
CA LYS A 59 18.25 -3.76 2.72
C LYS A 59 16.81 -4.09 2.27
N ILE A 60 16.02 -3.04 1.93
CA ILE A 60 14.63 -3.22 1.45
C ILE A 60 14.63 -3.83 0.04
N HIS A 61 13.56 -4.55 -0.29
CA HIS A 61 13.35 -5.13 -1.64
C HIS A 61 12.23 -4.36 -2.37
N GLY A 62 11.76 -3.26 -1.73
CA GLY A 62 10.69 -2.42 -2.27
C GLY A 62 9.34 -3.12 -2.25
N THR A 63 9.07 -3.84 -1.15
CA THR A 63 7.86 -4.67 -0.99
C THR A 63 6.84 -3.92 -0.14
N ALA A 64 5.57 -4.06 -0.52
CA ALA A 64 4.45 -3.38 0.14
C ALA A 64 3.22 -4.27 0.14
N ASP A 65 2.49 -4.26 1.26
CA ASP A 65 1.26 -5.03 1.42
C ASP A 65 0.11 -4.16 0.90
N ILE A 66 -0.67 -4.65 -0.05
CA ILE A 66 -1.73 -3.83 -0.69
C ILE A 66 -3.11 -4.26 -0.24
N TYR A 67 -3.89 -3.24 0.11
CA TYR A 67 -5.18 -3.36 0.76
C TYR A 67 -6.21 -2.60 -0.06
N LYS A 68 -7.42 -3.13 -0.09
CA LYS A 68 -8.54 -2.55 -0.78
C LYS A 68 -9.52 -2.07 0.28
N LYS A 69 -9.98 -0.84 0.14
CA LYS A 69 -10.95 -0.23 1.05
C LYS A 69 -12.28 -1.00 0.96
N LYS A 70 -12.78 -1.44 2.12
CA LYS A 70 -14.03 -2.19 2.24
C LYS A 70 -15.24 -1.31 1.87
N LEU A 71 -15.03 0.01 2.01
CA LEU A 71 -15.99 1.05 1.57
C LEU A 71 -15.57 1.60 0.19
N GLU A 72 -16.40 2.51 -0.35
CA GLU A 72 -16.17 3.11 -1.68
C GLU A 72 -15.42 4.45 -1.57
N HIS A 73 -14.96 4.96 -2.73
CA HIS A 73 -14.32 6.28 -2.84
C HIS A 73 -15.32 7.30 -3.38
N HIS A 74 -15.98 8.00 -2.45
CA HIS A 74 -16.89 9.13 -2.76
C HIS A 74 -16.23 10.45 -2.29
N HIS A 75 -14.98 10.35 -1.80
CA HIS A 75 -14.09 11.49 -1.49
C HIS A 75 -12.69 11.23 -2.11
N HIS A 76 -11.93 12.30 -2.39
CA HIS A 76 -10.58 12.21 -3.01
C HIS A 76 -9.46 12.37 -1.97
N HIS A 77 -9.84 12.69 -0.71
CA HIS A 77 -8.91 13.08 0.38
C HIS A 77 -8.15 14.38 0.00
N HIS A 78 -8.78 15.17 -0.89
CA HIS A 78 -8.20 16.39 -1.48
C HIS A 78 -9.33 17.14 -2.22
N ALA A 1 -4.96 4.64 -4.67
CA ALA A 1 -3.81 3.91 -4.11
C ALA A 1 -3.00 4.85 -3.20
N GLU A 2 -3.36 4.85 -1.90
CA GLU A 2 -2.78 5.77 -0.89
C GLU A 2 -1.60 5.05 -0.21
N ILE A 3 -0.41 5.60 -0.34
CA ILE A 3 0.78 5.08 0.35
C ILE A 3 0.66 5.40 1.83
N MET A 4 0.55 4.35 2.66
CA MET A 4 0.52 4.48 4.12
C MET A 4 1.48 3.44 4.71
N LYS A 5 2.33 3.87 5.65
CA LYS A 5 3.25 2.99 6.37
C LYS A 5 2.44 2.12 7.35
N LYS A 6 2.92 0.89 7.65
CA LYS A 6 2.18 -0.11 8.47
C LYS A 6 1.69 0.49 9.81
N THR A 7 2.51 1.38 10.40
CA THR A 7 2.16 2.13 11.63
C THR A 7 0.88 2.99 11.44
N ASP A 8 0.88 3.88 10.43
CA ASP A 8 -0.27 4.78 10.13
C ASP A 8 -1.52 3.97 9.74
N PHE A 9 -1.26 2.95 8.91
CA PHE A 9 -2.26 2.04 8.39
C PHE A 9 -2.95 1.25 9.50
N ASP A 10 -2.16 0.82 10.51
CA ASP A 10 -2.64 -0.04 11.62
C ASP A 10 -3.89 0.56 12.29
N LYS A 11 -3.83 1.89 12.52
CA LYS A 11 -4.89 2.67 13.18
C LYS A 11 -6.25 2.55 12.43
N VAL A 12 -6.21 2.26 11.12
CA VAL A 12 -7.42 2.12 10.27
C VAL A 12 -7.39 0.79 9.49
N ALA A 13 -6.63 -0.21 9.98
CA ALA A 13 -6.42 -1.51 9.28
C ALA A 13 -7.76 -2.26 9.06
N SER A 14 -8.67 -2.14 10.05
CA SER A 14 -10.00 -2.80 10.01
C SER A 14 -10.97 -2.12 9.01
N GLU A 15 -10.56 -0.97 8.42
CA GLU A 15 -11.29 -0.30 7.32
C GLU A 15 -10.84 -0.84 5.96
N TYR A 16 -9.81 -1.72 5.94
CA TYR A 16 -9.19 -2.22 4.68
C TYR A 16 -9.10 -3.75 4.67
N THR A 17 -9.08 -4.33 3.47
CA THR A 17 -9.10 -5.79 3.25
C THR A 17 -7.94 -6.18 2.30
N LYS A 18 -7.09 -7.12 2.72
CA LYS A 18 -5.88 -7.50 1.96
C LYS A 18 -6.26 -8.30 0.72
N ILE A 19 -5.92 -7.78 -0.46
CA ILE A 19 -6.20 -8.45 -1.75
C ILE A 19 -4.94 -9.11 -2.33
N GLY A 20 -3.77 -8.76 -1.75
CA GLY A 20 -2.50 -9.28 -2.21
C GLY A 20 -1.31 -8.56 -1.59
N THR A 21 -0.11 -8.92 -2.07
CA THR A 21 1.15 -8.24 -1.74
C THR A 21 1.96 -8.00 -3.03
N ILE A 22 2.49 -6.78 -3.18
CA ILE A 22 3.38 -6.40 -4.31
C ILE A 22 4.81 -6.16 -3.76
N SER A 23 5.80 -6.22 -4.65
CA SER A 23 7.21 -6.00 -4.30
C SER A 23 8.00 -5.50 -5.52
N THR A 24 8.88 -4.52 -5.28
CA THR A 24 9.72 -3.90 -6.33
C THR A 24 10.96 -4.77 -6.63
N THR A 25 11.66 -4.45 -7.72
CA THR A 25 12.86 -5.19 -8.16
C THR A 25 14.00 -5.08 -7.11
N GLY A 26 14.40 -3.83 -6.79
CA GLY A 26 15.47 -3.58 -5.83
C GLY A 26 16.13 -2.22 -6.04
N GLU A 27 16.39 -1.50 -4.91
CA GLU A 27 17.07 -0.18 -4.87
C GLU A 27 16.31 0.91 -5.65
N MET A 28 15.55 1.73 -4.94
CA MET A 28 14.96 2.98 -5.46
C MET A 28 14.89 4.02 -4.32
N SER A 29 14.97 5.30 -4.71
CA SER A 29 14.68 6.43 -3.80
C SER A 29 13.19 6.33 -3.36
N PRO A 30 12.88 6.33 -2.01
CA PRO A 30 11.53 5.97 -1.46
C PRO A 30 10.35 6.73 -2.09
N LEU A 31 10.57 7.97 -2.54
CA LEU A 31 9.52 8.79 -3.20
C LEU A 31 9.09 8.09 -4.52
N ASP A 32 10.09 7.72 -5.33
CA ASP A 32 9.88 7.07 -6.64
C ASP A 32 9.44 5.60 -6.47
N ALA A 33 9.86 4.98 -5.35
CA ALA A 33 9.41 3.63 -4.98
C ALA A 33 7.90 3.62 -4.73
N ARG A 34 7.42 4.66 -4.02
CA ARG A 34 5.99 4.85 -3.73
C ARG A 34 5.18 5.00 -5.03
N GLU A 35 5.73 5.75 -6.00
CA GLU A 35 5.10 5.99 -7.32
C GLU A 35 4.89 4.67 -8.07
N ASP A 36 5.93 3.81 -8.03
CA ASP A 36 5.92 2.47 -8.65
C ASP A 36 4.86 1.58 -7.97
N LEU A 37 4.80 1.65 -6.63
CA LEU A 37 3.84 0.89 -5.80
C LEU A 37 2.38 1.37 -6.01
N ILE A 38 2.19 2.69 -6.28
CA ILE A 38 0.86 3.28 -6.61
C ILE A 38 0.41 2.75 -7.98
N LYS A 39 1.38 2.70 -8.92
CA LYS A 39 1.15 2.19 -10.29
C LYS A 39 0.70 0.72 -10.26
N LYS A 40 1.41 -0.12 -9.46
CA LYS A 40 1.08 -1.55 -9.28
C LYS A 40 -0.32 -1.71 -8.64
N ALA A 41 -0.57 -0.91 -7.59
CA ALA A 41 -1.86 -0.92 -6.88
C ALA A 41 -2.99 -0.37 -7.76
N ASP A 42 -2.67 0.45 -8.76
CA ASP A 42 -3.64 0.93 -9.76
C ASP A 42 -4.03 -0.25 -10.68
N GLU A 43 -2.99 -0.98 -11.15
CA GLU A 43 -3.15 -2.21 -11.96
C GLU A 43 -4.06 -3.24 -11.24
N LYS A 44 -3.91 -3.32 -9.90
CA LYS A 44 -4.73 -4.21 -9.03
C LYS A 44 -6.03 -3.52 -8.50
N GLY A 45 -6.16 -2.18 -8.69
CA GLY A 45 -7.31 -1.42 -8.16
C GLY A 45 -7.35 -1.30 -6.62
N ALA A 46 -6.21 -1.59 -5.95
CA ALA A 46 -6.07 -1.49 -4.49
C ALA A 46 -6.13 -0.03 -4.01
N ASP A 47 -6.91 0.22 -2.94
CA ASP A 47 -7.18 1.58 -2.43
C ASP A 47 -6.02 2.10 -1.59
N VAL A 48 -5.29 1.19 -0.92
CA VAL A 48 -4.13 1.52 -0.04
C VAL A 48 -2.95 0.57 -0.33
N VAL A 49 -1.72 1.13 -0.25
CA VAL A 49 -0.46 0.41 -0.36
C VAL A 49 0.27 0.52 0.99
N VAL A 50 0.46 -0.61 1.68
CA VAL A 50 0.97 -0.66 3.06
C VAL A 50 2.48 -0.96 3.07
N LEU A 51 3.29 0.09 3.33
CA LEU A 51 4.76 -0.03 3.41
C LEU A 51 5.17 -0.93 4.58
N THR A 52 5.49 -2.19 4.25
CA THR A 52 6.10 -3.15 5.19
C THR A 52 7.61 -3.32 4.84
N SER A 53 8.11 -2.42 3.98
CA SER A 53 9.52 -2.34 3.60
C SER A 53 10.36 -1.73 4.72
N GLY A 54 11.53 -2.32 5.00
CA GLY A 54 12.55 -1.69 5.82
C GLY A 54 13.14 -0.49 5.08
N GLN A 55 12.58 0.70 5.36
CA GLN A 55 12.84 1.93 4.60
C GLN A 55 14.23 2.51 4.93
N THR A 56 15.26 1.91 4.31
CA THR A 56 16.67 2.33 4.44
C THR A 56 17.13 3.14 3.21
N GLU A 57 16.25 3.19 2.17
CA GLU A 57 16.47 3.86 0.88
C GLU A 57 17.41 3.05 -0.05
N ASN A 58 18.66 2.81 0.43
CA ASN A 58 19.74 2.21 -0.38
C ASN A 58 19.37 0.80 -0.86
N LYS A 59 19.43 -0.19 0.05
CA LYS A 59 19.19 -1.60 -0.30
C LYS A 59 17.81 -2.02 0.22
N ILE A 60 16.79 -1.77 -0.61
CA ILE A 60 15.41 -2.18 -0.35
C ILE A 60 14.98 -3.16 -1.46
N HIS A 61 14.06 -4.08 -1.13
CA HIS A 61 13.34 -4.89 -2.13
C HIS A 61 11.87 -4.42 -2.24
N GLY A 62 11.52 -3.42 -1.40
CA GLY A 62 10.29 -2.63 -1.54
C GLY A 62 9.00 -3.45 -1.57
N THR A 63 8.71 -4.14 -0.46
CA THR A 63 7.51 -4.98 -0.35
C THR A 63 6.42 -4.22 0.40
N ALA A 64 5.25 -4.14 -0.22
CA ALA A 64 4.10 -3.44 0.32
C ALA A 64 2.84 -4.28 0.11
N ASP A 65 2.05 -4.45 1.16
CA ASP A 65 0.83 -5.28 1.12
C ASP A 65 -0.32 -4.40 0.64
N ILE A 66 -1.05 -4.83 -0.40
CA ILE A 66 -2.10 -4.00 -1.01
C ILE A 66 -3.49 -4.39 -0.48
N TYR A 67 -4.25 -3.34 -0.14
CA TYR A 67 -5.55 -3.42 0.52
C TYR A 67 -6.57 -2.60 -0.28
N LYS A 68 -7.84 -2.95 -0.08
CA LYS A 68 -8.98 -2.21 -0.62
C LYS A 68 -9.85 -1.70 0.52
N LYS A 69 -10.49 -0.55 0.29
CA LYS A 69 -11.37 0.10 1.25
C LYS A 69 -12.67 -0.73 1.33
N LYS A 70 -12.95 -1.26 2.53
CA LYS A 70 -14.12 -2.13 2.76
C LYS A 70 -15.43 -1.34 2.55
N LEU A 71 -16.29 -1.89 1.69
CA LEU A 71 -17.61 -1.33 1.35
C LEU A 71 -17.48 0.05 0.64
N GLU A 72 -16.32 0.26 -0.04
CA GLU A 72 -16.07 1.50 -0.80
C GLU A 72 -16.98 1.54 -2.05
N HIS A 73 -17.64 2.69 -2.19
CA HIS A 73 -18.60 3.02 -3.23
C HIS A 73 -19.23 4.38 -2.84
N HIS A 74 -18.75 5.46 -3.48
CA HIS A 74 -19.32 6.83 -3.33
C HIS A 74 -18.97 7.47 -1.95
N HIS A 75 -17.95 6.91 -1.26
CA HIS A 75 -17.45 7.50 0.01
C HIS A 75 -16.61 8.76 -0.28
N HIS A 76 -16.22 9.48 0.78
CA HIS A 76 -15.42 10.73 0.68
C HIS A 76 -13.90 10.44 0.50
N HIS A 77 -13.59 9.42 -0.32
CA HIS A 77 -12.22 9.17 -0.80
C HIS A 77 -11.76 10.35 -1.69
N HIS A 78 -12.70 10.85 -2.50
CA HIS A 78 -12.53 12.07 -3.29
C HIS A 78 -13.17 13.24 -2.51
N ALA A 1 -4.94 4.77 -4.73
CA ALA A 1 -3.86 3.96 -4.12
C ALA A 1 -2.96 4.88 -3.28
N GLU A 2 -3.36 5.12 -2.01
CA GLU A 2 -2.69 6.09 -1.12
C GLU A 2 -1.52 5.44 -0.36
N ILE A 3 -0.36 6.12 -0.38
CA ILE A 3 0.87 5.69 0.29
C ILE A 3 0.76 5.95 1.82
N MET A 4 0.63 4.87 2.60
CA MET A 4 0.71 4.91 4.08
C MET A 4 1.58 3.75 4.55
N LYS A 5 2.31 3.93 5.66
CA LYS A 5 3.12 2.85 6.25
C LYS A 5 2.22 1.94 7.11
N LYS A 6 2.73 0.76 7.48
CA LYS A 6 2.00 -0.18 8.36
C LYS A 6 1.61 0.52 9.69
N THR A 7 2.55 1.32 10.23
CA THR A 7 2.37 2.12 11.47
C THR A 7 1.07 2.97 11.45
N ASP A 8 0.88 3.71 10.34
CA ASP A 8 -0.24 4.65 10.17
C ASP A 8 -1.54 3.89 9.84
N PHE A 9 -1.38 2.94 8.91
CA PHE A 9 -2.50 2.16 8.34
C PHE A 9 -3.19 1.28 9.39
N ASP A 10 -2.39 0.69 10.30
CA ASP A 10 -2.84 -0.30 11.31
C ASP A 10 -4.11 0.16 12.06
N LYS A 11 -4.11 1.46 12.42
CA LYS A 11 -5.18 2.11 13.19
C LYS A 11 -6.57 2.00 12.50
N VAL A 12 -6.57 2.02 11.14
CA VAL A 12 -7.80 1.98 10.32
C VAL A 12 -7.92 0.63 9.56
N ALA A 13 -7.02 -0.34 9.87
CA ALA A 13 -6.93 -1.63 9.11
C ALA A 13 -8.25 -2.43 9.10
N SER A 14 -9.09 -2.17 10.13
CA SER A 14 -10.41 -2.79 10.33
C SER A 14 -11.36 -2.57 9.12
N GLU A 15 -11.14 -1.46 8.38
CA GLU A 15 -11.97 -1.09 7.22
C GLU A 15 -11.26 -1.40 5.89
N TYR A 16 -10.26 -2.30 5.91
CA TYR A 16 -9.52 -2.67 4.69
C TYR A 16 -9.30 -4.19 4.60
N THR A 17 -9.18 -4.67 3.35
CA THR A 17 -9.05 -6.09 2.99
C THR A 17 -7.77 -6.31 2.17
N LYS A 18 -6.84 -7.14 2.69
CA LYS A 18 -5.57 -7.46 2.04
C LYS A 18 -5.83 -8.29 0.78
N ILE A 19 -5.61 -7.68 -0.39
CA ILE A 19 -5.85 -8.34 -1.69
C ILE A 19 -4.53 -8.91 -2.27
N GLY A 20 -3.40 -8.56 -1.62
CA GLY A 20 -2.09 -9.08 -2.02
C GLY A 20 -0.94 -8.29 -1.43
N THR A 21 0.29 -8.63 -1.86
CA THR A 21 1.51 -7.86 -1.57
C THR A 21 2.28 -7.67 -2.89
N ILE A 22 2.85 -6.48 -3.08
CA ILE A 22 3.68 -6.14 -4.25
C ILE A 22 5.11 -5.78 -3.79
N SER A 23 6.03 -5.65 -4.75
CA SER A 23 7.46 -5.38 -4.49
C SER A 23 8.09 -4.66 -5.70
N THR A 24 9.03 -3.74 -5.45
CA THR A 24 9.66 -2.92 -6.48
C THR A 24 10.73 -3.72 -7.25
N THR A 25 10.60 -3.77 -8.59
CA THR A 25 11.54 -4.45 -9.48
C THR A 25 12.87 -3.68 -9.50
N GLY A 26 13.94 -4.35 -9.06
CA GLY A 26 15.27 -3.76 -9.01
C GLY A 26 15.49 -2.96 -7.73
N GLU A 27 16.01 -1.73 -7.86
CA GLU A 27 16.32 -0.85 -6.72
C GLU A 27 16.35 0.62 -7.18
N MET A 28 15.58 1.48 -6.48
CA MET A 28 15.63 2.95 -6.62
C MET A 28 15.32 3.60 -5.27
N SER A 29 15.33 4.93 -5.26
CA SER A 29 14.97 5.73 -4.07
C SER A 29 13.50 5.44 -3.68
N PRO A 30 13.20 5.16 -2.36
CA PRO A 30 11.82 4.97 -1.83
C PRO A 30 10.78 6.01 -2.32
N LEU A 31 11.23 7.25 -2.63
CA LEU A 31 10.39 8.32 -3.18
C LEU A 31 9.85 7.92 -4.57
N ASP A 32 10.75 7.44 -5.45
CA ASP A 32 10.39 6.94 -6.80
C ASP A 32 9.63 5.60 -6.68
N ALA A 33 10.04 4.79 -5.69
CA ALA A 33 9.45 3.47 -5.41
C ALA A 33 7.96 3.56 -5.04
N ARG A 34 7.58 4.68 -4.37
CA ARG A 34 6.17 5.00 -4.04
C ARG A 34 5.31 4.93 -5.32
N GLU A 35 5.80 5.58 -6.39
CA GLU A 35 5.08 5.73 -7.67
C GLU A 35 4.89 4.36 -8.37
N ASP A 36 5.90 3.48 -8.24
CA ASP A 36 5.85 2.12 -8.78
C ASP A 36 4.79 1.29 -8.04
N LEU A 37 4.81 1.40 -6.71
CA LEU A 37 3.86 0.73 -5.82
C LEU A 37 2.41 1.25 -6.05
N ILE A 38 2.28 2.57 -6.33
CA ILE A 38 0.99 3.20 -6.68
C ILE A 38 0.46 2.64 -8.01
N LYS A 39 1.36 2.51 -9.01
CA LYS A 39 1.00 1.99 -10.35
C LYS A 39 0.47 0.54 -10.25
N LYS A 40 1.23 -0.32 -9.54
CA LYS A 40 0.86 -1.74 -9.34
C LYS A 40 -0.47 -1.86 -8.59
N ALA A 41 -0.57 -1.13 -7.46
CA ALA A 41 -1.75 -1.16 -6.58
C ALA A 41 -3.01 -0.64 -7.30
N ASP A 42 -2.85 0.38 -8.16
CA ASP A 42 -3.95 0.95 -8.95
C ASP A 42 -4.42 -0.06 -10.00
N GLU A 43 -3.44 -0.73 -10.63
CA GLU A 43 -3.68 -1.83 -11.58
C GLU A 43 -4.40 -3.02 -10.89
N LYS A 44 -4.15 -3.19 -9.59
CA LYS A 44 -4.85 -4.20 -8.75
C LYS A 44 -6.15 -3.65 -8.13
N GLY A 45 -6.38 -2.33 -8.29
CA GLY A 45 -7.58 -1.65 -7.74
C GLY A 45 -7.52 -1.37 -6.24
N ALA A 46 -6.35 -1.60 -5.62
CA ALA A 46 -6.10 -1.40 -4.18
C ALA A 46 -6.18 0.09 -3.79
N ASP A 47 -6.95 0.37 -2.72
CA ASP A 47 -7.21 1.74 -2.25
C ASP A 47 -6.03 2.27 -1.41
N VAL A 48 -5.30 1.37 -0.72
CA VAL A 48 -4.12 1.75 0.08
C VAL A 48 -2.92 0.87 -0.28
N VAL A 49 -1.77 1.53 -0.41
CA VAL A 49 -0.45 0.90 -0.50
C VAL A 49 0.21 0.99 0.88
N VAL A 50 0.32 -0.14 1.56
CA VAL A 50 0.82 -0.23 2.94
C VAL A 50 2.30 -0.61 2.94
N LEU A 51 3.16 0.40 3.16
CA LEU A 51 4.61 0.24 3.20
C LEU A 51 5.01 -0.62 4.42
N THR A 52 5.04 -1.94 4.17
CA THR A 52 5.43 -2.95 5.15
C THR A 52 6.96 -3.20 5.10
N SER A 53 7.62 -2.61 4.08
CA SER A 53 9.10 -2.61 3.96
C SER A 53 9.75 -1.87 5.14
N GLY A 54 10.97 -2.31 5.50
CA GLY A 54 11.80 -1.63 6.51
C GLY A 54 12.12 -0.19 6.14
N GLN A 55 12.15 0.08 4.81
CA GLN A 55 12.21 1.46 4.23
C GLN A 55 13.49 2.19 4.68
N THR A 56 14.54 1.41 4.99
CA THR A 56 15.79 1.92 5.56
C THR A 56 16.56 2.84 4.60
N GLU A 57 16.27 2.68 3.29
CA GLU A 57 16.88 3.45 2.19
C GLU A 57 18.41 3.26 2.18
N ASN A 58 18.81 2.03 1.84
CA ASN A 58 20.21 1.58 1.78
C ASN A 58 20.22 0.23 1.05
N LYS A 59 19.47 -0.73 1.62
CA LYS A 59 19.24 -2.05 1.03
C LYS A 59 17.79 -2.46 1.28
N ILE A 60 16.93 -2.31 0.26
CA ILE A 60 15.50 -2.68 0.33
C ILE A 60 15.07 -3.40 -0.96
N HIS A 61 14.13 -4.34 -0.82
CA HIS A 61 13.43 -4.99 -1.95
C HIS A 61 12.18 -4.17 -2.32
N GLY A 62 11.72 -3.34 -1.34
CA GLY A 62 10.63 -2.39 -1.54
C GLY A 62 9.26 -3.06 -1.62
N THR A 63 8.86 -3.71 -0.53
CA THR A 63 7.58 -4.46 -0.47
C THR A 63 6.50 -3.63 0.23
N ALA A 64 5.25 -3.78 -0.24
CA ALA A 64 4.09 -3.08 0.31
C ALA A 64 2.84 -3.95 0.15
N ASP A 65 2.12 -4.18 1.25
CA ASP A 65 0.85 -4.93 1.24
C ASP A 65 -0.26 -4.04 0.70
N ILE A 66 -0.98 -4.52 -0.30
CA ILE A 66 -2.04 -3.73 -0.94
C ILE A 66 -3.42 -4.15 -0.41
N TYR A 67 -4.23 -3.13 -0.06
CA TYR A 67 -5.53 -3.29 0.58
C TYR A 67 -6.59 -2.50 -0.17
N LYS A 68 -7.83 -2.98 -0.11
CA LYS A 68 -9.00 -2.27 -0.63
C LYS A 68 -9.90 -1.84 0.52
N LYS A 69 -10.53 -0.66 0.35
CA LYS A 69 -11.44 -0.08 1.34
C LYS A 69 -12.76 -0.87 1.29
N LYS A 70 -13.06 -1.59 2.38
CA LYS A 70 -14.29 -2.38 2.55
C LYS A 70 -15.53 -1.54 2.20
N LEU A 71 -16.06 -1.76 0.98
CA LEU A 71 -17.25 -1.05 0.48
C LEU A 71 -18.45 -1.35 1.37
N GLU A 72 -19.02 -0.30 1.94
CA GLU A 72 -20.06 -0.39 2.97
C GLU A 72 -20.83 0.93 3.04
N HIS A 73 -22.11 0.86 3.41
CA HIS A 73 -22.93 2.04 3.73
C HIS A 73 -22.42 2.64 5.06
N HIS A 74 -21.30 3.38 4.96
CA HIS A 74 -20.54 3.86 6.12
C HIS A 74 -21.24 5.10 6.71
N HIS A 75 -21.60 6.03 5.81
CA HIS A 75 -22.47 7.18 6.10
C HIS A 75 -23.49 7.31 4.95
N HIS A 76 -24.77 7.45 5.31
CA HIS A 76 -25.90 7.53 4.33
C HIS A 76 -26.26 8.99 3.99
N HIS A 77 -25.87 9.93 4.87
CA HIS A 77 -26.23 11.36 4.74
C HIS A 77 -24.98 12.25 4.91
N HIS A 78 -23.79 11.62 4.74
CA HIS A 78 -22.47 12.26 4.96
C HIS A 78 -22.36 12.75 6.43
N ALA A 1 -5.09 4.50 -5.29
CA ALA A 1 -3.97 3.86 -4.58
C ALA A 1 -3.05 4.93 -3.96
N GLU A 2 -3.18 5.13 -2.63
CA GLU A 2 -2.35 6.11 -1.88
C GLU A 2 -1.29 5.37 -1.05
N ILE A 3 -0.14 6.01 -0.82
CA ILE A 3 0.92 5.45 0.03
C ILE A 3 0.64 5.78 1.50
N MET A 4 0.56 4.73 2.33
CA MET A 4 0.51 4.85 3.79
C MET A 4 1.60 3.94 4.38
N LYS A 5 2.23 4.43 5.46
CA LYS A 5 3.24 3.65 6.22
C LYS A 5 2.51 2.60 7.08
N LYS A 6 3.20 1.47 7.36
CA LYS A 6 2.64 0.30 8.09
C LYS A 6 1.95 0.72 9.42
N THR A 7 2.63 1.61 10.18
CA THR A 7 2.17 2.05 11.52
C THR A 7 0.91 2.95 11.45
N ASP A 8 0.83 3.79 10.41
CA ASP A 8 -0.32 4.70 10.18
C ASP A 8 -1.54 3.92 9.72
N PHE A 9 -1.28 2.92 8.86
CA PHE A 9 -2.32 2.05 8.31
C PHE A 9 -2.91 1.15 9.41
N ASP A 10 -2.04 0.61 10.27
CA ASP A 10 -2.39 -0.35 11.33
C ASP A 10 -3.64 0.11 12.13
N LYS A 11 -3.66 1.42 12.44
CA LYS A 11 -4.73 2.08 13.22
C LYS A 11 -6.13 1.91 12.56
N VAL A 12 -6.15 1.94 11.21
CA VAL A 12 -7.40 1.83 10.43
C VAL A 12 -7.50 0.49 9.68
N ALA A 13 -6.64 -0.50 10.05
CA ALA A 13 -6.50 -1.79 9.32
C ALA A 13 -7.85 -2.54 9.13
N SER A 14 -8.70 -2.49 10.15
CA SER A 14 -10.01 -3.20 10.17
C SER A 14 -10.97 -2.71 9.07
N GLU A 15 -10.77 -1.45 8.61
CA GLU A 15 -11.62 -0.84 7.57
C GLU A 15 -11.23 -1.35 6.17
N TYR A 16 -10.10 -2.08 6.06
CA TYR A 16 -9.55 -2.53 4.77
C TYR A 16 -9.37 -4.05 4.75
N THR A 17 -9.25 -4.60 3.54
CA THR A 17 -9.13 -6.05 3.29
C THR A 17 -8.02 -6.29 2.25
N LYS A 18 -6.97 -7.02 2.64
CA LYS A 18 -5.79 -7.28 1.79
C LYS A 18 -6.19 -8.16 0.61
N ILE A 19 -5.83 -7.69 -0.60
CA ILE A 19 -6.15 -8.39 -1.85
C ILE A 19 -4.87 -8.95 -2.51
N GLY A 20 -3.70 -8.69 -1.88
CA GLY A 20 -2.42 -9.25 -2.31
C GLY A 20 -1.23 -8.48 -1.76
N THR A 21 -0.01 -8.85 -2.18
CA THR A 21 1.20 -8.04 -1.96
C THR A 21 1.81 -7.67 -3.32
N ILE A 22 2.27 -6.42 -3.46
CA ILE A 22 3.07 -5.97 -4.60
C ILE A 22 4.50 -5.69 -4.14
N SER A 23 5.41 -5.51 -5.10
CA SER A 23 6.84 -5.34 -4.85
C SER A 23 7.50 -4.71 -6.08
N THR A 24 8.51 -3.86 -5.84
CA THR A 24 9.30 -3.23 -6.90
C THR A 24 10.23 -4.24 -7.57
N THR A 25 10.43 -4.12 -8.89
CA THR A 25 11.39 -4.97 -9.63
C THR A 25 12.82 -4.51 -9.30
N GLY A 26 13.41 -5.12 -8.26
CA GLY A 26 14.71 -4.72 -7.72
C GLY A 26 14.59 -3.70 -6.59
N GLU A 27 15.71 -3.42 -5.93
CA GLU A 27 15.81 -2.41 -4.86
C GLU A 27 16.05 -1.04 -5.51
N MET A 28 15.30 -0.02 -5.06
CA MET A 28 15.32 1.32 -5.66
C MET A 28 15.20 2.40 -4.57
N SER A 29 15.30 3.67 -5.00
CA SER A 29 15.10 4.85 -4.14
C SER A 29 13.68 4.82 -3.54
N PRO A 30 13.52 4.99 -2.17
CA PRO A 30 12.21 4.77 -1.47
C PRO A 30 11.05 5.63 -2.02
N LEU A 31 11.35 6.87 -2.43
CA LEU A 31 10.34 7.79 -2.99
C LEU A 31 9.92 7.33 -4.40
N ASP A 32 10.89 6.81 -5.17
CA ASP A 32 10.67 6.23 -6.52
C ASP A 32 9.89 4.89 -6.41
N ALA A 33 10.16 4.16 -5.33
CA ALA A 33 9.50 2.89 -5.00
C ALA A 33 8.01 3.12 -4.76
N ARG A 34 7.71 4.16 -3.97
CA ARG A 34 6.33 4.58 -3.66
C ARG A 34 5.46 4.76 -4.93
N GLU A 35 6.03 5.46 -5.94
CA GLU A 35 5.36 5.74 -7.22
C GLU A 35 5.04 4.43 -7.98
N ASP A 36 6.04 3.55 -7.99
CA ASP A 36 5.94 2.21 -8.62
C ASP A 36 4.82 1.39 -7.97
N LEU A 37 4.74 1.51 -6.64
CA LEU A 37 3.76 0.80 -5.81
C LEU A 37 2.34 1.39 -5.99
N ILE A 38 2.23 2.72 -6.24
CA ILE A 38 0.93 3.36 -6.58
C ILE A 38 0.40 2.80 -7.90
N LYS A 39 1.29 2.75 -8.92
CA LYS A 39 0.95 2.25 -10.27
C LYS A 39 0.49 0.78 -10.23
N LYS A 40 1.31 -0.08 -9.58
CA LYS A 40 1.01 -1.52 -9.41
C LYS A 40 -0.32 -1.73 -8.69
N ALA A 41 -0.50 -1.06 -7.54
CA ALA A 41 -1.73 -1.16 -6.73
C ALA A 41 -2.96 -0.63 -7.47
N ASP A 42 -2.76 0.35 -8.37
CA ASP A 42 -3.85 0.88 -9.21
C ASP A 42 -4.32 -0.19 -10.22
N GLU A 43 -3.36 -0.87 -10.87
CA GLU A 43 -3.64 -2.06 -11.71
C GLU A 43 -4.35 -3.16 -10.91
N LYS A 44 -3.98 -3.29 -9.63
CA LYS A 44 -4.57 -4.26 -8.70
C LYS A 44 -5.91 -3.78 -8.09
N GLY A 45 -6.28 -2.50 -8.34
CA GLY A 45 -7.55 -1.92 -7.85
C GLY A 45 -7.63 -1.77 -6.32
N ALA A 46 -6.48 -1.47 -5.71
CA ALA A 46 -6.34 -1.30 -4.25
C ALA A 46 -6.42 0.20 -3.87
N ASP A 47 -6.98 0.45 -2.69
CA ASP A 47 -7.20 1.83 -2.17
C ASP A 47 -5.98 2.32 -1.41
N VAL A 48 -5.39 1.46 -0.54
CA VAL A 48 -4.18 1.80 0.22
C VAL A 48 -3.03 0.86 -0.17
N VAL A 49 -1.83 1.46 -0.26
CA VAL A 49 -0.56 0.78 -0.50
C VAL A 49 0.26 0.90 0.80
N VAL A 50 0.40 -0.22 1.50
CA VAL A 50 0.95 -0.27 2.88
C VAL A 50 2.42 -0.66 2.83
N LEU A 51 3.31 0.33 3.06
CA LEU A 51 4.77 0.12 3.05
C LEU A 51 5.19 -0.97 4.05
N THR A 52 5.38 -2.19 3.52
CA THR A 52 5.79 -3.35 4.29
C THR A 52 7.29 -3.28 4.58
N SER A 53 8.05 -2.98 3.51
CA SER A 53 9.50 -2.76 3.57
C SER A 53 9.82 -1.39 4.22
N GLY A 54 8.78 -0.54 4.33
CA GLY A 54 8.91 0.80 4.88
C GLY A 54 9.42 1.78 3.84
N GLN A 55 10.31 2.67 4.29
CA GLN A 55 10.90 3.72 3.46
C GLN A 55 12.24 4.18 4.06
N THR A 56 12.87 5.17 3.41
CA THR A 56 14.23 5.69 3.75
C THR A 56 15.32 4.65 3.39
N GLU A 57 16.44 5.11 2.77
CA GLU A 57 17.54 4.23 2.34
C GLU A 57 18.29 3.66 3.57
N ASN A 58 17.77 2.55 4.08
CA ASN A 58 18.34 1.79 5.21
C ASN A 58 18.29 0.29 4.85
N LYS A 59 18.54 0.03 3.55
CA LYS A 59 18.45 -1.30 2.91
C LYS A 59 16.97 -1.73 2.77
N ILE A 60 16.19 -0.87 2.08
CA ILE A 60 14.79 -1.17 1.71
C ILE A 60 14.74 -1.74 0.29
N HIS A 61 13.68 -2.50 -0.01
CA HIS A 61 13.42 -3.04 -1.35
C HIS A 61 12.40 -2.16 -2.06
N GLY A 62 11.21 -2.05 -1.44
CA GLY A 62 10.06 -1.39 -2.04
C GLY A 62 8.91 -2.39 -2.19
N THR A 63 8.63 -3.13 -1.11
CA THR A 63 7.53 -4.10 -1.05
C THR A 63 6.38 -3.50 -0.22
N ALA A 64 5.12 -3.72 -0.65
CA ALA A 64 3.94 -3.12 -0.02
C ALA A 64 2.71 -4.05 -0.09
N ASP A 65 1.99 -4.16 1.03
CA ASP A 65 0.73 -4.90 1.12
C ASP A 65 -0.39 -4.05 0.51
N ILE A 66 -1.18 -4.59 -0.43
CA ILE A 66 -2.28 -3.82 -1.05
C ILE A 66 -3.63 -4.16 -0.38
N TYR A 67 -4.38 -3.10 -0.04
CA TYR A 67 -5.63 -3.19 0.71
C TYR A 67 -6.75 -2.46 -0.01
N LYS A 68 -7.90 -3.11 -0.02
CA LYS A 68 -9.13 -2.68 -0.68
C LYS A 68 -10.16 -2.41 0.44
N LYS A 69 -10.72 -1.18 0.47
CA LYS A 69 -11.54 -0.72 1.61
C LYS A 69 -12.91 -1.42 1.63
N LYS A 70 -13.28 -1.93 2.82
CA LYS A 70 -14.61 -2.50 3.08
C LYS A 70 -15.70 -1.40 2.95
N LEU A 71 -16.84 -1.78 2.34
CA LEU A 71 -18.01 -0.90 2.22
C LEU A 71 -19.19 -1.52 2.98
N GLU A 72 -19.20 -1.30 4.32
CA GLU A 72 -20.21 -1.84 5.26
C GLU A 72 -20.36 -3.38 5.11
N HIS A 73 -19.43 -4.11 5.75
CA HIS A 73 -19.48 -5.58 5.78
C HIS A 73 -20.51 -6.02 6.82
N HIS A 74 -21.65 -6.52 6.33
CA HIS A 74 -22.70 -7.10 7.18
C HIS A 74 -22.22 -8.47 7.72
N HIS A 75 -22.75 -8.85 8.89
CA HIS A 75 -22.35 -10.08 9.60
C HIS A 75 -22.64 -11.33 8.74
N HIS A 76 -23.78 -11.29 8.00
CA HIS A 76 -24.18 -12.33 7.03
C HIS A 76 -24.30 -13.71 7.73
N HIS A 77 -25.38 -13.87 8.51
CA HIS A 77 -25.63 -15.09 9.32
C HIS A 77 -27.12 -15.46 9.28
N HIS A 78 -27.45 -16.36 8.32
CA HIS A 78 -28.81 -16.90 8.10
C HIS A 78 -29.81 -15.77 7.73
N ALA A 1 -4.76 4.24 -4.93
CA ALA A 1 -3.69 3.48 -4.24
C ALA A 1 -2.74 4.43 -3.50
N GLU A 2 -3.13 4.85 -2.28
CA GLU A 2 -2.36 5.80 -1.46
C GLU A 2 -1.30 5.07 -0.63
N ILE A 3 -0.07 5.61 -0.61
CA ILE A 3 1.03 5.04 0.17
C ILE A 3 0.89 5.44 1.65
N MET A 4 0.76 4.44 2.53
CA MET A 4 0.88 4.60 3.98
C MET A 4 1.83 3.51 4.51
N LYS A 5 2.61 3.85 5.54
CA LYS A 5 3.48 2.86 6.22
C LYS A 5 2.64 2.06 7.23
N LYS A 6 3.15 0.89 7.65
CA LYS A 6 2.37 -0.16 8.35
C LYS A 6 1.69 0.39 9.64
N THR A 7 2.45 1.14 10.45
CA THR A 7 1.97 1.72 11.71
C THR A 7 0.86 2.78 11.49
N ASP A 8 0.98 3.54 10.38
CA ASP A 8 -0.01 4.57 10.00
C ASP A 8 -1.33 3.91 9.57
N PHE A 9 -1.18 2.87 8.74
CA PHE A 9 -2.30 2.13 8.18
C PHE A 9 -3.05 1.34 9.27
N ASP A 10 -2.29 0.78 10.24
CA ASP A 10 -2.81 -0.14 11.27
C ASP A 10 -4.02 0.48 12.01
N LYS A 11 -3.92 1.80 12.25
CA LYS A 11 -4.93 2.63 12.94
C LYS A 11 -6.33 2.53 12.28
N VAL A 12 -6.34 2.33 10.95
CA VAL A 12 -7.56 2.20 10.13
C VAL A 12 -7.62 0.83 9.39
N ALA A 13 -6.80 -0.15 9.83
CA ALA A 13 -6.67 -1.47 9.16
C ALA A 13 -8.01 -2.21 9.03
N SER A 14 -8.85 -2.10 10.09
CA SER A 14 -10.17 -2.77 10.16
C SER A 14 -11.20 -2.18 9.17
N GLU A 15 -10.82 -1.09 8.48
CA GLU A 15 -11.65 -0.45 7.43
C GLU A 15 -11.24 -0.92 6.03
N TYR A 16 -10.23 -1.82 5.94
CA TYR A 16 -9.67 -2.30 4.66
C TYR A 16 -9.51 -3.84 4.65
N THR A 17 -9.16 -4.39 3.46
CA THR A 17 -9.05 -5.85 3.25
C THR A 17 -7.77 -6.18 2.45
N LYS A 18 -7.00 -7.17 2.95
CA LYS A 18 -5.68 -7.56 2.38
C LYS A 18 -5.91 -8.38 1.10
N ILE A 19 -5.63 -7.78 -0.08
CA ILE A 19 -5.89 -8.42 -1.39
C ILE A 19 -4.62 -9.06 -1.98
N GLY A 20 -3.44 -8.75 -1.39
CA GLY A 20 -2.16 -9.34 -1.84
C GLY A 20 -0.97 -8.55 -1.34
N THR A 21 0.25 -8.93 -1.78
CA THR A 21 1.47 -8.15 -1.54
C THR A 21 2.22 -7.97 -2.87
N ILE A 22 2.70 -6.74 -3.14
CA ILE A 22 3.52 -6.44 -4.34
C ILE A 22 4.90 -5.93 -3.94
N SER A 23 5.83 -5.97 -4.90
CA SER A 23 7.20 -5.45 -4.74
C SER A 23 7.60 -4.68 -6.01
N THR A 24 8.53 -3.72 -5.86
CA THR A 24 9.11 -2.99 -7.00
C THR A 24 10.17 -3.87 -7.71
N THR A 25 10.61 -3.43 -8.91
CA THR A 25 11.56 -4.17 -9.77
C THR A 25 12.84 -4.63 -9.03
N GLY A 26 13.31 -3.80 -8.09
CA GLY A 26 14.43 -4.14 -7.22
C GLY A 26 14.50 -3.18 -6.04
N GLU A 27 15.71 -2.95 -5.51
CA GLU A 27 15.93 -1.95 -4.45
C GLU A 27 15.90 -0.53 -5.06
N MET A 28 14.70 0.06 -5.04
CA MET A 28 14.44 1.39 -5.65
C MET A 28 14.60 2.50 -4.60
N SER A 29 14.66 3.75 -5.08
CA SER A 29 14.75 4.97 -4.24
C SER A 29 13.41 5.15 -3.47
N PRO A 30 13.39 5.87 -2.29
CA PRO A 30 12.24 5.80 -1.35
C PRO A 30 10.90 6.30 -1.95
N LEU A 31 10.90 7.56 -2.45
CA LEU A 31 9.70 8.23 -3.02
C LEU A 31 9.37 7.62 -4.41
N ASP A 32 10.44 7.25 -5.13
CA ASP A 32 10.39 6.64 -6.48
C ASP A 32 9.71 5.24 -6.43
N ALA A 33 10.00 4.48 -5.37
CA ALA A 33 9.43 3.15 -5.11
C ALA A 33 7.94 3.28 -4.82
N ARG A 34 7.60 4.32 -4.03
CA ARG A 34 6.21 4.66 -3.66
C ARG A 34 5.34 4.85 -4.91
N GLU A 35 5.84 5.63 -5.88
CA GLU A 35 5.12 5.93 -7.14
C GLU A 35 4.88 4.66 -7.99
N ASP A 36 5.90 3.78 -8.02
CA ASP A 36 5.84 2.49 -8.73
C ASP A 36 4.74 1.61 -8.10
N LEU A 37 4.71 1.61 -6.76
CA LEU A 37 3.70 0.89 -5.97
C LEU A 37 2.30 1.52 -6.11
N ILE A 38 2.22 2.86 -6.29
CA ILE A 38 0.93 3.56 -6.51
C ILE A 38 0.31 3.04 -7.80
N LYS A 39 1.10 3.08 -8.89
CA LYS A 39 0.60 2.73 -10.23
C LYS A 39 0.21 1.24 -10.30
N LYS A 40 1.14 0.35 -9.87
CA LYS A 40 0.92 -1.11 -9.92
C LYS A 40 -0.22 -1.56 -9.01
N ALA A 41 -0.33 -0.99 -7.80
CA ALA A 41 -1.44 -1.30 -6.88
C ALA A 41 -2.76 -0.77 -7.42
N ASP A 42 -2.73 0.37 -8.14
CA ASP A 42 -3.92 0.92 -8.82
C ASP A 42 -4.38 -0.05 -9.92
N GLU A 43 -3.41 -0.67 -10.63
CA GLU A 43 -3.69 -1.75 -11.61
C GLU A 43 -4.34 -2.97 -10.92
N LYS A 44 -3.89 -3.26 -9.67
CA LYS A 44 -4.50 -4.31 -8.83
C LYS A 44 -5.90 -3.88 -8.31
N GLY A 45 -6.20 -2.56 -8.39
CA GLY A 45 -7.47 -2.01 -7.88
C GLY A 45 -7.44 -1.69 -6.38
N ALA A 46 -6.23 -1.75 -5.78
CA ALA A 46 -6.01 -1.45 -4.36
C ALA A 46 -6.26 0.04 -4.07
N ASP A 47 -6.93 0.31 -2.94
CA ASP A 47 -7.22 1.68 -2.49
C ASP A 47 -6.04 2.21 -1.65
N VAL A 48 -5.34 1.29 -0.94
CA VAL A 48 -4.15 1.64 -0.10
C VAL A 48 -2.99 0.66 -0.40
N VAL A 49 -1.75 1.17 -0.30
CA VAL A 49 -0.51 0.39 -0.40
C VAL A 49 0.25 0.56 0.95
N VAL A 50 0.61 -0.55 1.60
CA VAL A 50 1.08 -0.56 3.01
C VAL A 50 2.54 -1.03 3.09
N LEU A 51 3.48 -0.06 3.28
CA LEU A 51 4.93 -0.34 3.30
C LEU A 51 5.32 -1.27 4.47
N THR A 52 5.45 -2.57 4.16
CA THR A 52 5.77 -3.62 5.15
C THR A 52 7.29 -3.73 5.37
N SER A 53 8.08 -3.41 4.32
CA SER A 53 9.56 -3.31 4.43
C SER A 53 9.97 -1.98 5.11
N GLY A 54 9.00 -1.04 5.17
CA GLY A 54 9.27 0.32 5.63
C GLY A 54 9.65 1.22 4.46
N GLN A 55 10.60 2.14 4.67
CA GLN A 55 11.00 3.12 3.65
C GLN A 55 12.52 3.18 3.48
N THR A 56 13.26 2.57 4.43
CA THR A 56 14.72 2.62 4.51
C THR A 56 15.39 2.19 3.18
N GLU A 57 15.71 3.18 2.34
CA GLU A 57 16.18 2.99 0.93
C GLU A 57 17.50 2.22 0.85
N ASN A 58 18.21 2.15 1.98
CA ASN A 58 19.50 1.46 2.11
C ASN A 58 19.33 -0.07 2.23
N LYS A 59 18.07 -0.56 2.39
CA LYS A 59 17.80 -1.99 2.69
C LYS A 59 16.39 -2.45 2.19
N ILE A 60 15.56 -1.56 1.61
CA ILE A 60 14.20 -1.95 1.09
C ILE A 60 14.24 -2.20 -0.42
N HIS A 61 13.44 -3.18 -0.89
CA HIS A 61 13.23 -3.44 -2.35
C HIS A 61 11.77 -3.14 -2.71
N GLY A 62 11.15 -2.22 -1.95
CA GLY A 62 9.83 -1.67 -2.25
C GLY A 62 8.72 -2.69 -2.15
N THR A 63 8.64 -3.39 -1.00
CA THR A 63 7.60 -4.40 -0.75
C THR A 63 6.53 -3.80 0.16
N ALA A 64 5.28 -3.97 -0.25
CA ALA A 64 4.12 -3.38 0.40
C ALA A 64 2.88 -4.24 0.20
N ASP A 65 2.09 -4.44 1.27
CA ASP A 65 0.83 -5.19 1.21
C ASP A 65 -0.25 -4.27 0.62
N ILE A 66 -0.93 -4.75 -0.42
CA ILE A 66 -2.00 -3.98 -1.08
C ILE A 66 -3.36 -4.33 -0.47
N TYR A 67 -4.16 -3.28 -0.21
CA TYR A 67 -5.47 -3.36 0.45
C TYR A 67 -6.52 -2.60 -0.36
N LYS A 68 -7.77 -3.08 -0.27
CA LYS A 68 -8.95 -2.37 -0.80
C LYS A 68 -9.81 -1.89 0.36
N LYS A 69 -10.53 -0.78 0.14
CA LYS A 69 -11.44 -0.22 1.15
C LYS A 69 -12.69 -1.09 1.25
N LYS A 70 -13.24 -1.21 2.47
CA LYS A 70 -14.49 -1.97 2.69
C LYS A 70 -15.67 -1.19 2.07
N LEU A 71 -15.88 -1.46 0.79
CA LEU A 71 -16.98 -0.91 -0.02
C LEU A 71 -17.68 -2.06 -0.77
N GLU A 72 -18.88 -1.80 -1.27
CA GLU A 72 -19.63 -2.77 -2.10
C GLU A 72 -19.86 -2.18 -3.49
N HIS A 73 -20.17 -3.08 -4.45
CA HIS A 73 -20.55 -2.72 -5.82
C HIS A 73 -22.02 -2.27 -5.84
N HIS A 74 -22.40 -1.49 -6.86
CA HIS A 74 -23.73 -0.86 -6.99
C HIS A 74 -24.85 -1.92 -7.02
N HIS A 75 -25.67 -1.95 -5.95
CA HIS A 75 -26.76 -2.91 -5.79
C HIS A 75 -27.86 -2.65 -6.84
N HIS A 76 -27.78 -3.38 -7.97
CA HIS A 76 -28.73 -3.23 -9.10
C HIS A 76 -28.97 -4.61 -9.76
N HIS A 77 -28.75 -5.69 -8.99
CA HIS A 77 -28.90 -7.09 -9.46
C HIS A 77 -29.61 -7.93 -8.39
N HIS A 78 -30.05 -9.14 -8.80
CA HIS A 78 -30.79 -10.12 -7.95
C HIS A 78 -32.19 -9.54 -7.56
N ALA A 1 -4.82 5.02 -5.47
CA ALA A 1 -3.85 4.27 -4.67
C ALA A 1 -3.05 5.24 -3.78
N GLU A 2 -3.31 5.21 -2.46
CA GLU A 2 -2.72 6.14 -1.46
C GLU A 2 -1.66 5.42 -0.60
N ILE A 3 -0.45 6.01 -0.49
CA ILE A 3 0.64 5.47 0.35
C ILE A 3 0.35 5.71 1.85
N MET A 4 0.36 4.62 2.63
CA MET A 4 0.29 4.64 4.11
C MET A 4 1.46 3.81 4.64
N LYS A 5 1.95 4.11 5.85
CA LYS A 5 2.95 3.28 6.52
C LYS A 5 2.20 2.29 7.43
N LYS A 6 2.77 1.08 7.61
CA LYS A 6 2.14 -0.04 8.33
C LYS A 6 1.60 0.37 9.73
N THR A 7 2.34 1.26 10.42
CA THR A 7 2.02 1.70 11.79
C THR A 7 0.73 2.57 11.82
N ASP A 8 0.68 3.64 10.98
CA ASP A 8 -0.50 4.54 10.94
C ASP A 8 -1.72 3.82 10.36
N PHE A 9 -1.48 3.05 9.29
CA PHE A 9 -2.52 2.26 8.64
C PHE A 9 -3.14 1.21 9.58
N ASP A 10 -2.30 0.52 10.37
CA ASP A 10 -2.74 -0.57 11.30
C ASP A 10 -3.96 -0.17 12.15
N LYS A 11 -3.92 1.08 12.62
CA LYS A 11 -4.96 1.68 13.49
C LYS A 11 -6.36 1.60 12.87
N VAL A 12 -6.43 1.71 11.52
CA VAL A 12 -7.70 1.72 10.75
C VAL A 12 -7.81 0.46 9.85
N ALA A 13 -6.89 -0.51 10.02
CA ALA A 13 -6.80 -1.68 9.09
C ALA A 13 -8.07 -2.57 9.07
N SER A 14 -8.88 -2.52 10.15
CA SER A 14 -10.16 -3.27 10.27
C SER A 14 -11.18 -2.83 9.20
N GLU A 15 -11.01 -1.58 8.72
CA GLU A 15 -11.89 -0.97 7.70
C GLU A 15 -11.34 -1.24 6.29
N TYR A 16 -10.33 -2.13 6.18
CA TYR A 16 -9.67 -2.49 4.91
C TYR A 16 -9.44 -4.01 4.86
N THR A 17 -9.25 -4.54 3.65
CA THR A 17 -9.01 -5.97 3.42
C THR A 17 -7.84 -6.15 2.44
N LYS A 18 -6.78 -6.83 2.91
CA LYS A 18 -5.58 -7.10 2.11
C LYS A 18 -5.91 -8.09 1.00
N ILE A 19 -5.53 -7.72 -0.23
CA ILE A 19 -5.70 -8.57 -1.42
C ILE A 19 -4.36 -9.15 -1.88
N GLY A 20 -3.26 -8.67 -1.26
CA GLY A 20 -1.92 -9.22 -1.49
C GLY A 20 -0.81 -8.27 -1.05
N THR A 21 0.44 -8.69 -1.30
CA THR A 21 1.62 -7.82 -1.21
C THR A 21 2.24 -7.72 -2.62
N ILE A 22 2.62 -6.51 -3.04
CA ILE A 22 3.36 -6.29 -4.29
C ILE A 22 4.79 -5.86 -3.97
N SER A 23 5.67 -6.04 -4.94
CA SER A 23 7.09 -5.68 -4.85
C SER A 23 7.47 -4.82 -6.05
N THR A 24 8.52 -4.02 -5.91
CA THR A 24 9.15 -3.30 -7.01
C THR A 24 9.96 -4.28 -7.88
N THR A 25 10.35 -3.84 -9.10
CA THR A 25 11.24 -4.64 -9.99
C THR A 25 12.62 -4.87 -9.33
N GLY A 26 12.99 -3.99 -8.38
CA GLY A 26 14.22 -4.12 -7.61
C GLY A 26 14.43 -2.94 -6.68
N GLU A 27 15.62 -2.90 -6.07
CA GLU A 27 16.05 -1.83 -5.16
C GLU A 27 16.04 -0.47 -5.89
N MET A 28 15.16 0.44 -5.46
CA MET A 28 15.02 1.79 -6.02
C MET A 28 14.91 2.81 -4.89
N SER A 29 15.34 4.06 -5.17
CA SER A 29 15.22 5.20 -4.24
C SER A 29 13.74 5.43 -3.82
N PRO A 30 13.47 5.82 -2.53
CA PRO A 30 12.12 5.79 -1.89
C PRO A 30 10.99 6.36 -2.76
N LEU A 31 11.27 7.48 -3.46
CA LEU A 31 10.27 8.18 -4.26
C LEU A 31 9.86 7.33 -5.47
N ASP A 32 10.87 6.80 -6.20
CA ASP A 32 10.65 5.92 -7.38
C ASP A 32 9.96 4.60 -6.97
N ALA A 33 10.30 4.11 -5.77
CA ALA A 33 9.71 2.91 -5.18
C ALA A 33 8.22 3.13 -4.91
N ARG A 34 7.88 4.26 -4.26
CA ARG A 34 6.49 4.62 -3.92
C ARG A 34 5.63 4.74 -5.18
N GLU A 35 6.13 5.48 -6.20
CA GLU A 35 5.42 5.73 -7.48
C GLU A 35 5.13 4.42 -8.22
N ASP A 36 6.11 3.51 -8.15
CA ASP A 36 5.99 2.16 -8.73
C ASP A 36 4.83 1.38 -8.07
N LEU A 37 4.88 1.37 -6.73
CA LEU A 37 3.89 0.67 -5.89
C LEU A 37 2.49 1.29 -6.02
N ILE A 38 2.40 2.63 -6.17
CA ILE A 38 1.12 3.35 -6.41
C ILE A 38 0.52 2.92 -7.76
N LYS A 39 1.35 3.00 -8.82
CA LYS A 39 0.93 2.69 -10.20
C LYS A 39 0.39 1.25 -10.31
N LYS A 40 1.16 0.31 -9.75
CA LYS A 40 0.88 -1.13 -9.86
C LYS A 40 -0.25 -1.57 -8.92
N ALA A 41 -0.37 -0.95 -7.73
CA ALA A 41 -1.50 -1.23 -6.82
C ALA A 41 -2.81 -0.69 -7.41
N ASP A 42 -2.72 0.48 -8.04
CA ASP A 42 -3.85 1.11 -8.75
C ASP A 42 -4.31 0.21 -9.91
N GLU A 43 -3.31 -0.32 -10.64
CA GLU A 43 -3.51 -1.29 -11.73
C GLU A 43 -4.13 -2.61 -11.21
N LYS A 44 -3.68 -3.02 -10.00
CA LYS A 44 -4.23 -4.21 -9.29
C LYS A 44 -5.60 -3.90 -8.64
N GLY A 45 -6.03 -2.63 -8.73
CA GLY A 45 -7.29 -2.21 -8.14
C GLY A 45 -7.27 -2.26 -6.62
N ALA A 46 -6.31 -1.53 -6.04
CA ALA A 46 -6.12 -1.45 -4.58
C ALA A 46 -6.19 0.02 -4.16
N ASP A 47 -7.01 0.29 -3.13
CA ASP A 47 -7.23 1.67 -2.65
C ASP A 47 -6.00 2.16 -1.89
N VAL A 48 -5.45 1.29 -1.02
CA VAL A 48 -4.30 1.66 -0.16
C VAL A 48 -3.06 0.81 -0.49
N VAL A 49 -1.90 1.49 -0.52
CA VAL A 49 -0.57 0.89 -0.73
C VAL A 49 0.23 1.09 0.58
N VAL A 50 0.45 0.01 1.33
CA VAL A 50 1.01 0.06 2.69
C VAL A 50 2.48 -0.37 2.71
N LEU A 51 3.38 0.61 2.85
CA LEU A 51 4.84 0.38 2.92
C LEU A 51 5.20 -0.55 4.10
N THR A 52 5.33 -1.85 3.79
CA THR A 52 5.74 -2.88 4.75
C THR A 52 7.29 -2.96 4.80
N SER A 53 7.96 -2.50 3.70
CA SER A 53 9.39 -2.20 3.71
C SER A 53 9.62 -1.00 4.63
N GLY A 54 10.21 -1.26 5.81
CA GLY A 54 10.63 -0.20 6.72
C GLY A 54 11.76 0.62 6.09
N GLN A 55 11.36 1.63 5.28
CA GLN A 55 12.26 2.44 4.47
C GLN A 55 13.33 3.12 5.33
N THR A 56 14.47 2.42 5.45
CA THR A 56 15.65 2.84 6.21
C THR A 56 16.79 3.26 5.28
N GLU A 57 16.65 2.94 3.96
CA GLU A 57 17.67 3.14 2.89
C GLU A 57 18.80 2.09 2.98
N ASN A 58 19.18 1.72 4.22
CA ASN A 58 20.25 0.76 4.53
C ASN A 58 20.02 -0.59 3.84
N LYS A 59 18.78 -1.10 3.94
CA LYS A 59 18.37 -2.36 3.31
C LYS A 59 16.83 -2.40 3.13
N ILE A 60 16.38 -2.21 1.87
CA ILE A 60 14.96 -2.32 1.47
C ILE A 60 14.86 -2.93 0.05
N HIS A 61 13.72 -3.60 -0.21
CA HIS A 61 13.38 -4.13 -1.54
C HIS A 61 12.46 -3.14 -2.25
N GLY A 62 11.36 -2.77 -1.56
CA GLY A 62 10.31 -1.93 -2.12
C GLY A 62 9.02 -2.70 -2.21
N THR A 63 8.62 -3.30 -1.08
CA THR A 63 7.36 -4.08 -0.96
C THR A 63 6.31 -3.26 -0.21
N ALA A 64 5.04 -3.47 -0.59
CA ALA A 64 3.89 -2.79 0.00
C ALA A 64 2.66 -3.71 -0.04
N ASP A 65 2.01 -3.87 1.13
CA ASP A 65 0.75 -4.62 1.25
C ASP A 65 -0.39 -3.78 0.66
N ILE A 66 -1.13 -4.34 -0.31
CA ILE A 66 -2.20 -3.63 -1.02
C ILE A 66 -3.59 -4.02 -0.47
N TYR A 67 -4.44 -3.00 -0.27
CA TYR A 67 -5.72 -3.13 0.46
C TYR A 67 -6.89 -2.49 -0.31
N LYS A 68 -8.08 -3.05 -0.03
CA LYS A 68 -9.38 -2.59 -0.51
C LYS A 68 -10.16 -2.03 0.66
N LYS A 69 -10.64 -0.79 0.52
CA LYS A 69 -11.42 -0.13 1.57
C LYS A 69 -12.82 -0.75 1.70
N LYS A 70 -13.09 -1.31 2.88
CA LYS A 70 -14.42 -1.73 3.29
C LYS A 70 -15.23 -0.48 3.66
N LEU A 71 -16.21 -0.13 2.82
CA LEU A 71 -17.10 1.02 3.05
C LEU A 71 -18.08 0.67 4.18
N GLU A 72 -18.23 1.57 5.16
CA GLU A 72 -19.15 1.38 6.28
C GLU A 72 -20.55 1.90 5.89
N HIS A 73 -21.58 1.53 6.66
CA HIS A 73 -22.99 1.83 6.31
C HIS A 73 -23.88 1.85 7.57
N HIS A 74 -23.37 2.44 8.67
CA HIS A 74 -24.10 2.50 9.96
C HIS A 74 -24.06 3.91 10.57
N HIS A 75 -22.86 4.49 10.65
CA HIS A 75 -22.59 5.77 11.33
C HIS A 75 -22.98 5.72 12.83
N HIS A 76 -22.00 5.41 13.68
CA HIS A 76 -22.15 5.44 15.16
C HIS A 76 -22.39 6.87 15.67
N HIS A 77 -22.06 7.86 14.82
CA HIS A 77 -22.38 9.29 15.04
C HIS A 77 -23.11 9.83 13.81
N HIS A 78 -24.05 10.77 14.02
CA HIS A 78 -24.67 11.53 12.92
C HIS A 78 -23.82 12.81 12.68
N ALA A 1 -4.35 5.09 -5.80
CA ALA A 1 -3.74 4.50 -4.60
C ALA A 1 -2.83 5.53 -3.91
N GLU A 2 -2.40 5.23 -2.67
CA GLU A 2 -1.55 6.13 -1.86
C GLU A 2 -0.69 5.33 -0.88
N ILE A 3 0.54 5.81 -0.64
CA ILE A 3 1.48 5.19 0.30
C ILE A 3 1.15 5.60 1.74
N MET A 4 1.10 4.61 2.65
CA MET A 4 1.06 4.85 4.11
C MET A 4 1.96 3.85 4.85
N LYS A 5 2.27 4.20 6.10
CA LYS A 5 3.06 3.38 7.03
C LYS A 5 2.18 2.26 7.61
N LYS A 6 2.80 1.12 7.98
CA LYS A 6 2.10 -0.03 8.60
C LYS A 6 1.35 0.40 9.87
N THR A 7 2.08 1.02 10.81
CA THR A 7 1.56 1.44 12.12
C THR A 7 0.36 2.39 12.00
N ASP A 8 0.48 3.40 11.12
CA ASP A 8 -0.58 4.40 10.93
C ASP A 8 -1.80 3.79 10.23
N PHE A 9 -1.54 2.95 9.21
CA PHE A 9 -2.58 2.28 8.44
C PHE A 9 -3.46 1.34 9.32
N ASP A 10 -2.83 0.57 10.22
CA ASP A 10 -3.53 -0.50 11.00
C ASP A 10 -4.76 0.01 11.76
N LYS A 11 -4.74 1.31 12.11
CA LYS A 11 -5.85 2.02 12.79
C LYS A 11 -7.20 1.84 12.05
N VAL A 12 -7.13 1.83 10.70
CA VAL A 12 -8.30 1.70 9.81
C VAL A 12 -8.32 0.34 9.08
N ALA A 13 -7.32 -0.54 9.39
CA ALA A 13 -7.16 -1.84 8.68
C ALA A 13 -8.38 -2.77 8.88
N SER A 14 -9.12 -2.52 9.97
CA SER A 14 -10.34 -3.25 10.33
C SER A 14 -11.42 -3.14 9.23
N GLU A 15 -11.38 -2.06 8.43
CA GLU A 15 -12.30 -1.85 7.30
C GLU A 15 -11.56 -1.82 5.97
N TYR A 16 -10.41 -2.54 5.92
CA TYR A 16 -9.66 -2.75 4.67
C TYR A 16 -9.39 -4.25 4.50
N THR A 17 -9.38 -4.70 3.24
CA THR A 17 -9.19 -6.10 2.87
C THR A 17 -7.85 -6.25 2.14
N LYS A 18 -6.96 -7.08 2.69
CA LYS A 18 -5.66 -7.35 2.08
C LYS A 18 -5.87 -8.18 0.82
N ILE A 19 -5.62 -7.58 -0.34
CA ILE A 19 -5.90 -8.24 -1.63
C ILE A 19 -4.61 -8.87 -2.21
N GLY A 20 -3.44 -8.38 -1.76
CA GLY A 20 -2.16 -8.91 -2.22
C GLY A 20 -0.96 -8.24 -1.58
N THR A 21 0.24 -8.64 -2.07
CA THR A 21 1.51 -7.96 -1.75
C THR A 21 2.24 -7.69 -3.07
N ILE A 22 2.78 -6.46 -3.23
CA ILE A 22 3.63 -6.10 -4.38
C ILE A 22 5.02 -5.70 -3.87
N SER A 23 6.03 -5.75 -4.76
CA SER A 23 7.42 -5.46 -4.39
C SER A 23 8.24 -5.03 -5.60
N THR A 24 9.14 -4.06 -5.38
CA THR A 24 10.14 -3.63 -6.38
C THR A 24 11.24 -4.71 -6.52
N THR A 25 11.86 -4.80 -7.72
CA THR A 25 12.94 -5.76 -7.96
C THR A 25 14.23 -5.26 -7.27
N GLY A 26 14.31 -5.55 -5.96
CA GLY A 26 15.45 -5.19 -5.14
C GLY A 26 15.57 -3.70 -4.88
N GLU A 27 16.65 -3.10 -5.40
CA GLU A 27 17.02 -1.70 -5.12
C GLU A 27 16.42 -0.74 -6.16
N MET A 28 16.10 0.49 -5.69
CA MET A 28 15.74 1.65 -6.54
C MET A 28 15.58 2.90 -5.64
N SER A 29 15.42 4.07 -6.28
CA SER A 29 15.15 5.34 -5.59
C SER A 29 13.73 5.31 -4.97
N PRO A 30 13.59 5.62 -3.63
CA PRO A 30 12.33 5.41 -2.85
C PRO A 30 11.10 6.16 -3.39
N LEU A 31 11.33 7.29 -4.08
CA LEU A 31 10.22 8.09 -4.65
C LEU A 31 9.62 7.36 -5.86
N ASP A 32 10.48 6.90 -6.78
CA ASP A 32 10.07 6.09 -7.94
C ASP A 32 9.48 4.75 -7.49
N ALA A 33 10.03 4.20 -6.38
CA ALA A 33 9.51 2.98 -5.74
C ALA A 33 8.06 3.19 -5.28
N ARG A 34 7.82 4.33 -4.60
CA ARG A 34 6.48 4.69 -4.09
C ARG A 34 5.49 4.89 -5.23
N GLU A 35 5.93 5.55 -6.32
CA GLU A 35 5.09 5.81 -7.51
C GLU A 35 4.80 4.51 -8.26
N ASP A 36 5.79 3.61 -8.27
CA ASP A 36 5.69 2.28 -8.92
C ASP A 36 4.64 1.43 -8.22
N LEU A 37 4.76 1.38 -6.89
CA LEU A 37 3.89 0.60 -6.01
C LEU A 37 2.45 1.18 -6.02
N ILE A 38 2.32 2.53 -6.01
CA ILE A 38 1.02 3.21 -6.15
C ILE A 38 0.35 2.82 -7.48
N LYS A 39 1.13 2.92 -8.57
CA LYS A 39 0.61 2.73 -9.94
C LYS A 39 0.07 1.30 -10.10
N LYS A 40 0.91 0.31 -9.77
CA LYS A 40 0.58 -1.13 -9.89
C LYS A 40 -0.59 -1.50 -8.96
N ALA A 41 -0.56 -1.00 -7.71
CA ALA A 41 -1.63 -1.24 -6.74
C ALA A 41 -2.96 -0.61 -7.19
N ASP A 42 -2.87 0.54 -7.90
CA ASP A 42 -4.06 1.23 -8.42
C ASP A 42 -4.68 0.41 -9.54
N GLU A 43 -3.82 -0.19 -10.39
CA GLU A 43 -4.22 -1.17 -11.42
C GLU A 43 -4.95 -2.37 -10.77
N LYS A 44 -4.43 -2.80 -9.60
CA LYS A 44 -5.02 -3.88 -8.78
C LYS A 44 -6.29 -3.42 -8.01
N GLY A 45 -6.60 -2.10 -8.04
CA GLY A 45 -7.81 -1.56 -7.39
C GLY A 45 -7.67 -1.38 -5.87
N ALA A 46 -6.42 -1.30 -5.39
CA ALA A 46 -6.10 -1.13 -3.96
C ALA A 46 -6.12 0.35 -3.57
N ASP A 47 -6.74 0.65 -2.42
CA ASP A 47 -6.83 2.01 -1.86
C ASP A 47 -5.49 2.44 -1.28
N VAL A 48 -4.92 1.60 -0.39
CA VAL A 48 -3.67 1.94 0.34
C VAL A 48 -2.57 0.90 0.07
N VAL A 49 -1.37 1.43 -0.22
CA VAL A 49 -0.13 0.68 -0.40
C VAL A 49 0.69 0.84 0.90
N VAL A 50 0.83 -0.24 1.65
CA VAL A 50 1.32 -0.21 3.04
C VAL A 50 2.79 -0.68 3.12
N LEU A 51 3.70 0.28 3.38
CA LEU A 51 5.15 -0.01 3.51
C LEU A 51 5.42 -0.82 4.80
N THR A 52 5.80 -2.09 4.61
CA THR A 52 6.24 -2.98 5.71
C THR A 52 7.77 -3.10 5.73
N SER A 53 8.43 -2.71 4.62
CA SER A 53 9.87 -2.43 4.61
C SER A 53 10.10 -1.14 5.41
N GLY A 54 10.54 -1.30 6.68
CA GLY A 54 10.80 -0.17 7.60
C GLY A 54 11.72 0.86 6.96
N GLN A 55 11.10 1.94 6.45
CA GLN A 55 11.74 2.89 5.53
C GLN A 55 12.96 3.58 6.17
N THR A 56 14.13 2.98 5.95
CA THR A 56 15.43 3.58 6.24
C THR A 56 15.91 4.36 4.99
N GLU A 57 15.28 4.06 3.82
CA GLU A 57 15.60 4.61 2.49
C GLU A 57 16.89 3.98 1.93
N ASN A 58 18.02 4.16 2.65
CA ASN A 58 19.39 3.79 2.20
C ASN A 58 19.48 2.39 1.59
N LYS A 59 18.79 1.42 2.24
CA LYS A 59 18.77 0.03 1.78
C LYS A 59 17.43 -0.62 2.16
N ILE A 60 16.50 -0.65 1.18
CA ILE A 60 15.20 -1.34 1.30
C ILE A 60 14.96 -2.21 0.05
N HIS A 61 14.38 -3.41 0.27
CA HIS A 61 14.00 -4.33 -0.83
C HIS A 61 12.63 -3.90 -1.43
N GLY A 62 11.86 -3.14 -0.63
CA GLY A 62 10.65 -2.48 -1.12
C GLY A 62 9.45 -3.41 -1.28
N THR A 63 9.00 -4.01 -0.17
CA THR A 63 7.74 -4.77 -0.11
C THR A 63 6.64 -3.90 0.54
N ALA A 64 5.48 -3.85 -0.13
CA ALA A 64 4.31 -3.11 0.33
C ALA A 64 3.06 -3.96 0.11
N ASP A 65 2.28 -4.13 1.17
CA ASP A 65 1.06 -4.95 1.15
C ASP A 65 -0.12 -4.05 0.80
N ILE A 66 -0.96 -4.49 -0.15
CA ILE A 66 -2.00 -3.63 -0.72
C ILE A 66 -3.40 -4.02 -0.23
N TYR A 67 -4.17 -2.98 0.13
CA TYR A 67 -5.47 -3.12 0.80
C TYR A 67 -6.54 -2.28 0.08
N LYS A 68 -7.76 -2.82 0.07
CA LYS A 68 -8.93 -2.21 -0.59
C LYS A 68 -10.02 -1.95 0.47
N LYS A 69 -10.63 -0.76 0.46
CA LYS A 69 -11.55 -0.32 1.53
C LYS A 69 -12.95 -0.97 1.38
N LYS A 70 -13.54 -1.32 2.53
CA LYS A 70 -14.81 -2.05 2.62
C LYS A 70 -16.01 -1.09 2.49
N LEU A 71 -16.48 -0.93 1.25
CA LEU A 71 -17.68 -0.15 0.87
C LEU A 71 -17.50 1.37 1.03
N GLU A 72 -18.12 2.12 0.12
CA GLU A 72 -18.17 3.58 0.15
C GLU A 72 -19.36 4.02 1.02
N HIS A 73 -19.16 3.99 2.35
CA HIS A 73 -20.12 4.57 3.30
C HIS A 73 -20.00 6.10 3.19
N HIS A 74 -20.86 6.68 2.33
CA HIS A 74 -20.76 8.07 1.85
C HIS A 74 -20.64 9.08 3.01
N HIS A 75 -19.39 9.44 3.32
CA HIS A 75 -19.06 10.45 4.32
C HIS A 75 -19.22 11.84 3.67
N HIS A 76 -18.57 12.00 2.49
CA HIS A 76 -18.64 13.22 1.66
C HIS A 76 -17.94 12.95 0.32
N HIS A 77 -18.50 13.49 -0.78
CA HIS A 77 -17.92 13.39 -2.13
C HIS A 77 -16.75 14.36 -2.29
N HIS A 78 -15.60 13.84 -2.71
CA HIS A 78 -14.41 14.64 -3.01
C HIS A 78 -14.31 14.83 -4.54
N ALA A 1 -4.67 4.42 -5.40
CA ALA A 1 -3.63 3.67 -4.68
C ALA A 1 -2.87 4.62 -3.74
N GLU A 2 -3.33 4.68 -2.46
CA GLU A 2 -2.86 5.65 -1.46
C GLU A 2 -1.75 5.00 -0.63
N ILE A 3 -0.54 5.58 -0.64
CA ILE A 3 0.61 5.00 0.09
C ILE A 3 0.56 5.40 1.57
N MET A 4 0.32 4.41 2.44
CA MET A 4 0.48 4.55 3.90
C MET A 4 1.61 3.63 4.37
N LYS A 5 2.02 3.79 5.63
CA LYS A 5 2.98 2.90 6.30
C LYS A 5 2.25 2.08 7.37
N LYS A 6 2.85 0.95 7.82
CA LYS A 6 2.23 0.00 8.77
C LYS A 6 1.77 0.66 10.07
N THR A 7 2.60 1.55 10.64
CA THR A 7 2.32 2.24 11.91
C THR A 7 1.02 3.08 11.82
N ASP A 8 0.77 3.67 10.65
CA ASP A 8 -0.44 4.44 10.34
C ASP A 8 -1.62 3.53 9.95
N PHE A 9 -1.29 2.43 9.25
CA PHE A 9 -2.29 1.50 8.70
C PHE A 9 -3.07 0.80 9.81
N ASP A 10 -2.35 0.17 10.75
CA ASP A 10 -2.96 -0.65 11.82
C ASP A 10 -4.00 0.16 12.63
N LYS A 11 -3.73 1.47 12.78
CA LYS A 11 -4.64 2.42 13.45
C LYS A 11 -6.05 2.39 12.80
N VAL A 12 -6.08 2.22 11.47
CA VAL A 12 -7.32 2.16 10.65
C VAL A 12 -7.42 0.80 9.90
N ALA A 13 -6.76 -0.26 10.43
CA ALA A 13 -6.66 -1.59 9.75
C ALA A 13 -8.04 -2.17 9.38
N SER A 14 -9.02 -1.96 10.28
CA SER A 14 -10.40 -2.50 10.14
C SER A 14 -11.14 -1.92 8.90
N GLU A 15 -10.63 -0.80 8.37
CA GLU A 15 -11.20 -0.13 7.19
C GLU A 15 -10.78 -0.81 5.88
N TYR A 16 -9.76 -1.71 5.93
CA TYR A 16 -9.13 -2.27 4.71
C TYR A 16 -9.00 -3.80 4.78
N THR A 17 -9.03 -4.43 3.59
CA THR A 17 -8.92 -5.89 3.41
C THR A 17 -7.68 -6.20 2.53
N LYS A 18 -6.84 -7.13 3.03
CA LYS A 18 -5.57 -7.50 2.40
C LYS A 18 -5.82 -8.43 1.21
N ILE A 19 -5.65 -7.92 -0.02
CA ILE A 19 -5.92 -8.69 -1.25
C ILE A 19 -4.61 -9.25 -1.85
N GLY A 20 -3.47 -8.92 -1.22
CA GLY A 20 -2.16 -9.41 -1.64
C GLY A 20 -1.02 -8.57 -1.10
N THR A 21 0.21 -8.87 -1.55
CA THR A 21 1.40 -8.07 -1.30
C THR A 21 2.19 -7.94 -2.60
N ILE A 22 2.62 -6.72 -2.94
CA ILE A 22 3.42 -6.45 -4.15
C ILE A 22 4.80 -5.91 -3.77
N SER A 23 5.77 -6.10 -4.64
CA SER A 23 7.14 -5.61 -4.47
C SER A 23 7.51 -4.76 -5.68
N THR A 24 8.45 -3.82 -5.48
CA THR A 24 8.90 -2.92 -6.55
C THR A 24 9.78 -3.68 -7.55
N THR A 25 9.56 -3.45 -8.85
CA THR A 25 10.37 -4.04 -9.92
C THR A 25 11.74 -3.33 -9.97
N GLY A 26 12.70 -3.88 -9.18
CA GLY A 26 14.05 -3.34 -9.06
C GLY A 26 14.24 -2.53 -7.78
N GLU A 27 15.51 -2.35 -7.38
CA GLU A 27 15.89 -1.50 -6.23
C GLU A 27 15.75 -0.02 -6.64
N MET A 28 14.72 0.64 -6.12
CA MET A 28 14.42 2.06 -6.42
C MET A 28 14.36 2.88 -5.13
N SER A 29 14.73 4.18 -5.24
CA SER A 29 14.78 5.12 -4.11
C SER A 29 13.39 5.19 -3.42
N PRO A 30 13.31 5.16 -2.04
CA PRO A 30 12.05 4.99 -1.25
C PRO A 30 10.80 5.69 -1.84
N LEU A 31 10.95 6.96 -2.26
CA LEU A 31 9.85 7.78 -2.80
C LEU A 31 9.43 7.30 -4.21
N ASP A 32 10.42 7.07 -5.09
CA ASP A 32 10.18 6.55 -6.47
C ASP A 32 9.58 5.12 -6.42
N ALA A 33 9.98 4.37 -5.38
CA ALA A 33 9.49 3.00 -5.11
C ALA A 33 7.99 3.03 -4.78
N ARG A 34 7.59 4.02 -3.95
CA ARG A 34 6.18 4.26 -3.56
C ARG A 34 5.31 4.49 -4.82
N GLU A 35 5.89 5.17 -5.83
CA GLU A 35 5.18 5.53 -7.08
C GLU A 35 4.99 4.31 -8.00
N ASP A 36 5.93 3.36 -7.94
CA ASP A 36 5.82 2.07 -8.66
C ASP A 36 4.74 1.19 -8.01
N LEU A 37 4.69 1.24 -6.67
CA LEU A 37 3.65 0.58 -5.86
C LEU A 37 2.26 1.16 -6.18
N ILE A 38 2.19 2.51 -6.36
CA ILE A 38 0.97 3.20 -6.84
C ILE A 38 0.56 2.63 -8.21
N LYS A 39 1.55 2.59 -9.14
CA LYS A 39 1.37 2.13 -10.53
C LYS A 39 0.67 0.76 -10.59
N LYS A 40 1.30 -0.26 -9.97
CA LYS A 40 0.82 -1.65 -10.01
C LYS A 40 -0.51 -1.82 -9.25
N ALA A 41 -0.60 -1.22 -8.05
CA ALA A 41 -1.80 -1.34 -7.20
C ALA A 41 -3.01 -0.63 -7.82
N ASP A 42 -2.76 0.49 -8.53
CA ASP A 42 -3.82 1.27 -9.20
C ASP A 42 -4.36 0.48 -10.39
N GLU A 43 -3.44 -0.13 -11.17
CA GLU A 43 -3.81 -1.05 -12.26
C GLU A 43 -4.65 -2.25 -11.75
N LYS A 44 -4.35 -2.72 -10.52
CA LYS A 44 -5.16 -3.76 -9.84
C LYS A 44 -6.43 -3.19 -9.18
N GLY A 45 -6.49 -1.85 -9.01
CA GLY A 45 -7.65 -1.19 -8.38
C GLY A 45 -7.56 -1.10 -6.86
N ALA A 46 -6.43 -1.56 -6.27
CA ALA A 46 -6.17 -1.53 -4.81
C ALA A 46 -6.23 -0.09 -4.26
N ASP A 47 -7.07 0.12 -3.22
CA ASP A 47 -7.35 1.46 -2.66
C ASP A 47 -6.13 2.01 -1.93
N VAL A 48 -5.49 1.18 -1.10
CA VAL A 48 -4.33 1.60 -0.27
C VAL A 48 -3.18 0.59 -0.41
N VAL A 49 -1.96 1.12 -0.53
CA VAL A 49 -0.71 0.34 -0.58
C VAL A 49 0.11 0.71 0.68
N VAL A 50 0.42 -0.29 1.53
CA VAL A 50 1.05 -0.05 2.84
C VAL A 50 2.47 -0.63 2.90
N LEU A 51 3.45 0.28 3.08
CA LEU A 51 4.88 -0.04 3.17
C LEU A 51 5.15 -0.99 4.36
N THR A 52 5.25 -2.29 4.06
CA THR A 52 5.68 -3.32 5.02
C THR A 52 7.21 -3.30 5.16
N SER A 53 7.88 -3.01 4.04
CA SER A 53 9.31 -2.67 4.02
C SER A 53 9.47 -1.29 4.64
N GLY A 54 10.42 -1.18 5.58
CA GLY A 54 10.76 0.11 6.19
C GLY A 54 11.28 1.10 5.16
N GLN A 55 10.92 2.38 5.31
CA GLN A 55 11.39 3.47 4.43
C GLN A 55 12.74 3.98 4.97
N THR A 56 13.62 3.03 5.24
CA THR A 56 14.82 3.20 6.04
C THR A 56 15.96 3.87 5.22
N GLU A 57 15.74 3.98 3.89
CA GLU A 57 16.55 4.82 2.96
C GLU A 57 17.85 4.13 2.51
N ASN A 58 18.66 3.67 3.48
CA ASN A 58 20.05 3.19 3.26
C ASN A 58 20.10 2.01 2.27
N LYS A 59 19.50 0.89 2.67
CA LYS A 59 19.45 -0.33 1.87
C LYS A 59 18.03 -0.92 1.97
N ILE A 60 17.23 -0.66 0.93
CA ILE A 60 15.83 -1.12 0.85
C ILE A 60 15.56 -1.73 -0.55
N HIS A 61 14.85 -2.85 -0.58
CA HIS A 61 14.43 -3.49 -1.84
C HIS A 61 13.11 -2.88 -2.33
N GLY A 62 12.21 -2.55 -1.36
CA GLY A 62 10.91 -1.95 -1.67
C GLY A 62 9.80 -2.99 -1.80
N THR A 63 8.87 -3.00 -0.81
CA THR A 63 7.70 -3.91 -0.79
C THR A 63 6.56 -3.27 0.03
N ALA A 64 5.33 -3.41 -0.47
CA ALA A 64 4.13 -2.90 0.19
C ALA A 64 2.92 -3.80 -0.12
N ASP A 65 2.07 -4.01 0.90
CA ASP A 65 0.86 -4.84 0.76
C ASP A 65 -0.25 -4.03 0.07
N ILE A 66 -1.13 -4.70 -0.67
CA ILE A 66 -2.25 -4.04 -1.37
C ILE A 66 -3.58 -4.33 -0.66
N TYR A 67 -4.39 -3.27 -0.50
CA TYR A 67 -5.61 -3.27 0.31
C TYR A 67 -6.77 -2.61 -0.45
N LYS A 68 -7.97 -3.09 -0.16
CA LYS A 68 -9.23 -2.49 -0.63
C LYS A 68 -9.99 -1.91 0.55
N LYS A 69 -10.59 -0.72 0.38
CA LYS A 69 -11.38 -0.08 1.44
C LYS A 69 -12.73 -0.80 1.55
N LYS A 70 -12.93 -1.48 2.69
CA LYS A 70 -14.15 -2.22 3.01
C LYS A 70 -15.35 -1.26 3.09
N LEU A 71 -15.95 -0.99 1.92
CA LEU A 71 -17.14 -0.13 1.80
C LEU A 71 -18.41 -0.93 2.19
N GLU A 72 -18.54 -1.18 3.50
CA GLU A 72 -19.68 -1.90 4.10
C GLU A 72 -20.97 -1.07 3.89
N HIS A 73 -20.81 0.24 4.12
CA HIS A 73 -21.85 1.26 3.95
C HIS A 73 -21.17 2.64 3.89
N HIS A 74 -20.93 3.16 2.68
CA HIS A 74 -20.33 4.48 2.47
C HIS A 74 -20.94 5.15 1.22
N HIS A 75 -21.29 6.42 1.36
CA HIS A 75 -21.74 7.30 0.27
C HIS A 75 -21.07 8.67 0.47
N HIS A 76 -21.11 9.51 -0.58
CA HIS A 76 -20.38 10.79 -0.60
C HIS A 76 -21.06 11.79 -1.57
N HIS A 77 -21.16 13.05 -1.13
CA HIS A 77 -21.69 14.17 -1.95
C HIS A 77 -20.71 14.55 -3.07
N HIS A 78 -19.40 14.25 -2.85
CA HIS A 78 -18.28 14.61 -3.76
C HIS A 78 -18.00 16.14 -3.63
N ALA A 1 -4.51 4.70 -5.88
CA ALA A 1 -3.91 4.15 -4.65
C ALA A 1 -3.15 5.25 -3.88
N GLU A 2 -2.97 5.05 -2.57
CA GLU A 2 -2.21 5.98 -1.70
C GLU A 2 -1.17 5.21 -0.88
N ILE A 3 -0.05 5.89 -0.56
CA ILE A 3 0.99 5.33 0.31
C ILE A 3 0.62 5.55 1.78
N MET A 4 0.68 4.46 2.55
CA MET A 4 0.42 4.43 3.99
C MET A 4 1.52 3.56 4.62
N LYS A 5 2.23 4.10 5.61
CA LYS A 5 3.15 3.31 6.44
C LYS A 5 2.34 2.36 7.32
N LYS A 6 2.92 1.20 7.69
CA LYS A 6 2.19 0.13 8.41
C LYS A 6 1.60 0.67 9.74
N THR A 7 2.38 1.52 10.44
CA THR A 7 1.96 2.17 11.70
C THR A 7 0.67 3.01 11.53
N ASP A 8 0.66 3.87 10.51
CA ASP A 8 -0.45 4.80 10.22
C ASP A 8 -1.70 4.03 9.75
N PHE A 9 -1.46 3.04 8.86
CA PHE A 9 -2.48 2.14 8.33
C PHE A 9 -3.16 1.32 9.44
N ASP A 10 -2.32 0.82 10.37
CA ASP A 10 -2.73 -0.12 11.44
C ASP A 10 -3.95 0.41 12.23
N LYS A 11 -3.93 1.73 12.49
CA LYS A 11 -5.00 2.49 13.20
C LYS A 11 -6.41 2.19 12.62
N VAL A 12 -6.47 2.06 11.28
CA VAL A 12 -7.72 1.84 10.53
C VAL A 12 -7.63 0.58 9.65
N ALA A 13 -6.69 -0.34 9.99
CA ALA A 13 -6.36 -1.53 9.17
C ALA A 13 -7.59 -2.40 8.82
N SER A 14 -8.43 -2.61 9.84
CA SER A 14 -9.61 -3.48 9.76
C SER A 14 -10.69 -2.94 8.79
N GLU A 15 -10.63 -1.61 8.48
CA GLU A 15 -11.55 -0.96 7.52
C GLU A 15 -11.16 -1.28 6.05
N TYR A 16 -10.04 -2.02 5.86
CA TYR A 16 -9.50 -2.38 4.54
C TYR A 16 -9.35 -3.92 4.41
N THR A 17 -9.32 -4.41 3.15
CA THR A 17 -9.27 -5.86 2.83
C THR A 17 -7.98 -6.17 2.04
N LYS A 18 -7.22 -7.16 2.55
CA LYS A 18 -5.93 -7.57 1.96
C LYS A 18 -6.18 -8.32 0.66
N ILE A 19 -5.87 -7.69 -0.49
CA ILE A 19 -6.08 -8.32 -1.82
C ILE A 19 -4.75 -8.90 -2.37
N GLY A 20 -3.63 -8.66 -1.66
CA GLY A 20 -2.35 -9.27 -2.01
C GLY A 20 -1.15 -8.53 -1.41
N THR A 21 0.05 -8.95 -1.83
CA THR A 21 1.32 -8.24 -1.54
C THR A 21 2.04 -7.98 -2.87
N ILE A 22 2.54 -6.74 -3.07
CA ILE A 22 3.37 -6.36 -4.23
C ILE A 22 4.82 -6.08 -3.78
N SER A 23 5.75 -6.14 -4.74
CA SER A 23 7.19 -5.92 -4.49
C SER A 23 7.84 -5.29 -5.75
N THR A 24 8.85 -4.43 -5.54
CA THR A 24 9.60 -3.79 -6.65
C THR A 24 10.83 -4.63 -7.02
N THR A 25 11.42 -4.32 -8.17
CA THR A 25 12.66 -4.97 -8.62
C THR A 25 13.87 -4.22 -8.01
N GLY A 26 14.24 -4.65 -6.78
CA GLY A 26 15.48 -4.18 -6.12
C GLY A 26 15.35 -2.82 -5.45
N GLU A 27 16.53 -2.25 -5.11
CA GLU A 27 16.67 -0.99 -4.35
C GLU A 27 16.38 0.20 -5.26
N MET A 28 15.20 0.80 -5.10
CA MET A 28 14.81 2.02 -5.80
C MET A 28 14.74 3.19 -4.82
N SER A 29 14.84 4.42 -5.39
CA SER A 29 14.77 5.68 -4.63
C SER A 29 13.44 5.78 -3.85
N PRO A 30 13.41 6.43 -2.63
CA PRO A 30 12.25 6.35 -1.68
C PRO A 30 10.87 6.73 -2.32
N LEU A 31 10.76 7.96 -2.84
CA LEU A 31 9.50 8.45 -3.48
C LEU A 31 9.23 7.67 -4.78
N ASP A 32 10.31 7.35 -5.52
CA ASP A 32 10.23 6.61 -6.79
C ASP A 32 9.56 5.23 -6.61
N ALA A 33 9.99 4.54 -5.55
CA ALA A 33 9.46 3.21 -5.16
C ALA A 33 7.98 3.34 -4.80
N ARG A 34 7.66 4.39 -4.04
CA ARG A 34 6.29 4.72 -3.61
C ARG A 34 5.36 4.93 -4.82
N GLU A 35 5.84 5.65 -5.85
CA GLU A 35 5.10 5.94 -7.09
C GLU A 35 4.80 4.64 -7.85
N ASP A 36 5.82 3.77 -7.92
CA ASP A 36 5.74 2.48 -8.63
C ASP A 36 4.78 1.51 -7.90
N LEU A 37 4.78 1.61 -6.56
CA LEU A 37 3.89 0.79 -5.69
C LEU A 37 2.42 1.26 -5.82
N ILE A 38 2.20 2.60 -5.92
CA ILE A 38 0.87 3.18 -6.22
C ILE A 38 0.38 2.70 -7.60
N LYS A 39 1.31 2.68 -8.58
CA LYS A 39 1.03 2.26 -9.96
C LYS A 39 0.55 0.80 -10.02
N LYS A 40 1.32 -0.11 -9.36
CA LYS A 40 0.97 -1.54 -9.27
C LYS A 40 -0.40 -1.72 -8.58
N ALA A 41 -0.54 -1.08 -7.42
CA ALA A 41 -1.77 -1.14 -6.60
C ALA A 41 -2.99 -0.59 -7.36
N ASP A 42 -2.76 0.41 -8.24
CA ASP A 42 -3.82 1.00 -9.07
C ASP A 42 -4.26 -0.01 -10.14
N GLU A 43 -3.27 -0.68 -10.76
CA GLU A 43 -3.51 -1.81 -11.71
C GLU A 43 -4.22 -3.00 -11.00
N LYS A 44 -4.00 -3.13 -9.67
CA LYS A 44 -4.65 -4.16 -8.83
C LYS A 44 -6.00 -3.67 -8.26
N GLY A 45 -6.32 -2.36 -8.42
CA GLY A 45 -7.58 -1.78 -7.92
C GLY A 45 -7.55 -1.41 -6.43
N ALA A 46 -6.39 -1.61 -5.77
CA ALA A 46 -6.18 -1.29 -4.35
C ALA A 46 -6.25 0.21 -4.08
N ASP A 47 -6.84 0.57 -2.92
CA ASP A 47 -6.98 1.96 -2.47
C ASP A 47 -5.76 2.37 -1.64
N VAL A 48 -5.15 1.38 -0.94
CA VAL A 48 -4.05 1.60 0.03
C VAL A 48 -2.86 0.68 -0.30
N VAL A 49 -1.65 1.25 -0.12
CA VAL A 49 -0.35 0.56 -0.29
C VAL A 49 0.40 0.64 1.06
N VAL A 50 0.57 -0.50 1.72
CA VAL A 50 1.07 -0.57 3.12
C VAL A 50 2.56 -0.94 3.12
N LEU A 51 3.41 0.08 3.39
CA LEU A 51 4.87 -0.09 3.45
C LEU A 51 5.28 -0.97 4.66
N THR A 52 5.42 -2.27 4.40
CA THR A 52 5.95 -3.25 5.37
C THR A 52 7.44 -3.53 5.10
N SER A 53 7.98 -2.86 4.07
CA SER A 53 9.40 -2.89 3.71
C SER A 53 10.29 -2.33 4.84
N GLY A 54 9.82 -1.24 5.45
CA GLY A 54 10.65 -0.42 6.32
C GLY A 54 11.56 0.45 5.46
N GLN A 55 10.91 1.34 4.68
CA GLN A 55 11.59 2.19 3.69
C GLN A 55 12.55 3.18 4.39
N THR A 56 13.81 2.73 4.53
CA THR A 56 14.93 3.52 5.09
C THR A 56 15.90 3.95 3.97
N GLU A 57 15.52 3.62 2.71
CA GLU A 57 16.29 3.88 1.46
C GLU A 57 17.48 2.89 1.32
N ASN A 58 18.34 2.85 2.36
CA ASN A 58 19.48 1.93 2.45
C ASN A 58 18.98 0.47 2.47
N LYS A 59 19.14 -0.18 1.31
CA LYS A 59 18.81 -1.61 1.09
C LYS A 59 17.30 -1.86 1.32
N ILE A 60 16.49 -1.50 0.30
CA ILE A 60 15.04 -1.74 0.29
C ILE A 60 14.66 -2.45 -1.04
N HIS A 61 14.47 -3.78 -0.97
CA HIS A 61 14.09 -4.60 -2.14
C HIS A 61 12.66 -4.26 -2.64
N GLY A 62 11.88 -3.60 -1.76
CA GLY A 62 10.51 -3.20 -2.04
C GLY A 62 9.53 -4.29 -1.66
N THR A 63 8.74 -4.03 -0.61
CA THR A 63 7.60 -4.88 -0.18
C THR A 63 6.51 -3.97 0.39
N ALA A 64 5.27 -4.14 -0.11
CA ALA A 64 4.12 -3.35 0.32
C ALA A 64 2.84 -4.15 0.06
N ASP A 65 1.97 -4.25 1.07
CA ASP A 65 0.72 -5.04 0.97
C ASP A 65 -0.41 -4.15 0.46
N ILE A 66 -1.15 -4.65 -0.53
CA ILE A 66 -2.22 -3.88 -1.18
C ILE A 66 -3.58 -4.23 -0.55
N TYR A 67 -4.35 -3.16 -0.25
CA TYR A 67 -5.64 -3.24 0.45
C TYR A 67 -6.69 -2.37 -0.27
N LYS A 68 -7.96 -2.81 -0.22
CA LYS A 68 -9.11 -2.05 -0.75
C LYS A 68 -10.02 -1.61 0.40
N LYS A 69 -10.72 -0.48 0.23
CA LYS A 69 -11.57 0.08 1.30
C LYS A 69 -12.94 -0.64 1.34
N LYS A 70 -13.26 -1.25 2.50
CA LYS A 70 -14.55 -1.91 2.74
C LYS A 70 -15.65 -0.85 2.87
N LEU A 71 -16.56 -0.81 1.90
CA LEU A 71 -17.67 0.14 1.86
C LEU A 71 -18.99 -0.65 1.69
N GLU A 72 -19.76 -0.76 2.79
CA GLU A 72 -21.08 -1.42 2.78
C GLU A 72 -21.99 -0.73 3.81
N HIS A 73 -23.24 -0.46 3.38
CA HIS A 73 -24.28 0.17 4.20
C HIS A 73 -25.60 -0.58 3.98
N HIS A 74 -26.13 -1.17 5.06
CA HIS A 74 -27.39 -1.96 5.04
C HIS A 74 -28.18 -1.71 6.36
N HIS A 75 -28.13 -0.46 6.84
CA HIS A 75 -28.84 -0.04 8.08
C HIS A 75 -29.19 1.48 8.01
N HIS A 76 -29.28 2.03 6.77
CA HIS A 76 -29.60 3.47 6.53
C HIS A 76 -31.05 3.79 6.98
N HIS A 77 -31.29 5.06 7.43
CA HIS A 77 -32.61 5.49 7.98
C HIS A 77 -33.75 5.36 6.93
N HIS A 78 -34.38 4.16 6.90
CA HIS A 78 -35.56 3.84 6.07
C HIS A 78 -36.43 2.81 6.83
#